data_1M7X
#
_entry.id   1M7X
#
_cell.length_a   91.475
_cell.length_b   102.619
_cell.length_c   185.060
_cell.angle_alpha   90.00
_cell.angle_beta   91.45
_cell.angle_gamma   90.00
#
_symmetry.space_group_name_H-M   'P 1 21 1'
#
loop_
_entity.id
_entity.type
_entity.pdbx_description
1 polymer '1,4-alpha-glucan Branching Enzyme'
2 water water
#
_entity_poly.entity_id   1
_entity_poly.type   'polypeptide(L)'
_entity_poly.pdbx_seq_one_letter_code
;MLSEGTHLRPYETLGAHADTMDGVTGTRFSVWAPNARRVSVVGQFNYWDGRRHPMRLRKESGIWELFIPGAHNGQLYKYE
MIDANGNLRLKSDPYAFEAQMRPETASLICGLPEKVVQTEERKKANQFDAPISIYEVHLGSWRRHTDNNFWLSYRELADQ
LVPYAKWMGFTHLELLPINEHPFDGSWGYQPTGLYAPTRRFGTRDDFRYFIDAAHAAGLNVILDWVPGHFPTDDFALAEF
DGTNLYEHSDPREGYHQDWNTLIYNYGRREVSNFLVGNALYWIERFGIDALRVDAVASMIYRDYSRKEGEWIPNEFGGRE
NLEAIEFLRNTNRILGEQVSGAVTMAEESTDFPGVSRPQDMGGLGFWYKWNLGWMHDTLDYMKLDPVYRQYHHDKLTFGI
LYNYTENFVLPLSHDEVVHGKKSILDRMPGDAWQKFANLRAYYGWMWAFPGKKLLFMGNEFAQGREWNHDASLDWHLLEG
GDNWHHGVQRLVRDLNLTYRHHKAMHELDFDPYGFEWLVVDDKERSVLIFVRRDKEGNEIIVASNFTPVPRHDYRFGINQ
PGKWREILNTDSMHYHGSNAGNGGTVHSDEIASHGRQHSLSLTLPPLATIWLVREAE
;
_entity_poly.pdbx_strand_id   A,B,C,D
#
# COMPACT_ATOMS: atom_id res chain seq x y z
N THR A 6 -2.06 -13.01 41.91
CA THR A 6 -1.13 -12.77 40.78
C THR A 6 0.12 -13.62 40.96
N HIS A 7 0.07 -14.53 41.92
CA HIS A 7 1.20 -15.43 42.17
C HIS A 7 1.24 -16.36 40.97
N LEU A 8 0.07 -16.60 40.42
CA LEU A 8 -0.06 -17.45 39.25
C LEU A 8 0.57 -16.74 38.06
N ARG A 9 0.43 -15.43 38.01
CA ARG A 9 0.97 -14.66 36.89
C ARG A 9 2.03 -13.62 37.25
N PRO A 10 3.16 -14.07 37.84
CA PRO A 10 4.24 -13.13 38.22
C PRO A 10 4.76 -12.31 37.03
N TYR A 11 4.81 -12.94 35.87
CA TYR A 11 5.28 -12.31 34.64
C TYR A 11 4.44 -11.09 34.25
N GLU A 12 3.30 -10.89 34.90
CA GLU A 12 2.45 -9.75 34.58
C GLU A 12 2.84 -8.50 35.37
N THR A 13 3.72 -8.68 36.35
CA THR A 13 4.20 -7.57 37.17
C THR A 13 5.73 -7.57 37.26
N LEU A 14 6.34 -8.77 37.27
CA LEU A 14 7.79 -8.88 37.33
C LEU A 14 8.41 -8.60 35.94
N GLY A 15 9.72 -8.37 35.90
CA GLY A 15 10.39 -8.08 34.64
C GLY A 15 10.39 -6.59 34.33
N ALA A 16 10.05 -6.21 33.10
CA ALA A 16 10.00 -4.80 32.72
C ALA A 16 8.70 -4.50 31.97
N HIS A 17 7.89 -3.60 32.51
CA HIS A 17 6.62 -3.24 31.90
C HIS A 17 6.46 -1.72 31.82
N ALA A 18 5.83 -1.24 30.75
CA ALA A 18 5.62 0.19 30.54
C ALA A 18 4.56 0.75 31.48
N ASP A 19 4.87 1.90 32.09
CA ASP A 19 3.95 2.54 33.04
C ASP A 19 3.87 4.05 32.85
N THR A 20 3.16 4.73 33.75
CA THR A 20 3.02 6.19 33.70
C THR A 20 2.84 6.80 35.09
N MET A 21 3.89 7.45 35.59
CA MET A 21 3.87 8.08 36.90
C MET A 21 3.20 9.45 36.81
N ASP A 22 1.93 9.44 36.41
CA ASP A 22 1.15 10.67 36.26
C ASP A 22 1.78 11.53 35.18
N GLY A 23 1.39 11.29 33.94
CA GLY A 23 1.91 12.05 32.83
C GLY A 23 3.32 11.67 32.39
N VAL A 24 4.03 10.88 33.19
CA VAL A 24 5.39 10.48 32.82
C VAL A 24 5.54 8.98 32.54
N THR A 25 5.84 8.66 31.29
CA THR A 25 5.97 7.28 30.85
C THR A 25 7.40 6.75 30.68
N GLY A 26 7.55 5.48 31.05
CA GLY A 26 8.81 4.77 30.97
C GLY A 26 8.49 3.34 31.39
N THR A 27 9.50 2.52 31.66
CA THR A 27 9.20 1.16 32.07
C THR A 27 9.64 0.84 33.50
N ARG A 28 8.75 0.17 34.22
CA ARG A 28 8.97 -0.23 35.60
C ARG A 28 9.68 -1.58 35.67
N PHE A 29 10.75 -1.65 36.45
CA PHE A 29 11.50 -2.89 36.59
C PHE A 29 11.20 -3.59 37.90
N SER A 30 11.38 -4.91 37.91
CA SER A 30 11.11 -5.70 39.10
C SER A 30 11.91 -6.98 39.07
N VAL A 31 12.63 -7.23 40.14
CA VAL A 31 13.46 -8.43 40.24
C VAL A 31 13.31 -9.01 41.64
N TRP A 32 13.32 -10.33 41.74
CA TRP A 32 13.18 -11.00 43.02
C TRP A 32 14.51 -11.62 43.48
N ALA A 33 15.36 -10.79 44.08
CA ALA A 33 16.65 -11.23 44.61
C ALA A 33 16.68 -10.75 46.07
N PRO A 34 15.79 -11.33 46.90
CA PRO A 34 15.61 -11.04 48.33
C PRO A 34 16.86 -10.72 49.12
N ASN A 35 17.88 -11.56 49.02
CA ASN A 35 19.13 -11.33 49.74
C ASN A 35 19.88 -10.20 49.05
N ALA A 36 20.40 -10.49 47.87
CA ALA A 36 21.14 -9.52 47.08
C ALA A 36 22.13 -8.70 47.90
N ARG A 37 21.86 -7.40 48.01
CA ARG A 37 22.67 -6.41 48.73
C ARG A 37 23.03 -5.32 47.72
N ARG A 38 22.03 -4.56 47.29
CA ARG A 38 22.18 -3.50 46.29
C ARG A 38 21.99 -4.02 44.86
N VAL A 39 20.95 -3.54 44.20
CA VAL A 39 20.65 -3.95 42.84
C VAL A 39 20.20 -2.75 42.00
N SER A 40 20.91 -2.51 40.90
CA SER A 40 20.62 -1.36 40.03
C SER A 40 20.36 -1.72 38.56
N VAL A 41 19.56 -0.88 37.91
CA VAL A 41 19.20 -1.06 36.50
C VAL A 41 20.28 -0.54 35.54
N VAL A 42 20.96 -1.46 34.84
CA VAL A 42 21.98 -1.05 33.87
C VAL A 42 21.36 -1.24 32.47
N GLY A 43 21.70 -0.36 31.53
CA GLY A 43 21.15 -0.49 30.19
C GLY A 43 21.34 0.74 29.32
N GLN A 44 21.02 0.61 28.04
CA GLN A 44 21.17 1.68 27.07
C GLN A 44 20.66 3.02 27.62
N PHE A 45 19.56 2.96 28.37
CA PHE A 45 18.96 4.13 28.99
C PHE A 45 19.92 4.80 29.99
N ASN A 46 20.56 3.96 30.81
CA ASN A 46 21.51 4.42 31.83
C ASN A 46 22.92 4.58 31.30
N TYR A 47 23.10 4.40 29.99
CA TYR A 47 24.43 4.48 29.43
C TYR A 47 25.17 3.32 30.12
N TRP A 48 24.38 2.40 30.63
CA TRP A 48 24.85 1.22 31.33
C TRP A 48 25.63 1.59 32.58
N ASP A 49 24.92 2.16 33.55
CA ASP A 49 25.53 2.56 34.80
C ASP A 49 24.61 2.31 36.00
N GLY A 50 24.88 1.22 36.71
CA GLY A 50 24.07 0.87 37.87
C GLY A 50 24.21 1.95 38.93
N ARG A 51 25.22 2.78 38.74
CA ARG A 51 25.53 3.89 39.63
C ARG A 51 24.65 5.10 39.32
N ARG A 52 23.59 4.90 38.53
CA ARG A 52 22.70 6.01 38.18
C ARG A 52 21.24 5.73 38.49
N HIS A 53 20.86 4.45 38.45
CA HIS A 53 19.49 4.07 38.74
C HIS A 53 19.44 2.91 39.73
N PRO A 54 19.52 3.24 41.03
CA PRO A 54 19.49 2.28 42.14
C PRO A 54 18.05 1.92 42.43
N MET A 55 17.79 0.62 42.56
CA MET A 55 16.44 0.12 42.83
C MET A 55 16.12 0.08 44.32
N ARG A 56 14.84 0.28 44.67
CA ARG A 56 14.40 0.27 46.06
C ARG A 56 13.78 -1.07 46.48
N LEU A 57 14.51 -1.81 47.31
CA LEU A 57 14.05 -3.11 47.81
C LEU A 57 12.68 -3.07 48.52
N ARG A 58 12.21 -4.25 48.91
CA ARG A 58 10.95 -4.42 49.60
C ARG A 58 11.01 -5.79 50.26
N LYS A 59 11.38 -5.82 51.54
CA LYS A 59 11.52 -7.05 52.33
C LYS A 59 10.22 -7.87 52.38
N GLU A 60 9.08 -7.18 52.37
CA GLU A 60 7.78 -7.82 52.41
C GLU A 60 7.63 -8.89 51.33
N SER A 61 8.31 -8.69 50.19
CA SER A 61 8.25 -9.63 49.09
C SER A 61 9.60 -9.85 48.41
N GLY A 62 10.67 -9.38 49.07
CA GLY A 62 12.02 -9.54 48.54
C GLY A 62 12.22 -9.04 47.12
N ILE A 63 11.20 -8.33 46.64
CA ILE A 63 11.22 -7.80 45.29
C ILE A 63 11.77 -6.38 45.22
N TRP A 64 12.77 -6.18 44.35
CA TRP A 64 13.33 -4.85 44.16
C TRP A 64 12.55 -4.23 43.01
N GLU A 65 12.63 -2.92 42.87
CA GLU A 65 11.93 -2.22 41.80
C GLU A 65 12.34 -0.76 41.67
N LEU A 66 12.18 -0.22 40.47
CA LEU A 66 12.53 1.18 40.16
C LEU A 66 11.97 1.59 38.81
N PHE A 67 11.15 2.63 38.78
CA PHE A 67 10.57 3.09 37.52
C PHE A 67 11.55 4.03 36.82
N ILE A 68 11.62 3.92 35.49
CA ILE A 68 12.52 4.77 34.72
C ILE A 68 11.81 5.41 33.53
N PRO A 69 11.73 6.75 33.51
CA PRO A 69 11.08 7.48 32.41
C PRO A 69 12.02 7.44 31.23
N GLY A 70 11.47 7.48 30.01
CA GLY A 70 12.32 7.45 28.83
C GLY A 70 12.98 6.10 28.64
N ALA A 71 12.38 5.10 29.26
CA ALA A 71 12.88 3.74 29.15
C ALA A 71 11.82 2.96 28.37
N HIS A 72 11.90 3.06 27.05
CA HIS A 72 10.95 2.41 26.15
C HIS A 72 11.37 1.02 25.69
N ASN A 73 10.43 0.30 25.06
CA ASN A 73 10.71 -1.03 24.55
C ASN A 73 11.96 -0.97 23.67
N GLY A 74 12.44 -2.12 23.20
CA GLY A 74 13.61 -2.15 22.34
C GLY A 74 14.94 -1.95 23.04
N GLN A 75 14.94 -1.21 24.15
CA GLN A 75 16.16 -0.96 24.89
C GLN A 75 16.72 -2.19 25.59
N LEU A 76 17.99 -2.48 25.36
CA LEU A 76 18.65 -3.62 26.00
C LEU A 76 18.98 -3.27 27.43
N TYR A 77 19.20 -4.28 28.26
CA TYR A 77 19.54 -4.03 29.65
C TYR A 77 19.85 -5.29 30.42
N LYS A 78 20.28 -5.08 31.66
CA LYS A 78 20.62 -6.14 32.59
C LYS A 78 20.48 -5.57 34.00
N TYR A 79 20.95 -6.33 34.98
CA TYR A 79 20.89 -5.92 36.38
C TYR A 79 22.29 -5.93 36.98
N GLU A 80 22.52 -4.99 37.88
CA GLU A 80 23.79 -4.85 38.57
C GLU A 80 23.49 -5.05 40.05
N MET A 81 24.19 -5.97 40.68
CA MET A 81 23.98 -6.22 42.10
C MET A 81 25.22 -6.74 42.79
N ILE A 82 25.16 -6.76 44.11
CA ILE A 82 26.26 -7.25 44.90
C ILE A 82 25.69 -8.42 45.69
N ASP A 83 26.23 -9.61 45.45
CA ASP A 83 25.80 -10.81 46.15
C ASP A 83 25.53 -10.52 47.62
N ALA A 84 24.69 -11.34 48.23
CA ALA A 84 24.38 -11.18 49.64
C ALA A 84 25.71 -11.41 50.36
N ASN A 85 26.73 -11.75 49.58
CA ASN A 85 28.06 -12.03 50.10
C ASN A 85 29.09 -10.98 49.64
N GLY A 86 28.60 -9.89 49.05
CA GLY A 86 29.49 -8.82 48.61
C GLY A 86 30.09 -8.89 47.22
N ASN A 87 29.63 -9.84 46.40
CA ASN A 87 30.16 -9.99 45.05
C ASN A 87 29.40 -9.15 44.01
N LEU A 88 30.15 -8.47 43.15
CA LEU A 88 29.54 -7.67 42.11
C LEU A 88 29.25 -8.60 40.95
N ARG A 89 28.03 -8.53 40.42
CA ARG A 89 27.63 -9.39 39.31
C ARG A 89 26.60 -8.71 38.41
N LEU A 90 26.43 -9.27 37.22
CA LEU A 90 25.44 -8.78 36.26
C LEU A 90 24.47 -9.92 36.03
N LYS A 91 23.18 -9.62 36.02
CA LYS A 91 22.18 -10.65 35.84
C LYS A 91 21.17 -10.31 34.74
N SER A 92 20.84 -11.29 33.91
CA SER A 92 19.87 -11.11 32.84
C SER A 92 18.51 -11.34 33.51
N ASP A 93 17.56 -10.45 33.29
CA ASP A 93 16.24 -10.60 33.91
C ASP A 93 15.64 -11.96 33.57
N PRO A 94 15.50 -12.83 34.59
CA PRO A 94 14.95 -14.17 34.37
C PRO A 94 13.56 -14.09 33.73
N TYR A 95 12.93 -12.93 33.85
CA TYR A 95 11.62 -12.67 33.26
C TYR A 95 11.75 -11.83 32.00
N ALA A 96 12.83 -12.07 31.24
CA ALA A 96 13.04 -11.37 29.99
C ALA A 96 12.04 -12.02 29.04
N PHE A 97 11.32 -11.22 28.26
CA PHE A 97 10.34 -11.76 27.33
C PHE A 97 10.92 -11.92 25.91
N GLU A 98 12.12 -11.40 25.74
CA GLU A 98 12.87 -11.49 24.49
C GLU A 98 14.30 -11.24 24.95
N ALA A 99 15.25 -12.05 24.50
CA ALA A 99 16.62 -11.89 24.94
C ALA A 99 17.69 -11.89 23.87
N GLN A 100 18.84 -11.31 24.22
CA GLN A 100 20.01 -11.24 23.36
C GLN A 100 21.02 -12.27 23.89
N MET A 101 20.92 -13.48 23.35
CA MET A 101 21.78 -14.61 23.73
C MET A 101 23.30 -14.37 23.61
N ARG A 102 23.89 -14.79 22.49
CA ARG A 102 25.32 -14.66 22.28
C ARG A 102 25.89 -13.30 22.67
N PRO A 103 25.43 -12.21 22.01
CA PRO A 103 25.97 -10.90 22.37
C PRO A 103 25.93 -10.62 23.88
N GLU A 104 27.06 -10.90 24.56
CA GLU A 104 27.22 -10.71 26.00
C GLU A 104 26.04 -11.02 26.92
N THR A 105 24.92 -11.47 26.36
CA THR A 105 23.71 -11.81 27.13
C THR A 105 23.03 -10.61 27.78
N ALA A 106 21.97 -10.11 27.16
CA ALA A 106 21.23 -8.98 27.69
C ALA A 106 19.74 -9.14 27.44
N SER A 107 18.94 -8.64 28.37
CA SER A 107 17.50 -8.70 28.26
C SER A 107 17.00 -7.57 27.36
N LEU A 108 15.76 -7.69 26.88
CA LEU A 108 15.20 -6.68 26.01
C LEU A 108 13.90 -6.16 26.57
N ILE A 109 13.81 -4.84 26.71
CA ILE A 109 12.60 -4.24 27.21
C ILE A 109 11.54 -4.43 26.15
N CYS A 110 10.36 -4.85 26.57
CA CYS A 110 9.23 -5.05 25.68
C CYS A 110 8.07 -5.44 26.55
N GLY A 111 6.88 -5.35 26.01
CA GLY A 111 5.72 -5.67 26.81
C GLY A 111 5.47 -7.14 26.99
N LEU A 112 4.19 -7.45 27.04
CA LEU A 112 3.70 -8.80 27.20
C LEU A 112 2.90 -8.96 25.93
N PRO A 113 3.06 -10.10 25.23
CA PRO A 113 2.24 -10.20 24.02
C PRO A 113 0.81 -9.99 24.45
N GLU A 114 0.07 -9.23 23.67
CA GLU A 114 -1.31 -8.92 24.01
C GLU A 114 -1.98 -9.98 24.86
N LYS A 115 -2.65 -10.95 24.25
CA LYS A 115 -3.32 -12.01 25.00
C LYS A 115 -4.25 -12.80 24.12
N VAL A 116 -4.04 -14.11 24.11
CA VAL A 116 -4.83 -15.02 23.29
C VAL A 116 -5.92 -15.76 24.02
N VAL A 117 -7.15 -15.61 23.55
CA VAL A 117 -8.29 -16.30 24.14
C VAL A 117 -8.43 -17.64 23.41
N GLN A 118 -8.66 -18.70 24.16
CA GLN A 118 -8.79 -20.03 23.58
C GLN A 118 -10.13 -20.21 22.89
N THR A 119 -10.11 -20.72 21.65
CA THR A 119 -11.34 -20.94 20.90
C THR A 119 -11.94 -22.30 21.25
N GLU A 120 -13.25 -22.43 21.05
CA GLU A 120 -13.95 -23.66 21.36
C GLU A 120 -13.37 -24.79 20.51
N GLU A 121 -12.92 -24.46 19.32
CA GLU A 121 -12.36 -25.46 18.42
C GLU A 121 -10.98 -25.94 18.85
N ARG A 122 -10.10 -25.01 19.23
CA ARG A 122 -8.77 -25.39 19.67
C ARG A 122 -8.87 -26.32 20.89
N LYS A 123 -9.82 -26.04 21.79
CA LYS A 123 -10.01 -26.85 22.99
C LYS A 123 -10.46 -28.26 22.62
N LYS A 124 -11.46 -28.35 21.75
CA LYS A 124 -12.01 -29.62 21.32
C LYS A 124 -10.98 -30.55 20.64
N ALA A 125 -9.94 -29.97 20.03
CA ALA A 125 -8.90 -30.75 19.35
C ALA A 125 -8.03 -31.52 20.33
N ASN A 126 -7.98 -31.03 21.56
CA ASN A 126 -7.20 -31.61 22.64
C ASN A 126 -7.94 -32.72 23.37
N GLN A 127 -9.26 -32.75 23.25
CA GLN A 127 -10.10 -33.73 23.96
C GLN A 127 -9.72 -35.19 23.71
N PHE A 128 -9.96 -36.03 24.72
CA PHE A 128 -9.65 -37.46 24.63
C PHE A 128 -10.36 -38.20 23.49
N ASP A 129 -11.47 -37.66 23.01
CA ASP A 129 -12.19 -38.34 21.94
C ASP A 129 -11.97 -37.77 20.55
N ALA A 130 -10.94 -36.92 20.43
CA ALA A 130 -10.61 -36.27 19.17
C ALA A 130 -9.43 -36.97 18.52
N PRO A 131 -9.35 -36.91 17.18
CA PRO A 131 -8.20 -37.56 16.53
C PRO A 131 -7.04 -36.61 16.79
N ILE A 132 -5.95 -37.15 17.33
CA ILE A 132 -4.81 -36.31 17.62
C ILE A 132 -3.58 -36.93 17.00
N SER A 133 -3.09 -36.28 15.94
CA SER A 133 -1.90 -36.72 15.21
C SER A 133 -0.92 -35.55 15.23
N ILE A 134 0.18 -35.76 15.95
CA ILE A 134 1.18 -34.72 16.14
C ILE A 134 2.40 -34.79 15.23
N TYR A 135 2.77 -33.64 14.68
CA TYR A 135 3.95 -33.54 13.82
C TYR A 135 4.99 -32.85 14.71
N GLU A 136 5.96 -33.60 15.21
CA GLU A 136 7.01 -33.05 16.07
C GLU A 136 8.10 -32.42 15.24
N VAL A 137 8.45 -31.17 15.54
CA VAL A 137 9.46 -30.45 14.79
C VAL A 137 10.45 -29.70 15.67
N HIS A 138 11.66 -29.54 15.12
CA HIS A 138 12.75 -28.80 15.75
C HIS A 138 12.98 -27.66 14.75
N LEU A 139 12.40 -26.50 15.03
CA LEU A 139 12.47 -25.34 14.13
C LEU A 139 13.82 -24.99 13.47
N GLY A 140 14.93 -25.32 14.11
CA GLY A 140 16.19 -24.98 13.48
C GLY A 140 16.79 -26.06 12.59
N SER A 141 15.96 -26.97 12.09
CA SER A 141 16.47 -28.05 11.26
C SER A 141 15.40 -28.77 10.43
N TRP A 142 14.22 -28.19 10.37
CA TRP A 142 13.14 -28.79 9.57
C TRP A 142 13.45 -28.52 8.10
N ARG A 143 13.90 -27.30 7.82
CA ARG A 143 14.22 -26.84 6.47
C ARG A 143 15.27 -25.72 6.60
N ARG A 144 16.20 -25.67 5.66
CA ARG A 144 17.24 -24.63 5.63
C ARG A 144 17.23 -23.96 4.25
N HIS A 145 17.62 -22.69 4.19
CA HIS A 145 17.65 -22.00 2.92
C HIS A 145 18.71 -22.59 2.00
N THR A 146 18.33 -22.77 0.74
CA THR A 146 19.18 -23.37 -0.27
C THR A 146 20.69 -23.18 -0.15
N ASP A 147 21.19 -22.07 -0.70
CA ASP A 147 22.63 -21.80 -0.67
C ASP A 147 23.16 -21.41 0.69
N ASN A 148 22.50 -20.42 1.31
CA ASN A 148 22.90 -19.92 2.62
C ASN A 148 23.03 -21.02 3.65
N ASN A 149 22.06 -21.94 3.63
CA ASN A 149 21.99 -23.02 4.59
C ASN A 149 21.58 -22.34 5.90
N PHE A 150 20.89 -21.21 5.73
CA PHE A 150 20.37 -20.38 6.81
C PHE A 150 19.06 -20.94 7.37
N TRP A 151 18.75 -20.58 8.61
CA TRP A 151 17.52 -21.00 9.26
C TRP A 151 16.36 -20.26 8.62
N LEU A 152 15.20 -20.92 8.52
CA LEU A 152 14.03 -20.21 8.02
C LEU A 152 13.61 -19.42 9.26
N SER A 153 12.84 -18.36 9.10
CA SER A 153 12.39 -17.54 10.22
C SER A 153 11.02 -18.05 10.70
N TYR A 154 10.46 -17.37 11.69
CA TYR A 154 9.14 -17.74 12.22
C TYR A 154 8.14 -17.37 11.16
N ARG A 155 8.43 -16.30 10.43
CA ARG A 155 7.56 -15.83 9.37
C ARG A 155 7.58 -16.80 8.18
N GLU A 156 8.78 -17.27 7.85
CA GLU A 156 8.93 -18.20 6.74
C GLU A 156 8.36 -19.54 7.15
N LEU A 157 8.69 -19.96 8.36
CA LEU A 157 8.18 -21.22 8.85
C LEU A 157 6.65 -21.14 8.84
N ALA A 158 6.11 -19.98 9.16
CA ALA A 158 4.67 -19.80 9.17
C ALA A 158 4.14 -20.02 7.75
N ASP A 159 4.88 -19.51 6.76
CA ASP A 159 4.51 -19.64 5.36
C ASP A 159 4.69 -21.04 4.80
N GLN A 160 5.60 -21.81 5.40
CA GLN A 160 5.91 -23.15 4.89
C GLN A 160 5.67 -24.38 5.77
N LEU A 161 6.03 -24.32 7.04
CA LEU A 161 5.81 -25.45 7.94
C LEU A 161 4.32 -25.64 8.23
N VAL A 162 3.61 -24.55 8.51
CA VAL A 162 2.20 -24.66 8.80
C VAL A 162 1.42 -25.26 7.65
N PRO A 163 1.44 -24.64 6.45
CA PRO A 163 0.68 -25.26 5.36
C PRO A 163 1.04 -26.74 5.16
N TYR A 164 2.35 -27.05 5.25
CA TYR A 164 2.82 -28.43 5.07
C TYR A 164 2.16 -29.38 6.09
N ALA A 165 2.24 -29.01 7.37
CA ALA A 165 1.67 -29.81 8.45
C ALA A 165 0.18 -30.01 8.20
N LYS A 166 -0.46 -28.96 7.72
CA LYS A 166 -1.89 -28.95 7.41
C LYS A 166 -2.17 -29.94 6.28
N TRP A 167 -1.53 -29.73 5.13
CA TRP A 167 -1.73 -30.62 3.99
C TRP A 167 -1.50 -32.09 4.33
N MET A 168 -0.44 -32.38 5.10
CA MET A 168 -0.11 -33.73 5.48
C MET A 168 -1.12 -34.40 6.42
N GLY A 169 -2.10 -33.63 6.89
CA GLY A 169 -3.14 -34.20 7.74
C GLY A 169 -2.96 -34.24 9.25
N PHE A 170 -1.86 -33.69 9.77
CA PHE A 170 -1.62 -33.68 11.21
C PHE A 170 -2.53 -32.69 11.91
N THR A 171 -3.00 -33.02 13.11
CA THR A 171 -3.89 -32.14 13.86
C THR A 171 -3.10 -31.19 14.77
N HIS A 172 -1.88 -31.56 15.11
CA HIS A 172 -1.07 -30.72 15.98
C HIS A 172 0.36 -30.53 15.50
N LEU A 173 0.94 -29.44 15.96
CA LEU A 173 2.32 -29.10 15.64
C LEU A 173 2.99 -29.07 17.02
N GLU A 174 4.02 -29.89 17.22
CA GLU A 174 4.76 -29.91 18.48
C GLU A 174 6.20 -29.45 18.24
N LEU A 175 6.58 -28.36 18.90
CA LEU A 175 7.91 -27.78 18.75
C LEU A 175 8.85 -28.13 19.91
N LEU A 176 10.04 -28.66 19.62
CA LEU A 176 10.98 -28.90 20.70
C LEU A 176 11.18 -27.49 21.27
N PRO A 177 11.61 -27.39 22.53
CA PRO A 177 11.84 -26.11 23.23
C PRO A 177 12.28 -24.88 22.45
N ILE A 178 11.42 -23.87 22.37
CA ILE A 178 11.77 -22.63 21.68
C ILE A 178 12.34 -21.66 22.73
N ASN A 179 12.46 -22.15 23.97
CA ASN A 179 13.04 -21.38 25.07
C ASN A 179 14.27 -20.74 24.49
N GLU A 180 14.65 -19.56 24.97
CA GLU A 180 15.87 -19.00 24.44
C GLU A 180 16.95 -19.85 25.11
N HIS A 181 17.82 -20.46 24.30
CA HIS A 181 18.92 -21.26 24.84
C HIS A 181 20.17 -20.89 24.07
N PRO A 182 21.36 -21.09 24.67
CA PRO A 182 22.64 -20.76 24.02
C PRO A 182 23.22 -21.74 22.99
N PHE A 183 23.01 -23.04 23.17
CA PHE A 183 23.59 -23.99 22.23
C PHE A 183 22.59 -24.74 21.38
N ASP A 184 22.80 -24.68 20.07
CA ASP A 184 21.95 -25.37 19.12
C ASP A 184 21.80 -26.84 19.53
N GLY A 185 22.94 -27.49 19.71
CA GLY A 185 22.98 -28.91 20.06
C GLY A 185 22.22 -29.44 21.26
N SER A 186 21.65 -28.57 22.09
CA SER A 186 20.89 -29.04 23.25
C SER A 186 19.43 -29.20 22.86
N TRP A 187 19.13 -28.71 21.66
CA TRP A 187 17.81 -28.74 21.04
C TRP A 187 16.78 -27.87 21.75
N GLY A 188 17.24 -27.19 22.81
CA GLY A 188 16.36 -26.31 23.55
C GLY A 188 16.05 -26.81 24.95
N TYR A 189 16.61 -27.95 25.34
CA TYR A 189 16.35 -28.52 26.66
C TYR A 189 17.36 -28.03 27.71
N GLN A 190 18.11 -27.00 27.37
CA GLN A 190 19.09 -26.40 28.27
C GLN A 190 18.94 -24.92 27.98
N PRO A 191 17.90 -24.30 28.57
CA PRO A 191 17.55 -22.88 28.43
C PRO A 191 18.38 -21.92 29.26
N THR A 192 18.10 -20.65 29.04
CA THR A 192 18.73 -19.55 29.77
C THR A 192 17.67 -18.46 29.85
N GLY A 193 16.64 -18.60 29.03
CA GLY A 193 15.54 -17.65 29.01
C GLY A 193 14.23 -18.39 28.81
N LEU A 194 13.59 -18.72 29.92
CA LEU A 194 12.32 -19.45 29.95
C LEU A 194 11.12 -18.65 29.44
N TYR A 195 11.19 -17.32 29.54
CA TYR A 195 10.09 -16.46 29.09
C TYR A 195 10.26 -15.81 27.71
N ALA A 196 11.40 -16.04 27.07
CA ALA A 196 11.67 -15.45 25.76
C ALA A 196 11.87 -16.46 24.63
N PRO A 197 11.04 -16.38 23.58
CA PRO A 197 11.11 -17.27 22.41
C PRO A 197 12.49 -17.12 21.78
N THR A 198 13.13 -18.22 21.42
CA THR A 198 14.46 -18.14 20.83
C THR A 198 14.51 -17.08 19.74
N ARG A 199 15.60 -16.34 19.75
CA ARG A 199 15.82 -15.23 18.82
C ARG A 199 16.39 -15.70 17.48
N ARG A 200 16.78 -16.97 17.41
CA ARG A 200 17.35 -17.54 16.19
C ARG A 200 16.46 -17.40 14.98
N PHE A 201 15.15 -17.32 15.20
CA PHE A 201 14.22 -17.23 14.09
C PHE A 201 13.45 -15.91 13.97
N GLY A 202 13.87 -14.90 14.75
CA GLY A 202 13.19 -13.61 14.68
C GLY A 202 12.72 -13.10 16.04
N THR A 203 11.75 -12.18 16.04
CA THR A 203 11.23 -11.60 17.28
C THR A 203 10.13 -12.42 17.98
N ARG A 204 9.89 -12.08 19.24
CA ARG A 204 8.86 -12.74 20.05
C ARG A 204 7.50 -12.52 19.41
N ASP A 205 7.40 -11.43 18.64
CA ASP A 205 6.18 -11.08 17.91
C ASP A 205 6.17 -11.87 16.61
N ASP A 206 7.36 -12.18 16.08
CA ASP A 206 7.44 -12.98 14.86
C ASP A 206 6.93 -14.36 15.25
N PHE A 207 7.33 -14.82 16.43
CA PHE A 207 6.94 -16.13 16.96
C PHE A 207 5.44 -16.20 17.23
N ARG A 208 4.93 -15.14 17.86
CA ARG A 208 3.51 -15.04 18.17
C ARG A 208 2.72 -15.22 16.89
N TYR A 209 3.22 -14.57 15.83
CA TYR A 209 2.64 -14.61 14.48
C TYR A 209 2.58 -16.05 13.97
N PHE A 210 3.68 -16.78 14.19
CA PHE A 210 3.80 -18.18 13.78
C PHE A 210 2.69 -19.03 14.41
N ILE A 211 2.45 -18.84 15.71
CA ILE A 211 1.40 -19.60 16.40
C ILE A 211 0.07 -19.18 15.82
N ASP A 212 -0.13 -17.87 15.65
CA ASP A 212 -1.37 -17.37 15.07
C ASP A 212 -1.61 -18.03 13.72
N ALA A 213 -0.57 -18.08 12.89
CA ALA A 213 -0.69 -18.68 11.57
C ALA A 213 -1.12 -20.14 11.67
N ALA A 214 -0.50 -20.88 12.60
CA ALA A 214 -0.82 -22.29 12.82
C ALA A 214 -2.31 -22.49 13.15
N HIS A 215 -2.86 -21.57 13.94
CA HIS A 215 -4.28 -21.63 14.32
C HIS A 215 -5.16 -21.27 13.13
N ALA A 216 -4.74 -20.28 12.35
CA ALA A 216 -5.50 -19.86 11.15
C ALA A 216 -5.53 -21.00 10.14
N ALA A 217 -4.59 -21.94 10.31
CA ALA A 217 -4.52 -23.10 9.44
C ALA A 217 -5.24 -24.28 10.09
N GLY A 218 -5.78 -24.08 11.29
CA GLY A 218 -6.50 -25.14 11.98
C GLY A 218 -5.63 -26.11 12.75
N LEU A 219 -4.45 -25.66 13.18
CA LEU A 219 -3.55 -26.55 13.92
C LEU A 219 -3.35 -26.08 15.36
N ASN A 220 -3.33 -27.05 16.29
CA ASN A 220 -3.08 -26.72 17.68
C ASN A 220 -1.56 -26.83 17.79
N VAL A 221 -0.96 -26.03 18.64
CA VAL A 221 0.48 -26.05 18.82
C VAL A 221 0.81 -26.58 20.21
N ILE A 222 1.70 -27.56 20.27
CA ILE A 222 2.13 -28.13 21.53
C ILE A 222 3.56 -27.69 21.68
N LEU A 223 3.86 -26.99 22.76
CA LEU A 223 5.20 -26.52 23.00
C LEU A 223 5.92 -27.33 24.08
N ASP A 224 7.09 -27.89 23.72
CA ASP A 224 7.88 -28.65 24.68
C ASP A 224 8.26 -27.66 25.79
N TRP A 225 7.82 -27.97 27.00
CA TRP A 225 8.09 -27.13 28.18
C TRP A 225 9.07 -27.88 29.08
N VAL A 226 10.17 -27.22 29.43
CA VAL A 226 11.20 -27.85 30.24
C VAL A 226 11.36 -27.37 31.68
N PRO A 227 10.29 -27.50 32.48
CA PRO A 227 10.32 -27.08 33.89
C PRO A 227 11.19 -28.01 34.72
N GLY A 228 11.74 -29.03 34.06
CA GLY A 228 12.58 -30.00 34.73
C GLY A 228 14.06 -29.83 34.45
N HIS A 229 14.38 -28.83 33.62
CA HIS A 229 15.77 -28.54 33.28
C HIS A 229 16.12 -27.15 33.78
N PHE A 230 16.94 -27.12 34.83
CA PHE A 230 17.36 -25.87 35.45
C PHE A 230 18.53 -25.28 34.66
N PRO A 231 18.48 -23.96 34.39
CA PRO A 231 19.52 -23.27 33.65
C PRO A 231 20.93 -23.58 34.18
N THR A 232 21.79 -24.09 33.29
CA THR A 232 23.15 -24.42 33.67
C THR A 232 24.18 -23.65 32.84
N ASP A 233 23.72 -22.65 32.09
CA ASP A 233 24.63 -21.87 31.26
C ASP A 233 24.64 -20.40 31.59
N ASP A 234 25.75 -19.75 31.24
CA ASP A 234 25.94 -18.32 31.46
C ASP A 234 25.54 -17.82 32.85
N PHE A 235 25.69 -18.65 33.88
CA PHE A 235 25.30 -18.26 35.25
C PHE A 235 23.96 -17.55 35.15
N ALA A 236 23.05 -18.19 34.42
CA ALA A 236 21.73 -17.66 34.16
C ALA A 236 20.77 -17.62 35.35
N LEU A 237 20.83 -18.64 36.21
CA LEU A 237 19.91 -18.70 37.34
C LEU A 237 20.56 -19.17 38.64
N ALA A 238 21.74 -19.77 38.52
CA ALA A 238 22.47 -20.27 39.70
C ALA A 238 22.84 -19.15 40.68
N GLU A 239 22.81 -19.48 41.97
CA GLU A 239 23.14 -18.56 43.05
C GLU A 239 22.78 -17.12 42.79
N PHE A 240 21.53 -16.89 42.38
CA PHE A 240 21.05 -15.54 42.13
C PHE A 240 21.23 -14.83 43.46
N ASP A 241 20.95 -13.53 43.51
CA ASP A 241 21.07 -12.75 44.74
C ASP A 241 22.18 -13.19 45.73
N GLY A 242 23.20 -13.89 45.23
CA GLY A 242 24.28 -14.33 46.10
C GLY A 242 24.12 -15.73 46.69
N THR A 243 22.87 -16.13 46.93
CA THR A 243 22.59 -17.45 47.49
C THR A 243 21.77 -18.35 46.56
N ASN A 244 21.66 -19.63 46.91
CA ASN A 244 20.92 -20.60 46.11
C ASN A 244 19.44 -20.23 46.05
N LEU A 245 19.17 -19.14 45.34
CA LEU A 245 17.82 -18.61 45.18
C LEU A 245 16.80 -19.52 44.54
N TYR A 246 17.10 -20.02 43.34
CA TYR A 246 16.15 -20.87 42.60
C TYR A 246 16.38 -22.38 42.68
N GLU A 247 17.60 -22.78 43.02
CA GLU A 247 17.93 -24.19 43.11
C GLU A 247 18.18 -24.62 44.56
N HIS A 248 18.25 -25.93 44.77
CA HIS A 248 18.49 -26.51 46.10
C HIS A 248 19.97 -26.53 46.45
N SER A 249 20.26 -26.63 47.75
CA SER A 249 21.63 -26.64 48.24
C SER A 249 22.11 -28.06 48.52
N THR A 261 22.81 -32.28 37.84
CA THR A 261 23.66 -31.44 38.66
C THR A 261 22.82 -30.51 39.53
N LEU A 262 22.55 -29.31 39.03
CA LEU A 262 21.75 -28.32 39.73
C LEU A 262 20.29 -28.61 39.46
N ILE A 263 19.43 -28.43 40.47
CA ILE A 263 18.00 -28.67 40.29
C ILE A 263 17.13 -27.62 41.00
N TYR A 264 16.00 -27.30 40.39
CA TYR A 264 15.07 -26.32 40.95
C TYR A 264 14.66 -26.64 42.38
N ASN A 265 14.17 -25.61 43.07
CA ASN A 265 13.66 -25.76 44.42
C ASN A 265 12.16 -25.50 44.30
N TYR A 266 11.45 -26.50 43.80
CA TYR A 266 10.01 -26.40 43.60
C TYR A 266 9.28 -26.06 44.88
N GLY A 267 9.89 -26.38 46.02
CA GLY A 267 9.27 -26.08 47.30
C GLY A 267 9.21 -24.57 47.49
N ARG A 268 10.29 -23.90 47.11
CA ARG A 268 10.38 -22.46 47.22
C ARG A 268 9.26 -21.81 46.42
N ARG A 269 8.32 -21.21 47.14
CA ARG A 269 7.16 -20.54 46.55
C ARG A 269 7.45 -19.86 45.22
N GLU A 270 8.14 -18.73 45.30
CA GLU A 270 8.48 -17.95 44.12
C GLU A 270 9.00 -18.80 42.98
N VAL A 271 9.78 -19.83 43.30
CA VAL A 271 10.33 -20.71 42.28
C VAL A 271 9.20 -21.45 41.57
N SER A 272 8.22 -21.88 42.34
CA SER A 272 7.08 -22.58 41.77
C SER A 272 6.21 -21.60 41.00
N ASN A 273 6.16 -20.36 41.49
CA ASN A 273 5.36 -19.30 40.85
C ASN A 273 5.97 -18.96 39.49
N PHE A 274 7.28 -19.06 39.44
CA PHE A 274 8.08 -18.79 38.25
C PHE A 274 7.75 -19.84 37.18
N LEU A 275 7.75 -21.10 37.58
CA LEU A 275 7.46 -22.19 36.67
C LEU A 275 5.98 -22.25 36.32
N VAL A 276 5.12 -22.40 37.32
CA VAL A 276 3.69 -22.44 37.04
C VAL A 276 3.28 -21.20 36.25
N GLY A 277 3.84 -20.04 36.62
CA GLY A 277 3.50 -18.81 35.92
C GLY A 277 3.92 -18.84 34.47
N ASN A 278 5.08 -19.44 34.21
CA ASN A 278 5.63 -19.55 32.86
C ASN A 278 4.75 -20.41 31.96
N ALA A 279 4.05 -21.37 32.56
CA ALA A 279 3.18 -22.27 31.79
C ALA A 279 1.88 -21.56 31.47
N LEU A 280 1.55 -20.56 32.27
CA LEU A 280 0.34 -19.80 32.06
C LEU A 280 0.63 -18.72 31.02
N TYR A 281 1.87 -18.23 31.05
CA TYR A 281 2.36 -17.21 30.13
C TYR A 281 2.25 -17.69 28.67
N TRP A 282 2.90 -18.81 28.38
CA TRP A 282 2.90 -19.40 27.03
C TRP A 282 1.51 -19.61 26.45
N ILE A 283 0.61 -20.17 27.26
CA ILE A 283 -0.75 -20.44 26.83
C ILE A 283 -1.60 -19.19 26.62
N GLU A 284 -1.48 -18.21 27.51
CA GLU A 284 -2.30 -16.99 27.42
C GLU A 284 -1.71 -15.86 26.59
N ARG A 285 -0.39 -15.74 26.63
CA ARG A 285 0.30 -14.69 25.91
C ARG A 285 0.69 -15.07 24.48
N PHE A 286 0.70 -16.37 24.19
CA PHE A 286 1.07 -16.86 22.87
C PHE A 286 0.01 -17.77 22.26
N GLY A 287 -0.94 -18.22 23.08
CA GLY A 287 -2.00 -19.07 22.57
C GLY A 287 -1.67 -20.54 22.43
N ILE A 288 -0.56 -20.96 23.03
CA ILE A 288 -0.16 -22.37 22.98
C ILE A 288 -1.32 -23.22 23.49
N ASP A 289 -1.52 -24.36 22.85
CA ASP A 289 -2.63 -25.24 23.20
C ASP A 289 -2.27 -26.41 24.09
N ALA A 290 -0.97 -26.63 24.28
CA ALA A 290 -0.54 -27.73 25.11
C ALA A 290 0.94 -27.63 25.43
N LEU A 291 1.30 -28.09 26.61
CA LEU A 291 2.69 -28.05 27.05
C LEU A 291 3.11 -29.49 27.29
N ARG A 292 4.33 -29.83 26.92
CA ARG A 292 4.80 -31.18 27.13
C ARG A 292 6.08 -31.21 27.96
N VAL A 293 6.01 -31.92 29.08
CA VAL A 293 7.16 -32.05 29.98
C VAL A 293 7.95 -33.30 29.65
N ASP A 294 9.26 -33.14 29.52
CA ASP A 294 10.15 -34.26 29.20
C ASP A 294 10.95 -34.66 30.41
N ALA A 295 11.31 -35.93 30.46
CA ALA A 295 12.10 -36.49 31.55
C ALA A 295 11.49 -36.20 32.92
N VAL A 296 10.21 -36.51 33.08
CA VAL A 296 9.54 -36.30 34.35
C VAL A 296 10.12 -37.24 35.42
N ALA A 297 10.70 -38.34 34.96
CA ALA A 297 11.32 -39.30 35.86
C ALA A 297 12.45 -38.61 36.61
N SER A 298 13.35 -37.97 35.86
CA SER A 298 14.50 -37.27 36.43
C SER A 298 14.04 -36.14 37.37
N MET A 299 12.76 -35.79 37.30
CA MET A 299 12.22 -34.75 38.18
C MET A 299 11.69 -35.41 39.46
N ILE A 300 11.01 -36.54 39.28
CA ILE A 300 10.40 -37.24 40.40
C ILE A 300 11.36 -38.12 41.20
N TYR A 301 12.61 -38.22 40.76
CA TYR A 301 13.55 -39.07 41.48
C TYR A 301 14.92 -38.45 41.71
N ARG A 302 15.89 -39.33 41.96
CA ARG A 302 17.27 -38.94 42.20
C ARG A 302 17.33 -38.02 43.41
N GLY A 317 10.34 -39.82 50.14
CA GLY A 317 9.88 -40.94 49.34
C GLY A 317 10.96 -41.97 49.08
N GLY A 318 11.97 -41.98 49.95
CA GLY A 318 13.07 -42.91 49.79
C GLY A 318 13.99 -42.43 48.68
N ARG A 319 13.40 -42.24 47.49
CA ARG A 319 14.11 -41.77 46.31
C ARG A 319 13.31 -40.66 45.63
N GLU A 320 11.99 -40.67 45.87
CA GLU A 320 11.05 -39.72 45.29
C GLU A 320 11.16 -38.27 45.76
N ASN A 321 11.46 -37.38 44.83
CA ASN A 321 11.56 -35.96 45.12
C ASN A 321 10.13 -35.43 45.27
N LEU A 322 9.52 -35.80 46.39
CA LEU A 322 8.15 -35.44 46.73
C LEU A 322 7.82 -33.98 46.52
N GLU A 323 8.85 -33.15 46.37
CA GLU A 323 8.66 -31.72 46.15
C GLU A 323 8.24 -31.47 44.68
N ALA A 324 8.99 -32.04 43.76
CA ALA A 324 8.73 -31.92 42.31
C ALA A 324 7.41 -32.60 41.96
N ILE A 325 7.20 -33.78 42.52
CA ILE A 325 5.97 -34.54 42.29
C ILE A 325 4.78 -33.69 42.72
N GLU A 326 4.99 -32.81 43.71
CA GLU A 326 3.91 -31.97 44.19
C GLU A 326 3.72 -30.77 43.29
N PHE A 327 4.82 -30.33 42.69
CA PHE A 327 4.81 -29.19 41.78
C PHE A 327 3.99 -29.52 40.53
N LEU A 328 4.29 -30.66 39.93
CA LEU A 328 3.60 -31.10 38.72
C LEU A 328 2.11 -31.22 38.94
N ARG A 329 1.72 -31.86 40.03
CA ARG A 329 0.31 -32.01 40.36
C ARG A 329 -0.39 -30.66 40.42
N ASN A 330 0.26 -29.72 41.09
CA ASN A 330 -0.28 -28.36 41.24
C ASN A 330 -0.32 -27.61 39.92
N THR A 331 0.76 -27.72 39.15
CA THR A 331 0.81 -27.07 37.85
C THR A 331 -0.38 -27.54 37.03
N ASN A 332 -0.59 -28.85 36.98
CA ASN A 332 -1.71 -29.40 36.23
C ASN A 332 -3.05 -29.03 36.84
N ARG A 333 -3.13 -28.91 38.16
CA ARG A 333 -4.40 -28.52 38.81
C ARG A 333 -4.73 -27.07 38.49
N ILE A 334 -3.72 -26.21 38.60
CA ILE A 334 -3.87 -24.78 38.31
C ILE A 334 -4.07 -24.62 36.80
N LEU A 335 -3.14 -25.20 36.04
CA LEU A 335 -3.14 -25.18 34.59
C LEU A 335 -4.26 -26.11 34.12
N GLY A 336 -5.38 -26.05 34.82
CA GLY A 336 -6.53 -26.87 34.52
C GLY A 336 -7.74 -26.07 34.96
N GLU A 337 -7.53 -25.19 35.92
CA GLU A 337 -8.62 -24.34 36.41
C GLU A 337 -8.54 -23.01 35.70
N GLN A 338 -7.29 -22.54 35.51
CA GLN A 338 -7.00 -21.27 34.88
C GLN A 338 -7.26 -21.17 33.38
N VAL A 339 -6.92 -22.24 32.66
CA VAL A 339 -7.09 -22.23 31.23
C VAL A 339 -7.59 -23.55 30.69
N SER A 340 -8.76 -23.98 31.17
CA SER A 340 -9.33 -25.25 30.71
C SER A 340 -9.33 -25.22 29.18
N GLY A 341 -9.00 -26.37 28.58
CA GLY A 341 -8.93 -26.43 27.13
C GLY A 341 -7.51 -26.77 26.74
N ALA A 342 -6.55 -26.17 27.44
CA ALA A 342 -5.16 -26.45 27.18
C ALA A 342 -4.92 -27.79 27.88
N VAL A 343 -3.93 -28.57 27.43
CA VAL A 343 -3.65 -29.84 28.06
C VAL A 343 -2.17 -30.04 28.26
N THR A 344 -1.80 -31.07 29.01
CA THR A 344 -0.40 -31.32 29.28
C THR A 344 -0.12 -32.78 29.03
N MET A 345 1.09 -33.06 28.57
CA MET A 345 1.50 -34.42 28.27
C MET A 345 2.88 -34.56 28.89
N ALA A 346 3.30 -35.79 29.16
CA ALA A 346 4.61 -35.98 29.76
C ALA A 346 5.27 -37.27 29.33
N GLU A 347 6.60 -37.25 29.34
CA GLU A 347 7.39 -38.42 29.00
C GLU A 347 8.04 -38.84 30.32
N GLU A 348 7.68 -40.03 30.79
CA GLU A 348 8.22 -40.55 32.04
C GLU A 348 8.83 -41.94 31.80
N SER A 349 10.16 -42.01 31.90
CA SER A 349 10.92 -43.25 31.65
C SER A 349 10.52 -44.47 32.46
N THR A 350 10.46 -44.31 33.79
CA THR A 350 10.08 -45.42 34.65
C THR A 350 8.57 -45.61 34.48
N ASP A 351 7.97 -46.46 35.28
CA ASP A 351 6.52 -46.66 35.16
C ASP A 351 5.81 -46.09 36.34
N PHE A 352 6.08 -44.82 36.62
CA PHE A 352 5.43 -44.14 37.72
C PHE A 352 3.93 -44.32 37.50
N PRO A 353 3.21 -44.79 38.52
CA PRO A 353 1.76 -45.01 38.42
C PRO A 353 0.92 -43.74 38.36
N GLY A 354 -0.10 -43.78 37.50
CA GLY A 354 -0.99 -42.64 37.35
C GLY A 354 -0.45 -41.37 36.75
N VAL A 355 0.67 -41.42 36.04
CA VAL A 355 1.26 -40.22 35.41
C VAL A 355 0.20 -39.33 34.77
N SER A 356 -0.73 -39.96 34.06
CA SER A 356 -1.81 -39.24 33.39
C SER A 356 -3.13 -39.55 34.08
N ARG A 357 -3.09 -39.65 35.40
CA ARG A 357 -4.27 -39.94 36.19
C ARG A 357 -4.57 -38.82 37.19
N PRO A 358 -5.84 -38.68 37.61
CA PRO A 358 -6.24 -37.64 38.55
C PRO A 358 -5.37 -37.55 39.81
N GLN A 359 -5.07 -36.34 40.23
CA GLN A 359 -4.23 -36.12 41.41
C GLN A 359 -4.88 -36.67 42.67
N ASP A 360 -6.17 -36.37 42.85
CA ASP A 360 -6.90 -36.83 44.03
C ASP A 360 -6.98 -38.34 44.04
N MET A 361 -5.91 -38.96 43.53
CA MET A 361 -5.78 -40.40 43.45
C MET A 361 -4.31 -40.73 43.17
N GLY A 362 -4.00 -40.97 41.90
CA GLY A 362 -2.63 -41.32 41.52
C GLY A 362 -1.61 -40.21 41.69
N GLY A 363 -1.76 -39.14 40.92
CA GLY A 363 -0.81 -38.05 41.02
C GLY A 363 -0.48 -37.49 39.65
N LEU A 364 0.38 -36.48 39.62
CA LEU A 364 0.78 -35.80 38.40
C LEU A 364 -0.44 -35.21 37.71
N GLY A 365 -1.26 -36.06 37.10
CA GLY A 365 -2.46 -35.54 36.46
C GLY A 365 -2.29 -34.96 35.07
N PHE A 366 -1.45 -35.58 34.23
CA PHE A 366 -1.28 -35.10 32.87
C PHE A 366 -2.43 -35.72 32.10
N TRP A 367 -2.97 -35.02 31.10
CA TRP A 367 -4.04 -35.60 30.31
C TRP A 367 -3.51 -36.81 29.54
N TYR A 368 -2.27 -36.72 29.06
CA TYR A 368 -1.65 -37.78 28.26
C TYR A 368 -0.24 -38.14 28.66
N LYS A 369 0.16 -39.36 28.32
CA LYS A 369 1.53 -39.85 28.57
C LYS A 369 2.12 -40.51 27.31
N TRP A 370 3.42 -40.33 27.07
CA TRP A 370 4.12 -40.92 25.93
C TRP A 370 4.33 -42.41 26.13
N ASN A 371 3.87 -43.20 25.18
CA ASN A 371 4.00 -44.64 25.29
C ASN A 371 5.35 -45.13 24.77
N LEU A 372 6.40 -44.85 25.52
CA LEU A 372 7.75 -45.26 25.18
C LEU A 372 7.84 -46.77 25.09
N GLY A 373 7.12 -47.46 25.97
CA GLY A 373 7.15 -48.92 25.99
C GLY A 373 6.66 -49.55 24.70
N TRP A 374 5.60 -48.97 24.17
CA TRP A 374 4.99 -49.43 22.92
C TRP A 374 6.00 -49.26 21.80
N MET A 375 6.68 -48.11 21.80
CA MET A 375 7.69 -47.78 20.82
C MET A 375 8.84 -48.77 20.85
N HIS A 376 9.22 -49.18 22.06
CA HIS A 376 10.32 -50.12 22.23
C HIS A 376 9.90 -51.50 21.78
N ASP A 377 8.66 -51.86 22.08
CA ASP A 377 8.16 -53.17 21.68
C ASP A 377 7.95 -53.27 20.18
N THR A 378 7.26 -52.29 19.60
CA THR A 378 6.99 -52.31 18.16
C THR A 378 8.23 -52.13 17.28
N LEU A 379 9.18 -51.33 17.72
CA LEU A 379 10.40 -51.12 16.96
C LEU A 379 11.26 -52.40 17.07
N ASP A 380 11.24 -53.02 18.24
CA ASP A 380 11.99 -54.26 18.45
C ASP A 380 11.43 -55.35 17.54
N TYR A 381 10.13 -55.28 17.29
CA TYR A 381 9.45 -56.25 16.43
C TYR A 381 9.75 -55.99 14.94
N MET A 382 9.65 -54.74 14.51
CA MET A 382 9.91 -54.41 13.11
C MET A 382 11.38 -54.71 12.71
N LYS A 383 12.29 -54.63 13.67
CA LYS A 383 13.69 -54.91 13.39
C LYS A 383 13.87 -56.38 13.05
N LEU A 384 13.13 -57.22 13.76
CA LEU A 384 13.20 -58.66 13.55
C LEU A 384 13.19 -59.08 12.09
N ASP A 385 13.81 -60.22 11.83
CA ASP A 385 13.83 -60.80 10.50
C ASP A 385 12.40 -61.30 10.41
N PRO A 386 11.66 -60.91 9.36
CA PRO A 386 10.27 -61.38 9.22
C PRO A 386 10.04 -62.80 9.69
N VAL A 387 11.00 -63.68 9.40
CA VAL A 387 10.91 -65.08 9.75
C VAL A 387 10.95 -65.38 11.27
N TYR A 388 11.55 -64.50 12.06
CA TYR A 388 11.62 -64.71 13.52
C TYR A 388 10.51 -64.02 14.30
N ARG A 389 9.62 -63.33 13.61
CA ARG A 389 8.53 -62.61 14.27
C ARG A 389 7.45 -63.49 14.90
N GLN A 390 7.49 -64.79 14.60
CA GLN A 390 6.52 -65.71 15.16
C GLN A 390 6.83 -65.96 16.64
N TYR A 391 8.07 -65.68 17.05
CA TYR A 391 8.45 -65.92 18.44
C TYR A 391 8.44 -64.67 19.29
N HIS A 392 7.92 -63.57 18.76
CA HIS A 392 7.89 -62.31 19.51
C HIS A 392 6.60 -61.57 19.20
N HIS A 393 5.58 -62.37 18.92
CA HIS A 393 4.24 -61.89 18.59
C HIS A 393 3.78 -60.97 19.73
N ASP A 394 4.22 -61.31 20.95
CA ASP A 394 3.86 -60.56 22.15
C ASP A 394 4.32 -59.12 22.17
N LYS A 395 5.12 -58.72 21.21
CA LYS A 395 5.61 -57.35 21.19
C LYS A 395 4.57 -56.39 20.63
N LEU A 396 3.63 -56.95 19.89
CA LEU A 396 2.57 -56.17 19.28
C LEU A 396 1.25 -56.29 20.02
N THR A 397 1.08 -57.38 20.76
CA THR A 397 -0.17 -57.58 21.50
C THR A 397 -0.09 -57.08 22.93
N PHE A 398 1.12 -56.92 23.44
CA PHE A 398 1.25 -56.48 24.82
C PHE A 398 0.70 -55.08 25.08
N GLY A 399 1.07 -54.12 24.24
CA GLY A 399 0.59 -52.76 24.43
C GLY A 399 -0.86 -52.65 24.87
N ILE A 400 -1.68 -53.62 24.47
CA ILE A 400 -3.09 -53.62 24.81
C ILE A 400 -3.42 -53.90 26.27
N LEU A 401 -2.60 -54.73 26.91
CA LEU A 401 -2.84 -55.08 28.30
C LEU A 401 -2.73 -53.91 29.26
N TYR A 402 -1.95 -52.90 28.90
CA TYR A 402 -1.81 -51.74 29.76
C TYR A 402 -2.21 -50.43 29.10
N ASN A 403 -2.96 -50.51 28.01
CA ASN A 403 -3.41 -49.30 27.32
C ASN A 403 -4.40 -48.52 28.18
N TYR A 404 -5.07 -49.21 29.09
CA TYR A 404 -6.06 -48.54 29.93
C TYR A 404 -5.51 -48.01 31.27
N THR A 405 -4.19 -48.09 31.45
CA THR A 405 -3.55 -47.59 32.66
C THR A 405 -3.20 -46.11 32.52
N GLU A 406 -2.94 -45.67 31.28
CA GLU A 406 -2.60 -44.26 30.99
C GLU A 406 -3.28 -43.85 29.70
N ASN A 407 -3.39 -42.55 29.47
CA ASN A 407 -3.96 -42.03 28.23
C ASN A 407 -2.70 -41.81 27.38
N PHE A 408 -2.40 -42.79 26.55
CA PHE A 408 -1.18 -42.78 25.75
C PHE A 408 -1.10 -42.03 24.42
N VAL A 409 0.14 -41.74 24.04
CA VAL A 409 0.46 -41.11 22.78
C VAL A 409 1.52 -42.07 22.25
N LEU A 410 1.23 -42.75 21.15
CA LEU A 410 2.20 -43.68 20.55
C LEU A 410 3.23 -42.77 19.88
N PRO A 411 4.49 -42.76 20.36
CA PRO A 411 5.39 -41.84 19.66
C PRO A 411 6.62 -42.41 18.94
N LEU A 412 7.00 -41.72 17.86
CA LEU A 412 8.18 -42.04 17.05
C LEU A 412 8.81 -40.65 16.98
N SER A 413 9.56 -40.30 18.01
CA SER A 413 10.14 -38.96 18.10
C SER A 413 11.59 -38.79 17.72
N HIS A 414 12.10 -37.57 17.96
CA HIS A 414 13.48 -37.19 17.64
C HIS A 414 14.51 -37.94 18.45
N ASP A 415 14.11 -38.36 19.65
CA ASP A 415 15.00 -39.07 20.56
C ASP A 415 15.39 -40.46 20.08
N GLU A 416 14.59 -41.02 19.17
CA GLU A 416 14.82 -42.35 18.67
C GLU A 416 15.58 -42.41 17.36
N VAL A 417 15.95 -41.25 16.81
CA VAL A 417 16.69 -41.21 15.56
C VAL A 417 17.92 -40.30 15.64
N VAL A 418 18.74 -40.57 16.65
CA VAL A 418 19.97 -39.82 16.89
C VAL A 418 20.94 -40.74 17.63
N HIS A 419 22.11 -40.21 17.97
CA HIS A 419 23.13 -40.96 18.71
C HIS A 419 23.36 -42.42 18.32
N GLY A 420 23.10 -42.76 17.07
CA GLY A 420 23.35 -44.13 16.64
C GLY A 420 22.15 -45.05 16.66
N LYS A 421 20.97 -44.50 16.95
CA LYS A 421 19.76 -45.32 16.99
C LYS A 421 19.28 -45.58 15.56
N LYS A 422 19.66 -44.67 14.67
CA LYS A 422 19.32 -44.70 13.24
C LYS A 422 17.96 -44.06 13.00
N SER A 423 17.57 -44.04 11.73
CA SER A 423 16.30 -43.50 11.31
C SER A 423 15.37 -44.69 11.44
N ILE A 424 14.06 -44.45 11.43
CA ILE A 424 13.14 -45.56 11.55
C ILE A 424 13.33 -46.51 10.36
N LEU A 425 13.41 -45.94 9.16
CA LEU A 425 13.60 -46.72 7.93
C LEU A 425 14.78 -47.70 8.01
N ASP A 426 15.92 -47.22 8.51
CA ASP A 426 17.13 -48.03 8.63
C ASP A 426 17.00 -49.25 9.56
N ARG A 427 16.04 -49.19 10.48
CA ARG A 427 15.81 -50.29 11.42
C ARG A 427 15.10 -51.45 10.72
N MET A 428 14.39 -51.13 9.63
CA MET A 428 13.66 -52.15 8.87
C MET A 428 14.63 -53.10 8.20
N PRO A 429 14.28 -54.42 8.14
CA PRO A 429 15.11 -55.45 7.54
C PRO A 429 14.81 -55.69 6.06
N GLY A 430 15.68 -56.47 5.40
CA GLY A 430 15.45 -56.77 4.00
C GLY A 430 15.96 -55.76 3.00
N ASP A 431 15.65 -56.03 1.74
CA ASP A 431 16.04 -55.20 0.61
C ASP A 431 15.02 -54.08 0.36
N ALA A 432 15.50 -52.99 -0.22
CA ALA A 432 14.70 -51.81 -0.56
C ALA A 432 13.19 -51.97 -0.41
N TRP A 433 12.59 -52.66 -1.37
CA TRP A 433 11.16 -52.85 -1.35
C TRP A 433 10.70 -53.32 0.02
N GLN A 434 11.38 -54.32 0.56
CA GLN A 434 11.02 -54.86 1.86
C GLN A 434 11.15 -53.82 2.97
N LYS A 435 12.20 -53.02 2.92
CA LYS A 435 12.39 -52.00 3.95
C LYS A 435 11.22 -51.02 4.00
N PHE A 436 10.82 -50.48 2.87
CA PHE A 436 9.72 -49.54 2.84
C PHE A 436 8.38 -50.16 3.20
N ALA A 437 8.14 -51.36 2.69
CA ALA A 437 6.91 -52.09 2.94
C ALA A 437 6.75 -52.37 4.44
N ASN A 438 7.87 -52.67 5.10
CA ASN A 438 7.85 -52.94 6.53
C ASN A 438 7.45 -51.64 7.20
N LEU A 439 8.10 -50.55 6.78
CA LEU A 439 7.86 -49.23 7.34
C LEU A 439 6.39 -48.83 7.19
N ARG A 440 5.87 -48.98 5.98
CA ARG A 440 4.49 -48.61 5.72
C ARG A 440 3.53 -49.50 6.53
N ALA A 441 3.82 -50.81 6.58
CA ALA A 441 2.97 -51.74 7.33
C ALA A 441 2.95 -51.30 8.79
N TYR A 442 4.11 -50.91 9.30
CA TYR A 442 4.24 -50.45 10.67
C TYR A 442 3.38 -49.22 10.88
N TYR A 443 3.56 -48.21 10.04
CA TYR A 443 2.79 -46.99 10.13
C TYR A 443 1.30 -47.32 10.11
N GLY A 444 0.92 -48.28 9.27
CA GLY A 444 -0.47 -48.66 9.16
C GLY A 444 -0.99 -49.21 10.49
N TRP A 445 -0.13 -49.93 11.19
CA TRP A 445 -0.44 -50.54 12.49
C TRP A 445 -0.54 -49.45 13.54
N MET A 446 0.43 -48.55 13.55
CA MET A 446 0.49 -47.45 14.49
C MET A 446 -0.74 -46.56 14.47
N TRP A 447 -1.16 -46.14 13.27
CA TRP A 447 -2.32 -45.26 13.12
C TRP A 447 -3.64 -45.91 13.51
N ALA A 448 -3.66 -47.24 13.57
CA ALA A 448 -4.89 -47.96 13.93
C ALA A 448 -4.88 -48.47 15.37
N PHE A 449 -3.69 -48.51 15.99
CA PHE A 449 -3.56 -48.99 17.37
C PHE A 449 -4.05 -47.97 18.37
N PRO A 450 -4.61 -48.43 19.51
CA PRO A 450 -5.11 -47.50 20.52
C PRO A 450 -4.06 -46.50 20.97
N GLY A 451 -4.42 -45.22 20.95
CA GLY A 451 -3.48 -44.19 21.37
C GLY A 451 -3.36 -43.09 20.34
N LYS A 452 -3.15 -41.86 20.80
CA LYS A 452 -3.01 -40.75 19.88
C LYS A 452 -1.71 -41.01 19.16
N LYS A 453 -1.38 -40.18 18.19
CA LYS A 453 -0.16 -40.41 17.42
C LYS A 453 0.78 -39.22 17.39
N LEU A 454 2.07 -39.51 17.38
CA LEU A 454 3.08 -38.47 17.27
C LEU A 454 4.17 -38.98 16.32
N LEU A 455 4.61 -38.14 15.40
CA LEU A 455 5.64 -38.52 14.46
C LEU A 455 6.58 -37.36 14.19
N PHE A 456 7.88 -37.57 14.42
CA PHE A 456 8.88 -36.52 14.20
C PHE A 456 9.16 -36.27 12.71
N MET A 457 9.47 -35.01 12.39
CA MET A 457 9.78 -34.57 11.02
C MET A 457 10.86 -35.42 10.34
N GLY A 458 10.58 -35.89 9.14
CA GLY A 458 11.53 -36.70 8.41
C GLY A 458 11.08 -38.14 8.30
N ASN A 459 10.33 -38.60 9.29
CA ASN A 459 9.82 -39.96 9.31
C ASN A 459 8.74 -40.10 8.24
N GLU A 460 7.95 -39.04 8.06
CA GLU A 460 6.87 -39.07 7.08
C GLU A 460 7.33 -39.39 5.67
N PHE A 461 8.56 -39.00 5.32
CA PHE A 461 9.07 -39.31 3.99
C PHE A 461 10.25 -40.27 4.07
N ALA A 462 10.29 -41.02 5.17
CA ALA A 462 11.32 -42.03 5.41
C ALA A 462 12.73 -41.59 5.15
N GLN A 463 13.17 -40.56 5.86
CA GLN A 463 14.53 -40.11 5.70
C GLN A 463 15.42 -41.29 6.07
N GLY A 464 16.52 -41.47 5.36
CA GLY A 464 17.40 -42.59 5.66
C GLY A 464 18.36 -42.25 6.78
N ARG A 465 18.90 -41.04 6.75
CA ARG A 465 19.85 -40.62 7.77
C ARG A 465 19.21 -40.20 9.09
N GLU A 466 20.00 -40.25 10.15
CA GLU A 466 19.55 -39.85 11.48
C GLU A 466 19.33 -38.36 11.47
N TRP A 467 18.53 -37.89 12.40
CA TRP A 467 18.24 -36.46 12.51
C TRP A 467 19.47 -35.66 12.97
N ASN A 468 19.78 -34.62 12.21
CA ASN A 468 20.88 -33.72 12.48
C ASN A 468 20.32 -32.30 12.68
N HIS A 469 20.23 -31.88 13.93
CA HIS A 469 19.72 -30.55 14.29
C HIS A 469 20.48 -29.42 13.58
N ASP A 470 21.64 -29.74 13.03
CA ASP A 470 22.47 -28.73 12.35
C ASP A 470 22.31 -28.62 10.84
N ALA A 471 21.36 -29.36 10.29
CA ALA A 471 21.14 -29.32 8.87
C ALA A 471 19.66 -29.38 8.59
N SER A 472 19.30 -29.23 7.32
CA SER A 472 17.92 -29.29 6.84
C SER A 472 17.54 -30.77 6.88
N LEU A 473 16.31 -31.10 6.52
CA LEU A 473 15.88 -32.49 6.57
C LEU A 473 16.03 -33.44 5.39
N ASP A 474 17.01 -33.23 4.52
CA ASP A 474 17.17 -34.18 3.41
C ASP A 474 15.98 -34.22 2.47
N TRP A 475 15.35 -33.09 2.20
CA TRP A 475 14.21 -33.10 1.29
C TRP A 475 14.68 -33.53 -0.12
N HIS A 476 16.00 -33.61 -0.31
CA HIS A 476 16.57 -33.99 -1.60
C HIS A 476 16.12 -35.38 -2.05
N LEU A 477 15.84 -36.26 -1.10
CA LEU A 477 15.41 -37.62 -1.43
C LEU A 477 14.11 -37.56 -2.20
N LEU A 478 13.34 -36.50 -1.97
CA LEU A 478 12.04 -36.33 -2.61
C LEU A 478 12.17 -35.53 -3.88
N GLU A 479 13.35 -35.60 -4.49
CA GLU A 479 13.54 -34.86 -5.72
C GLU A 479 13.40 -35.76 -6.93
N GLY A 480 13.15 -35.10 -8.06
CA GLY A 480 12.99 -35.76 -9.35
C GLY A 480 12.58 -37.20 -9.54
N GLY A 481 11.31 -37.43 -9.89
CA GLY A 481 10.85 -38.79 -10.13
C GLY A 481 10.27 -39.45 -8.90
N ASP A 482 9.06 -39.95 -9.03
CA ASP A 482 8.39 -40.61 -7.91
C ASP A 482 9.17 -41.81 -7.40
N ASN A 483 9.60 -41.73 -6.15
CA ASN A 483 10.34 -42.82 -5.54
C ASN A 483 9.63 -43.28 -4.26
N TRP A 484 10.18 -44.32 -3.64
CA TRP A 484 9.62 -44.89 -2.42
C TRP A 484 9.34 -43.86 -1.33
N HIS A 485 10.20 -42.86 -1.22
CA HIS A 485 10.05 -41.80 -0.23
C HIS A 485 8.76 -41.00 -0.44
N HIS A 486 8.43 -40.72 -1.70
CA HIS A 486 7.19 -39.99 -2.03
C HIS A 486 5.99 -40.83 -1.60
N GLY A 487 6.09 -42.13 -1.84
CA GLY A 487 5.01 -43.05 -1.50
C GLY A 487 4.77 -43.19 -0.01
N VAL A 488 5.83 -43.10 0.77
CA VAL A 488 5.70 -43.18 2.21
C VAL A 488 5.04 -41.90 2.70
N GLN A 489 5.46 -40.77 2.14
CA GLN A 489 4.90 -39.49 2.52
C GLN A 489 3.43 -39.50 2.14
N ARG A 490 3.12 -40.11 1.01
CA ARG A 490 1.74 -40.19 0.54
C ARG A 490 0.88 -41.05 1.48
N LEU A 491 1.48 -42.08 2.07
CA LEU A 491 0.78 -42.96 3.00
C LEU A 491 0.51 -42.26 4.33
N VAL A 492 1.49 -41.55 4.85
CA VAL A 492 1.32 -40.85 6.11
C VAL A 492 0.11 -39.93 6.05
N ARG A 493 0.06 -39.09 5.02
CA ARG A 493 -1.04 -38.18 4.83
C ARG A 493 -2.36 -38.96 4.77
N ASP A 494 -2.40 -40.03 3.99
CA ASP A 494 -3.61 -40.84 3.86
C ASP A 494 -4.03 -41.46 5.17
N LEU A 495 -3.04 -41.80 5.97
CA LEU A 495 -3.26 -42.38 7.28
C LEU A 495 -3.95 -41.32 8.12
N ASN A 496 -3.36 -40.13 8.16
CA ASN A 496 -3.90 -39.01 8.92
C ASN A 496 -5.35 -38.70 8.55
N LEU A 497 -5.61 -38.53 7.26
CA LEU A 497 -6.95 -38.21 6.79
C LEU A 497 -7.96 -39.33 6.99
N THR A 498 -7.51 -40.58 6.98
CA THR A 498 -8.42 -41.70 7.18
C THR A 498 -8.66 -41.84 8.70
N TYR A 499 -7.58 -41.71 9.48
CA TYR A 499 -7.62 -41.77 10.94
C TYR A 499 -8.67 -40.75 11.41
N ARG A 500 -8.53 -39.50 11.00
CA ARG A 500 -9.53 -38.48 11.31
C ARG A 500 -10.67 -38.94 10.40
N HIS A 501 -11.79 -38.24 10.37
CA HIS A 501 -12.91 -38.69 9.52
C HIS A 501 -13.69 -39.89 10.06
N HIS A 502 -13.02 -41.00 10.32
CA HIS A 502 -13.67 -42.21 10.86
C HIS A 502 -13.54 -42.26 12.39
N LYS A 503 -14.61 -41.92 13.11
CA LYS A 503 -14.60 -41.89 14.57
C LYS A 503 -14.11 -43.19 15.19
N ALA A 504 -14.32 -44.31 14.51
CA ALA A 504 -13.87 -45.59 15.03
C ALA A 504 -12.37 -45.61 15.36
N MET A 505 -11.57 -44.90 14.59
CA MET A 505 -10.12 -44.89 14.81
C MET A 505 -9.61 -43.92 15.84
N HIS A 506 -10.48 -43.15 16.49
CA HIS A 506 -9.97 -42.19 17.46
C HIS A 506 -10.87 -41.74 18.60
N GLU A 507 -12.13 -42.18 18.57
CA GLU A 507 -13.12 -41.78 19.57
C GLU A 507 -13.00 -42.45 20.94
N LEU A 508 -12.70 -43.75 20.96
CA LEU A 508 -12.58 -44.51 22.20
C LEU A 508 -11.23 -45.20 22.42
N ASP A 509 -10.15 -44.43 22.28
CA ASP A 509 -8.80 -44.96 22.47
C ASP A 509 -8.64 -45.47 23.87
N PHE A 510 -9.26 -44.76 24.80
CA PHE A 510 -9.15 -45.09 26.21
C PHE A 510 -10.30 -45.90 26.80
N ASP A 511 -11.12 -46.47 25.93
CA ASP A 511 -12.22 -47.27 26.37
C ASP A 511 -12.11 -48.64 25.73
N PRO A 512 -12.01 -49.72 26.55
CA PRO A 512 -11.89 -51.09 26.02
C PRO A 512 -12.94 -51.45 24.97
N TYR A 513 -14.02 -50.69 24.91
CA TYR A 513 -15.09 -50.92 23.95
C TYR A 513 -14.60 -50.52 22.55
N GLY A 514 -13.58 -49.66 22.51
CA GLY A 514 -13.03 -49.20 21.26
C GLY A 514 -12.06 -50.15 20.58
N PHE A 515 -11.66 -51.22 21.27
CA PHE A 515 -10.72 -52.19 20.71
C PHE A 515 -11.09 -53.61 21.10
N GLU A 516 -10.93 -54.53 20.15
CA GLU A 516 -11.21 -55.94 20.38
C GLU A 516 -10.46 -56.76 19.33
N TRP A 517 -9.84 -57.85 19.76
CA TRP A 517 -9.11 -58.73 18.86
C TRP A 517 -10.03 -59.63 18.08
N LEU A 518 -9.68 -59.83 16.81
CA LEU A 518 -10.41 -60.74 15.95
C LEU A 518 -9.49 -61.95 15.84
N VAL A 519 -8.20 -61.69 15.68
CA VAL A 519 -7.19 -62.74 15.60
C VAL A 519 -5.98 -62.24 16.35
N VAL A 520 -5.78 -62.71 17.57
CA VAL A 520 -4.64 -62.28 18.37
C VAL A 520 -3.55 -63.34 18.44
N ASP A 521 -3.84 -64.55 17.98
CA ASP A 521 -2.88 -65.63 18.08
C ASP A 521 -2.35 -66.32 16.82
N ASP A 522 -2.37 -65.67 15.66
CA ASP A 522 -1.80 -66.34 14.49
C ASP A 522 -0.33 -65.96 14.49
N LYS A 523 0.41 -66.55 15.43
CA LYS A 523 1.84 -66.31 15.57
C LYS A 523 2.68 -66.88 14.44
N GLU A 524 2.34 -68.09 13.98
CA GLU A 524 3.09 -68.75 12.93
C GLU A 524 3.13 -68.03 11.58
N ARG A 525 2.11 -67.22 11.31
CA ARG A 525 2.04 -66.47 10.07
C ARG A 525 2.22 -64.97 10.26
N SER A 526 2.33 -64.54 11.52
CA SER A 526 2.49 -63.13 11.85
C SER A 526 1.36 -62.26 11.30
N VAL A 527 0.14 -62.75 11.47
CA VAL A 527 -1.04 -62.02 11.02
C VAL A 527 -1.83 -61.60 12.27
N LEU A 528 -2.14 -60.31 12.38
CA LEU A 528 -2.91 -59.83 13.52
C LEU A 528 -4.06 -58.97 13.05
N ILE A 529 -5.27 -59.34 13.45
CA ILE A 529 -6.46 -58.61 13.09
C ILE A 529 -7.23 -58.17 14.33
N PHE A 530 -7.76 -56.96 14.27
CA PHE A 530 -8.54 -56.46 15.36
C PHE A 530 -9.52 -55.44 14.82
N VAL A 531 -10.48 -55.08 15.65
CA VAL A 531 -11.48 -54.12 15.25
C VAL A 531 -11.37 -52.87 16.09
N ARG A 532 -11.77 -51.74 15.51
CA ARG A 532 -11.78 -50.48 16.22
C ARG A 532 -13.26 -50.11 16.23
N ARG A 533 -13.70 -49.47 17.30
CA ARG A 533 -15.11 -49.16 17.42
C ARG A 533 -15.33 -47.80 18.02
N ASP A 534 -16.32 -47.09 17.48
CA ASP A 534 -16.67 -45.78 18.00
C ASP A 534 -17.84 -45.96 18.99
N LYS A 535 -18.34 -44.85 19.52
CA LYS A 535 -19.44 -44.87 20.49
C LYS A 535 -20.73 -45.46 19.92
N GLU A 536 -20.94 -45.28 18.62
CA GLU A 536 -22.13 -45.77 17.93
C GLU A 536 -22.10 -47.28 17.76
N GLY A 537 -20.92 -47.87 17.91
CA GLY A 537 -20.79 -49.30 17.74
C GLY A 537 -20.33 -49.69 16.34
N ASN A 538 -20.03 -48.70 15.50
CA ASN A 538 -19.56 -49.00 14.15
C ASN A 538 -18.13 -49.48 14.26
N GLU A 539 -17.77 -50.55 13.55
CA GLU A 539 -16.39 -50.98 13.63
C GLU A 539 -15.62 -51.04 12.30
N ILE A 540 -14.32 -50.85 12.42
CA ILE A 540 -13.42 -50.90 11.28
C ILE A 540 -12.40 -52.02 11.48
N ILE A 541 -12.31 -52.92 10.51
CA ILE A 541 -11.37 -54.02 10.60
C ILE A 541 -9.92 -53.63 10.28
N VAL A 542 -8.99 -54.07 11.11
CA VAL A 542 -7.58 -53.78 10.91
C VAL A 542 -6.80 -55.10 10.81
N ALA A 543 -6.23 -55.36 9.63
CA ALA A 543 -5.46 -56.59 9.43
C ALA A 543 -4.04 -56.30 8.96
N SER A 544 -3.07 -56.89 9.65
CA SER A 544 -1.66 -56.72 9.32
C SER A 544 -0.98 -58.06 9.08
N ASN A 545 -0.20 -58.12 8.01
CA ASN A 545 0.54 -59.30 7.63
C ASN A 545 1.99 -58.88 7.79
N PHE A 546 2.72 -59.52 8.70
CA PHE A 546 4.10 -59.10 8.87
C PHE A 546 5.21 -59.94 8.26
N THR A 547 4.87 -60.70 7.21
CA THR A 547 5.87 -61.46 6.48
C THR A 547 5.60 -61.17 5.00
N PRO A 548 6.59 -61.38 4.13
CA PRO A 548 6.38 -61.10 2.70
C PRO A 548 5.56 -62.19 2.00
N VAL A 549 4.98 -63.09 2.79
CA VAL A 549 4.15 -64.13 2.21
C VAL A 549 2.71 -63.61 2.04
N PRO A 550 2.20 -63.55 0.79
CA PRO A 550 0.83 -63.06 0.59
C PRO A 550 -0.13 -64.12 1.12
N ARG A 551 -1.20 -63.69 1.78
CA ARG A 551 -2.17 -64.63 2.31
C ARG A 551 -3.49 -64.48 1.60
N HIS A 552 -3.88 -65.51 0.86
CA HIS A 552 -5.13 -65.47 0.13
C HIS A 552 -6.15 -66.36 0.82
N ASP A 553 -7.41 -65.98 0.70
CA ASP A 553 -8.49 -66.75 1.31
C ASP A 553 -8.23 -66.90 2.81
N TYR A 554 -7.70 -65.85 3.41
CA TYR A 554 -7.42 -65.88 4.83
C TYR A 554 -8.76 -65.60 5.53
N ARG A 555 -9.27 -66.58 6.27
CA ARG A 555 -10.56 -66.43 6.95
C ARG A 555 -10.46 -66.15 8.43
N PHE A 556 -11.31 -65.25 8.91
CA PHE A 556 -11.34 -64.85 10.31
C PHE A 556 -12.75 -64.39 10.69
N GLY A 557 -13.08 -64.56 11.96
CA GLY A 557 -14.40 -64.18 12.42
C GLY A 557 -14.55 -62.68 12.54
N ILE A 558 -15.74 -62.21 12.26
CA ILE A 558 -16.04 -60.78 12.36
C ILE A 558 -17.33 -60.63 13.17
N ASN A 559 -17.60 -59.41 13.61
CA ASN A 559 -18.78 -59.13 14.43
C ASN A 559 -19.98 -58.62 13.65
N GLN A 560 -19.75 -57.78 12.64
CA GLN A 560 -20.85 -57.22 11.87
C GLN A 560 -20.88 -57.68 10.40
N PRO A 561 -21.56 -58.80 10.13
CA PRO A 561 -21.63 -59.31 8.75
C PRO A 561 -22.17 -58.29 7.72
N GLY A 562 -21.93 -58.57 6.44
CA GLY A 562 -22.34 -57.68 5.39
C GLY A 562 -21.19 -57.43 4.42
N LYS A 563 -21.23 -56.28 3.73
CA LYS A 563 -20.20 -55.92 2.76
C LYS A 563 -19.08 -55.09 3.39
N TRP A 564 -17.84 -55.47 3.09
CA TRP A 564 -16.68 -54.75 3.63
C TRP A 564 -15.75 -54.35 2.47
N ARG A 565 -15.21 -53.13 2.57
CA ARG A 565 -14.30 -52.59 1.54
C ARG A 565 -13.06 -51.94 2.15
N GLU A 566 -11.92 -52.11 1.50
CA GLU A 566 -10.69 -51.50 1.99
C GLU A 566 -10.84 -49.98 1.91
N ILE A 567 -10.30 -49.30 2.90
CA ILE A 567 -10.31 -47.84 2.95
C ILE A 567 -8.86 -47.41 3.08
N LEU A 568 -8.00 -48.37 3.40
CA LEU A 568 -6.57 -48.17 3.51
C LEU A 568 -5.83 -49.47 3.24
N ASN A 569 -4.82 -49.42 2.38
CA ASN A 569 -4.02 -50.59 2.02
C ASN A 569 -2.59 -50.13 1.73
N THR A 570 -1.69 -50.38 2.69
CA THR A 570 -0.30 -49.95 2.54
C THR A 570 0.45 -50.63 1.41
N ASP A 571 -0.19 -51.62 0.76
CA ASP A 571 0.45 -52.33 -0.35
C ASP A 571 0.08 -51.75 -1.71
N SER A 572 -0.78 -50.74 -1.69
CA SER A 572 -1.21 -50.05 -2.91
C SER A 572 -0.03 -49.66 -3.80
N MET A 573 -0.24 -49.69 -5.13
CA MET A 573 0.79 -49.29 -6.08
C MET A 573 1.13 -47.85 -5.68
N HIS A 574 0.11 -47.14 -5.21
CA HIS A 574 0.29 -45.80 -4.70
C HIS A 574 1.15 -46.22 -3.49
N TYR A 575 2.04 -45.38 -2.98
CA TYR A 575 2.91 -45.78 -1.86
C TYR A 575 3.98 -46.80 -2.30
N HIS A 576 3.91 -47.25 -3.55
CA HIS A 576 4.85 -48.22 -4.09
C HIS A 576 4.75 -49.63 -3.53
N GLY A 577 3.54 -50.10 -3.27
CA GLY A 577 3.38 -51.45 -2.78
C GLY A 577 3.24 -52.37 -3.98
N SER A 578 3.04 -53.67 -3.74
CA SER A 578 2.90 -54.60 -4.86
C SER A 578 1.49 -54.62 -5.46
N ASN A 579 0.62 -53.78 -4.91
CA ASN A 579 -0.77 -53.64 -5.34
C ASN A 579 -1.64 -54.88 -5.19
N ALA A 580 -1.42 -55.63 -4.13
CA ALA A 580 -2.21 -56.82 -3.84
C ALA A 580 -3.30 -56.40 -2.83
N GLY A 581 -4.41 -57.13 -2.79
CA GLY A 581 -5.44 -56.76 -1.84
C GLY A 581 -6.77 -57.35 -2.27
N ASN A 582 -7.85 -56.83 -1.70
CA ASN A 582 -9.20 -57.29 -2.04
C ASN A 582 -9.84 -56.22 -2.90
N GLY A 583 -10.28 -56.61 -4.09
CA GLY A 583 -10.88 -55.68 -5.03
C GLY A 583 -12.32 -55.27 -4.80
N GLY A 584 -12.49 -54.06 -4.30
CA GLY A 584 -13.80 -53.50 -4.03
C GLY A 584 -14.98 -54.33 -3.59
N THR A 585 -15.10 -54.49 -2.27
CA THR A 585 -16.22 -55.20 -1.65
C THR A 585 -16.23 -56.70 -1.55
N VAL A 586 -16.02 -57.17 -0.33
CA VAL A 586 -16.03 -58.59 -0.04
C VAL A 586 -17.17 -58.77 0.96
N HIS A 587 -18.04 -59.73 0.71
CA HIS A 587 -19.16 -59.98 1.60
C HIS A 587 -18.80 -61.12 2.55
N SER A 588 -19.20 -61.00 3.81
CA SER A 588 -18.89 -62.02 4.80
C SER A 588 -19.68 -63.30 4.52
N ASP A 589 -19.29 -64.38 5.18
CA ASP A 589 -20.00 -65.65 5.01
C ASP A 589 -20.43 -66.14 6.39
N GLU A 590 -21.51 -66.92 6.44
CA GLU A 590 -21.93 -67.45 7.74
C GLU A 590 -21.18 -68.75 7.89
N ILE A 591 -19.91 -68.62 8.22
CA ILE A 591 -19.04 -69.75 8.40
C ILE A 591 -18.28 -69.47 9.69
N ALA A 592 -18.55 -70.28 10.71
CA ALA A 592 -17.92 -70.13 12.00
C ALA A 592 -16.41 -70.03 11.93
N SER A 593 -15.84 -69.05 12.63
CA SER A 593 -14.39 -68.90 12.66
C SER A 593 -13.96 -68.08 13.86
N HIS A 594 -12.93 -68.53 14.55
CA HIS A 594 -12.44 -67.80 15.70
C HIS A 594 -13.57 -67.59 16.73
N GLY A 595 -14.31 -68.67 16.98
CA GLY A 595 -15.40 -68.62 17.94
C GLY A 595 -16.53 -67.70 17.52
N ARG A 596 -16.52 -67.26 16.28
CA ARG A 596 -17.57 -66.39 15.84
C ARG A 596 -18.38 -67.06 14.77
N GLN A 597 -19.60 -66.55 14.59
CA GLN A 597 -20.53 -67.00 13.59
C GLN A 597 -20.43 -65.87 12.57
N HIS A 598 -20.00 -66.17 11.36
CA HIS A 598 -19.82 -65.17 10.28
C HIS A 598 -18.36 -64.78 10.22
N SER A 599 -17.83 -64.70 9.02
CA SER A 599 -16.42 -64.38 8.80
C SER A 599 -16.20 -63.73 7.43
N LEU A 600 -14.97 -63.30 7.17
CA LEU A 600 -14.72 -62.65 5.90
C LEU A 600 -13.96 -63.39 4.78
N SER A 601 -12.76 -63.89 5.07
CA SER A 601 -11.91 -64.55 4.05
C SER A 601 -11.39 -63.50 3.09
N LEU A 602 -10.21 -62.98 3.38
CA LEU A 602 -9.60 -61.93 2.58
C LEU A 602 -8.18 -62.26 2.12
N THR A 603 -7.66 -61.38 1.26
CA THR A 603 -6.29 -61.48 0.77
C THR A 603 -5.53 -60.49 1.65
N LEU A 604 -4.51 -60.98 2.34
CA LEU A 604 -3.69 -60.12 3.19
C LEU A 604 -2.38 -59.86 2.47
N PRO A 605 -2.23 -58.64 1.91
CA PRO A 605 -1.01 -58.26 1.18
C PRO A 605 0.25 -58.54 1.99
N PRO A 606 1.37 -58.79 1.30
CA PRO A 606 2.64 -59.07 2.00
C PRO A 606 3.16 -57.80 2.68
N LEU A 607 3.82 -57.98 3.84
CA LEU A 607 4.36 -56.85 4.61
C LEU A 607 3.47 -55.62 4.51
N ALA A 608 2.22 -55.75 4.96
CA ALA A 608 1.29 -54.63 4.86
C ALA A 608 0.07 -54.75 5.75
N THR A 609 -0.59 -53.63 5.99
CA THR A 609 -1.81 -53.65 6.77
C THR A 609 -2.94 -52.94 6.00
N ILE A 610 -4.15 -53.45 6.13
CA ILE A 610 -5.31 -52.88 5.46
C ILE A 610 -6.38 -52.55 6.50
N TRP A 611 -7.28 -51.62 6.15
CA TRP A 611 -8.38 -51.24 7.02
C TRP A 611 -9.62 -51.41 6.18
N LEU A 612 -10.66 -52.01 6.75
CA LEU A 612 -11.90 -52.19 6.02
C LEU A 612 -13.06 -51.57 6.79
N VAL A 613 -14.03 -51.06 6.04
CA VAL A 613 -15.22 -50.46 6.61
C VAL A 613 -16.41 -51.20 6.02
N ARG A 614 -17.51 -51.26 6.77
CA ARG A 614 -18.69 -51.95 6.31
C ARG A 614 -19.54 -51.01 5.46
N GLU A 615 -20.12 -51.54 4.40
CA GLU A 615 -20.93 -50.71 3.53
C GLU A 615 -22.40 -50.93 3.81
N ALA A 616 -23.10 -49.86 4.14
CA ALA A 616 -24.51 -49.97 4.43
C ALA A 616 -25.25 -50.35 3.15
N GLU A 617 -26.39 -51.01 3.29
CA GLU A 617 -27.16 -51.43 2.13
C GLU A 617 -28.56 -50.84 2.12
N THR B 6 -42.69 -10.73 13.80
CA THR B 6 -43.68 -9.70 13.38
C THR B 6 -44.26 -10.08 12.02
N HIS B 7 -44.10 -9.20 11.04
CA HIS B 7 -44.59 -9.45 9.70
C HIS B 7 -43.47 -10.21 8.99
N LEU B 8 -42.27 -10.14 9.55
CA LEU B 8 -41.12 -10.82 8.95
C LEU B 8 -41.14 -12.30 9.24
N ARG B 9 -41.77 -12.68 10.36
CA ARG B 9 -41.85 -14.08 10.74
C ARG B 9 -43.29 -14.49 11.04
N PRO B 10 -44.16 -14.46 10.02
CA PRO B 10 -45.58 -14.83 10.21
C PRO B 10 -45.77 -16.29 10.65
N TYR B 11 -44.77 -17.13 10.36
CA TYR B 11 -44.84 -18.55 10.69
C TYR B 11 -44.67 -18.78 12.19
N GLU B 12 -44.43 -17.71 12.93
CA GLU B 12 -44.27 -17.81 14.37
C GLU B 12 -45.64 -17.62 15.04
N THR B 13 -46.60 -17.06 14.30
CA THR B 13 -47.94 -16.86 14.80
C THR B 13 -48.96 -17.66 14.01
N LEU B 14 -48.92 -17.54 12.68
CA LEU B 14 -49.84 -18.29 11.81
C LEU B 14 -49.59 -19.79 11.90
N GLY B 15 -50.62 -20.59 11.64
CA GLY B 15 -50.45 -22.03 11.71
C GLY B 15 -50.96 -22.60 13.02
N ALA B 16 -50.50 -23.81 13.36
CA ALA B 16 -50.90 -24.49 14.59
C ALA B 16 -49.76 -24.48 15.61
N HIS B 17 -49.95 -23.74 16.71
CA HIS B 17 -48.93 -23.63 17.76
C HIS B 17 -49.50 -24.06 19.12
N ALA B 18 -48.68 -24.66 19.97
CA ALA B 18 -49.17 -25.08 21.27
C ALA B 18 -49.38 -23.88 22.19
N ASP B 19 -50.45 -23.94 22.98
CA ASP B 19 -50.74 -22.86 23.91
C ASP B 19 -51.61 -23.34 25.05
N THR B 20 -51.59 -22.58 26.13
CA THR B 20 -52.38 -22.91 27.31
C THR B 20 -53.33 -21.76 27.63
N MET B 21 -54.61 -22.10 27.81
CA MET B 21 -55.62 -21.12 28.14
C MET B 21 -56.20 -21.45 29.53
N ASP B 22 -55.84 -20.63 30.51
CA ASP B 22 -56.29 -20.77 31.90
C ASP B 22 -56.02 -22.15 32.50
N GLY B 23 -54.82 -22.67 32.24
CA GLY B 23 -54.43 -23.97 32.77
C GLY B 23 -54.68 -25.13 31.83
N VAL B 24 -55.50 -24.90 30.80
CA VAL B 24 -55.83 -25.95 29.83
C VAL B 24 -54.95 -25.85 28.57
N THR B 25 -54.21 -26.91 28.29
CA THR B 25 -53.35 -26.94 27.11
C THR B 25 -54.08 -27.39 25.84
N GLY B 26 -53.50 -27.06 24.70
CA GLY B 26 -54.05 -27.42 23.40
C GLY B 26 -53.28 -26.62 22.38
N THR B 27 -53.88 -26.33 21.23
CA THR B 27 -53.17 -25.54 20.25
C THR B 27 -54.02 -24.44 19.63
N ARG B 28 -53.39 -23.30 19.39
CA ARG B 28 -54.06 -22.17 18.78
C ARG B 28 -53.85 -22.26 17.26
N PHE B 29 -54.93 -22.17 16.52
CA PHE B 29 -54.85 -22.25 15.06
C PHE B 29 -55.15 -20.88 14.47
N SER B 30 -54.33 -20.47 13.49
CA SER B 30 -54.51 -19.19 12.82
C SER B 30 -54.29 -19.38 11.32
N VAL B 31 -55.25 -18.91 10.54
CA VAL B 31 -55.20 -19.03 9.10
C VAL B 31 -55.72 -17.73 8.47
N TRP B 32 -54.94 -17.18 7.55
CA TRP B 32 -55.29 -15.95 6.84
C TRP B 32 -56.28 -16.30 5.73
N ALA B 33 -57.46 -15.67 5.75
CA ALA B 33 -58.49 -15.93 4.75
C ALA B 33 -59.62 -14.89 4.89
N PRO B 34 -59.31 -13.61 4.64
CA PRO B 34 -60.23 -12.47 4.73
C PRO B 34 -61.58 -12.52 4.00
N ASN B 35 -61.72 -13.31 2.96
CA ASN B 35 -62.99 -13.36 2.23
C ASN B 35 -63.63 -14.72 2.44
N ALA B 36 -63.02 -15.52 3.30
CA ALA B 36 -63.47 -16.86 3.60
C ALA B 36 -64.95 -17.03 3.87
N ARG B 37 -65.55 -16.14 4.66
CA ARG B 37 -66.99 -16.26 4.99
C ARG B 37 -67.22 -17.18 6.20
N ARG B 38 -66.53 -18.32 6.24
CA ARG B 38 -66.66 -19.25 7.35
C ARG B 38 -65.55 -20.30 7.32
N VAL B 39 -64.92 -20.53 8.47
CA VAL B 39 -63.84 -21.54 8.58
C VAL B 39 -63.83 -22.24 9.94
N SER B 40 -63.74 -23.57 9.91
CA SER B 40 -63.68 -24.37 11.13
C SER B 40 -62.43 -25.25 11.12
N VAL B 41 -62.02 -25.73 12.28
CA VAL B 41 -60.86 -26.60 12.33
C VAL B 41 -61.36 -28.02 12.45
N VAL B 42 -60.95 -28.89 11.53
CA VAL B 42 -61.36 -30.28 11.56
C VAL B 42 -60.11 -31.13 11.75
N GLY B 43 -60.17 -32.08 12.68
CA GLY B 43 -59.00 -32.90 12.91
C GLY B 43 -59.30 -34.14 13.72
N GLN B 44 -58.26 -34.91 14.04
CA GLN B 44 -58.41 -36.13 14.81
C GLN B 44 -59.05 -35.84 16.18
N PHE B 45 -58.84 -34.62 16.65
CA PHE B 45 -59.38 -34.19 17.91
C PHE B 45 -60.86 -33.89 17.77
N ASN B 46 -61.28 -33.61 16.54
CA ASN B 46 -62.67 -33.29 16.20
C ASN B 46 -63.44 -34.51 15.72
N TYR B 47 -62.69 -35.50 15.23
CA TYR B 47 -63.23 -36.71 14.61
C TYR B 47 -63.67 -36.15 13.27
N TRP B 48 -62.98 -35.09 12.88
CA TRP B 48 -63.20 -34.37 11.64
C TRP B 48 -64.58 -33.79 11.54
N ASP B 49 -65.11 -33.38 12.69
CA ASP B 49 -66.41 -32.76 12.77
C ASP B 49 -66.12 -31.37 13.29
N GLY B 50 -66.19 -30.39 12.39
CA GLY B 50 -65.88 -29.01 12.74
C GLY B 50 -67.02 -28.19 13.34
N ARG B 51 -68.24 -28.72 13.29
CA ARG B 51 -69.37 -27.99 13.88
C ARG B 51 -68.88 -27.68 15.29
N ARG B 52 -67.97 -28.55 15.73
CA ARG B 52 -67.33 -28.51 17.02
C ARG B 52 -66.59 -27.19 17.31
N HIS B 53 -65.66 -26.84 16.44
CA HIS B 53 -64.85 -25.63 16.66
C HIS B 53 -64.84 -24.59 15.53
N PRO B 54 -65.75 -23.61 15.60
CA PRO B 54 -65.82 -22.56 14.58
C PRO B 54 -64.69 -21.58 14.87
N MET B 55 -64.13 -20.99 13.82
CA MET B 55 -63.04 -20.04 14.01
C MET B 55 -63.57 -18.62 13.98
N ARG B 56 -62.90 -17.74 14.73
CA ARG B 56 -63.33 -16.35 14.81
C ARG B 56 -62.45 -15.46 13.91
N LEU B 57 -63.09 -14.83 12.94
CA LEU B 57 -62.39 -13.97 11.99
C LEU B 57 -62.06 -12.60 12.58
N ARG B 58 -60.80 -12.22 12.49
CA ARG B 58 -60.36 -10.92 13.01
C ARG B 58 -60.32 -9.98 11.80
N LYS B 59 -61.45 -9.34 11.52
CA LYS B 59 -61.61 -8.43 10.39
C LYS B 59 -60.43 -7.52 10.12
N GLU B 60 -59.83 -6.98 11.17
CA GLU B 60 -58.70 -6.10 10.99
C GLU B 60 -57.57 -6.75 10.19
N SER B 61 -57.28 -8.03 10.47
CA SER B 61 -56.20 -8.74 9.78
C SER B 61 -56.62 -9.80 8.76
N GLY B 62 -57.88 -10.22 8.79
CA GLY B 62 -58.32 -11.24 7.84
C GLY B 62 -57.90 -12.62 8.28
N ILE B 63 -57.36 -12.71 9.48
CA ILE B 63 -56.92 -13.98 10.01
C ILE B 63 -57.96 -14.60 10.91
N TRP B 64 -58.21 -15.90 10.72
CA TRP B 64 -59.15 -16.63 11.55
C TRP B 64 -58.32 -17.33 12.61
N GLU B 65 -58.76 -17.28 13.86
CA GLU B 65 -58.03 -17.96 14.91
C GLU B 65 -58.95 -18.70 15.84
N LEU B 66 -58.42 -19.71 16.51
CA LEU B 66 -59.20 -20.51 17.43
C LEU B 66 -58.32 -21.39 18.29
N PHE B 67 -58.49 -21.29 19.61
CA PHE B 67 -57.73 -22.14 20.51
C PHE B 67 -58.60 -23.36 20.78
N ILE B 68 -58.03 -24.55 20.62
CA ILE B 68 -58.76 -25.77 20.87
C ILE B 68 -58.04 -26.55 21.95
N PRO B 69 -58.70 -26.74 23.10
CA PRO B 69 -58.09 -27.48 24.20
C PRO B 69 -58.04 -28.97 23.85
N GLY B 70 -56.97 -29.63 24.24
CA GLY B 70 -56.86 -31.05 23.96
C GLY B 70 -56.09 -31.35 22.68
N ALA B 71 -56.21 -30.47 21.69
CA ALA B 71 -55.49 -30.66 20.43
C ALA B 71 -54.00 -30.54 20.78
N HIS B 72 -53.20 -31.53 20.39
CA HIS B 72 -51.77 -31.52 20.68
C HIS B 72 -50.90 -31.96 19.50
N ASN B 73 -49.59 -31.80 19.63
CA ASN B 73 -48.67 -32.19 18.56
C ASN B 73 -48.84 -33.65 18.20
N GLY B 74 -48.79 -33.96 16.91
CA GLY B 74 -48.92 -35.33 16.47
C GLY B 74 -50.22 -35.63 15.75
N GLN B 75 -51.21 -34.77 15.92
CA GLN B 75 -52.51 -34.96 15.28
C GLN B 75 -52.65 -34.24 13.94
N LEU B 76 -53.46 -34.83 13.07
CA LEU B 76 -53.72 -34.29 11.75
C LEU B 76 -54.96 -33.42 11.74
N TYR B 77 -54.90 -32.31 11.01
CA TYR B 77 -56.06 -31.42 10.95
C TYR B 77 -56.19 -30.73 9.60
N LYS B 78 -57.24 -29.93 9.49
CA LYS B 78 -57.52 -29.17 8.29
C LYS B 78 -58.45 -28.01 8.65
N TYR B 79 -58.63 -27.11 7.69
CA TYR B 79 -59.54 -25.98 7.88
C TYR B 79 -60.73 -26.23 6.96
N GLU B 80 -61.92 -26.31 7.55
CA GLU B 80 -63.13 -26.52 6.78
C GLU B 80 -63.75 -25.15 6.52
N MET B 81 -63.57 -24.62 5.31
CA MET B 81 -64.12 -23.30 5.04
C MET B 81 -65.28 -23.27 4.09
N ILE B 82 -65.96 -22.14 4.09
CA ILE B 82 -67.09 -21.90 3.22
C ILE B 82 -66.68 -20.76 2.30
N ASP B 83 -66.28 -21.11 1.08
CA ASP B 83 -65.87 -20.16 0.04
C ASP B 83 -66.44 -18.75 0.08
N ALA B 84 -65.69 -17.81 -0.49
CA ALA B 84 -66.14 -16.44 -0.58
C ALA B 84 -67.30 -16.55 -1.56
N ASN B 85 -67.40 -17.72 -2.18
CA ASN B 85 -68.45 -18.00 -3.14
C ASN B 85 -69.51 -18.90 -2.52
N GLY B 86 -69.29 -19.33 -1.28
CA GLY B 86 -70.26 -20.18 -0.61
C GLY B 86 -70.01 -21.65 -0.83
N ASN B 87 -68.78 -22.00 -1.19
CA ASN B 87 -68.37 -23.38 -1.44
C ASN B 87 -67.65 -24.02 -0.27
N LEU B 88 -68.03 -25.25 0.06
CA LEU B 88 -67.41 -25.97 1.17
C LEU B 88 -66.09 -26.51 0.69
N ARG B 89 -65.00 -26.03 1.28
CA ARG B 89 -63.67 -26.46 0.87
C ARG B 89 -62.84 -26.89 2.07
N LEU B 90 -62.05 -27.95 1.88
CA LEU B 90 -61.16 -28.45 2.92
C LEU B 90 -59.77 -27.97 2.52
N LYS B 91 -59.19 -27.09 3.31
CA LYS B 91 -57.87 -26.55 2.98
C LYS B 91 -56.78 -27.08 3.89
N SER B 92 -55.58 -27.29 3.33
CA SER B 92 -54.46 -27.72 4.15
C SER B 92 -53.85 -26.41 4.62
N ASP B 93 -53.14 -26.43 5.74
CA ASP B 93 -52.55 -25.21 6.26
C ASP B 93 -51.35 -24.83 5.43
N PRO B 94 -51.32 -23.60 4.91
CA PRO B 94 -50.16 -23.18 4.11
C PRO B 94 -48.91 -23.08 4.99
N TYR B 95 -49.12 -23.02 6.28
CA TYR B 95 -48.03 -22.93 7.24
C TYR B 95 -47.82 -24.25 7.96
N ALA B 96 -48.17 -25.35 7.30
CA ALA B 96 -48.01 -26.67 7.88
C ALA B 96 -46.52 -26.98 7.95
N PHE B 97 -46.06 -27.30 9.16
CA PHE B 97 -44.66 -27.61 9.42
C PHE B 97 -44.32 -29.07 9.16
N GLU B 98 -45.31 -29.80 8.67
CA GLU B 98 -45.20 -31.19 8.29
C GLU B 98 -46.55 -31.52 7.73
N ALA B 99 -46.59 -32.20 6.60
CA ALA B 99 -47.86 -32.53 5.97
C ALA B 99 -48.05 -34.04 5.93
N GLN B 100 -48.94 -34.49 5.05
CA GLN B 100 -49.19 -35.92 4.89
C GLN B 100 -49.68 -36.19 3.47
N PRO B 103 -52.98 -40.05 2.09
CA PRO B 103 -53.99 -39.30 1.33
C PRO B 103 -54.57 -38.13 2.11
N GLU B 104 -55.65 -37.56 1.57
CA GLU B 104 -56.32 -36.41 2.18
C GLU B 104 -55.42 -35.18 2.31
N THR B 105 -54.11 -35.39 2.35
CA THR B 105 -53.13 -34.31 2.46
C THR B 105 -53.28 -33.40 3.68
N ALA B 106 -53.64 -33.96 4.82
CA ALA B 106 -53.81 -33.16 6.02
C ALA B 106 -52.54 -32.45 6.52
N SER B 107 -52.73 -31.47 7.39
CA SER B 107 -51.61 -30.75 7.99
C SER B 107 -51.44 -31.41 9.35
N LEU B 108 -50.22 -31.51 9.81
CA LEU B 108 -49.97 -32.16 11.10
C LEU B 108 -49.52 -31.17 12.17
N ILE B 109 -50.07 -31.29 13.38
CA ILE B 109 -49.68 -30.36 14.45
C ILE B 109 -48.34 -30.71 15.03
N CYS B 110 -47.53 -29.67 15.16
CA CYS B 110 -46.19 -29.72 15.73
C CYS B 110 -45.88 -28.24 15.75
N GLY B 111 -45.03 -27.82 16.66
CA GLY B 111 -44.74 -26.40 16.69
C GLY B 111 -43.65 -26.09 15.69
N LEU B 112 -42.72 -25.26 16.14
CA LEU B 112 -41.59 -24.89 15.33
C LEU B 112 -40.40 -25.57 15.96
N PRO B 113 -39.43 -26.04 15.15
CA PRO B 113 -38.29 -26.67 15.81
C PRO B 113 -37.65 -25.56 16.63
N GLU B 114 -36.73 -25.92 17.52
CA GLU B 114 -36.11 -24.93 18.35
C GLU B 114 -35.69 -23.67 17.60
N LYS B 115 -34.47 -23.59 17.09
CA LYS B 115 -34.03 -22.36 16.41
C LYS B 115 -32.53 -22.40 16.38
N VAL B 116 -31.94 -22.38 15.19
CA VAL B 116 -30.51 -22.50 15.10
C VAL B 116 -29.69 -21.25 14.93
N VAL B 117 -28.62 -21.15 15.72
CA VAL B 117 -27.70 -20.03 15.70
C VAL B 117 -26.66 -20.37 14.63
N GLN B 118 -26.31 -19.41 13.77
CA GLN B 118 -25.32 -19.71 12.75
C GLN B 118 -23.93 -19.39 13.25
N THR B 119 -23.06 -20.40 13.21
CA THR B 119 -21.69 -20.25 13.66
C THR B 119 -20.91 -19.34 12.73
N GLU B 120 -19.75 -18.87 13.21
CA GLU B 120 -18.90 -18.00 12.41
C GLU B 120 -18.21 -18.88 11.36
N GLU B 121 -18.08 -20.16 11.68
CA GLU B 121 -17.47 -21.12 10.77
C GLU B 121 -18.28 -21.17 9.50
N ARG B 122 -19.57 -21.45 9.64
CA ARG B 122 -20.47 -21.54 8.50
C ARG B 122 -20.69 -20.21 7.78
N LYS B 123 -20.66 -19.11 8.52
CA LYS B 123 -20.86 -17.82 7.90
C LYS B 123 -19.67 -17.57 6.99
N LYS B 124 -18.50 -17.86 7.53
CA LYS B 124 -17.25 -17.69 6.82
C LYS B 124 -17.18 -18.61 5.60
N ALA B 125 -17.70 -19.83 5.75
CA ALA B 125 -17.69 -20.81 4.66
C ALA B 125 -18.48 -20.30 3.47
N ASN B 126 -19.36 -19.33 3.71
CA ASN B 126 -20.21 -18.74 2.68
C ASN B 126 -19.63 -17.49 2.03
N GLN B 127 -18.56 -16.94 2.59
CA GLN B 127 -17.98 -15.71 2.05
C GLN B 127 -17.32 -15.81 0.64
N PHE B 128 -17.28 -14.67 -0.07
CA PHE B 128 -16.71 -14.59 -1.42
C PHE B 128 -15.27 -15.06 -1.58
N ASP B 129 -14.46 -14.95 -0.54
CA ASP B 129 -13.05 -15.36 -0.61
C ASP B 129 -12.80 -16.82 -0.24
N ALA B 130 -13.85 -17.51 0.22
CA ALA B 130 -13.73 -18.91 0.61
C ALA B 130 -13.83 -19.89 -0.54
N PRO B 131 -13.28 -21.09 -0.36
CA PRO B 131 -13.39 -22.08 -1.43
C PRO B 131 -14.77 -22.66 -1.30
N ILE B 132 -15.54 -22.68 -2.39
CA ILE B 132 -16.88 -23.22 -2.31
C ILE B 132 -17.10 -24.30 -3.35
N SER B 133 -17.09 -25.55 -2.88
CA SER B 133 -17.30 -26.69 -3.75
C SER B 133 -18.61 -27.36 -3.31
N ILE B 134 -19.61 -27.25 -4.18
CA ILE B 134 -20.94 -27.77 -3.89
C ILE B 134 -21.27 -29.11 -4.52
N TYR B 135 -21.77 -30.02 -3.69
CA TYR B 135 -22.20 -31.34 -4.17
C TYR B 135 -23.71 -31.24 -4.20
N GLU B 136 -24.26 -31.20 -5.42
CA GLU B 136 -25.71 -31.10 -5.58
C GLU B 136 -26.37 -32.47 -5.47
N VAL B 137 -27.42 -32.54 -4.66
CA VAL B 137 -28.11 -33.79 -4.39
C VAL B 137 -29.63 -33.76 -4.40
N HIS B 138 -30.21 -34.86 -4.84
CA HIS B 138 -31.65 -35.08 -4.85
C HIS B 138 -31.74 -36.24 -3.86
N LEU B 139 -32.20 -35.95 -2.65
CA LEU B 139 -32.29 -36.97 -1.60
C LEU B 139 -33.07 -38.21 -1.94
N GLY B 140 -33.95 -38.12 -2.94
CA GLY B 140 -34.75 -39.27 -3.31
C GLY B 140 -34.15 -40.19 -4.36
N SER B 141 -32.94 -39.89 -4.80
CA SER B 141 -32.31 -40.72 -5.82
C SER B 141 -30.80 -40.85 -5.63
N TRP B 142 -30.28 -40.25 -4.57
CA TRP B 142 -28.85 -40.32 -4.30
C TRP B 142 -28.47 -41.79 -4.20
N ARG B 143 -29.01 -42.46 -3.19
CA ARG B 143 -28.75 -43.88 -2.98
C ARG B 143 -30.08 -44.53 -2.68
N ARG B 144 -30.12 -45.85 -2.75
CA ARG B 144 -31.35 -46.57 -2.48
C ARG B 144 -31.05 -47.92 -1.86
N HIS B 145 -31.97 -48.39 -1.03
CA HIS B 145 -31.77 -49.69 -0.42
C HIS B 145 -31.79 -50.77 -1.50
N THR B 146 -30.63 -51.41 -1.62
CA THR B 146 -30.34 -52.44 -2.60
C THR B 146 -31.43 -53.47 -2.83
N ASP B 147 -32.09 -53.89 -1.77
CA ASP B 147 -33.12 -54.90 -1.97
C ASP B 147 -34.47 -54.31 -2.32
N ASN B 148 -35.06 -53.62 -1.35
CA ASN B 148 -36.37 -53.01 -1.52
C ASN B 148 -36.39 -51.86 -2.52
N ASN B 149 -35.26 -51.17 -2.63
CA ASN B 149 -35.15 -50.01 -3.50
C ASN B 149 -35.88 -48.84 -2.86
N PHE B 150 -36.01 -48.92 -1.54
CA PHE B 150 -36.65 -47.87 -0.78
C PHE B 150 -35.65 -46.71 -0.62
N TRP B 151 -36.20 -45.53 -0.45
CA TRP B 151 -35.43 -44.32 -0.24
C TRP B 151 -34.67 -44.49 1.08
N LEU B 152 -33.58 -43.73 1.25
CA LEU B 152 -32.86 -43.76 2.52
C LEU B 152 -33.55 -42.70 3.34
N SER B 153 -33.64 -42.89 4.64
CA SER B 153 -34.27 -41.92 5.54
C SER B 153 -33.30 -40.77 5.81
N TYR B 154 -33.78 -39.69 6.43
CA TYR B 154 -32.92 -38.56 6.75
C TYR B 154 -31.79 -39.04 7.65
N ARG B 155 -32.12 -39.93 8.57
CA ARG B 155 -31.17 -40.50 9.51
C ARG B 155 -30.10 -41.24 8.71
N GLU B 156 -30.54 -42.07 7.78
CA GLU B 156 -29.61 -42.83 6.96
C GLU B 156 -28.74 -41.90 6.09
N LEU B 157 -29.38 -40.92 5.46
CA LEU B 157 -28.66 -39.96 4.63
C LEU B 157 -27.63 -39.21 5.47
N ALA B 158 -27.95 -38.98 6.75
CA ALA B 158 -27.04 -38.28 7.65
C ALA B 158 -25.85 -39.15 8.00
N ASP B 159 -26.02 -40.48 7.90
CA ASP B 159 -24.92 -41.38 8.23
C ASP B 159 -24.12 -41.83 7.02
N GLN B 160 -24.66 -41.65 5.82
CA GLN B 160 -23.97 -42.06 4.59
C GLN B 160 -23.64 -40.90 3.67
N LEU B 161 -24.62 -40.04 3.38
CA LEU B 161 -24.42 -38.90 2.52
C LEU B 161 -23.46 -37.85 3.09
N VAL B 162 -23.72 -37.40 4.31
CA VAL B 162 -22.88 -36.39 4.94
C VAL B 162 -21.43 -36.83 5.02
N PRO B 163 -21.17 -38.07 5.47
CA PRO B 163 -19.79 -38.53 5.56
C PRO B 163 -19.16 -38.66 4.17
N TYR B 164 -19.98 -39.05 3.19
CA TYR B 164 -19.49 -39.21 1.83
C TYR B 164 -19.06 -37.86 1.24
N ALA B 165 -19.95 -36.87 1.30
CA ALA B 165 -19.67 -35.53 0.76
C ALA B 165 -18.48 -34.91 1.46
N LYS B 166 -18.39 -35.16 2.76
CA LYS B 166 -17.31 -34.64 3.57
C LYS B 166 -15.98 -35.28 3.17
N TRP B 167 -16.00 -36.58 2.91
CA TRP B 167 -14.78 -37.29 2.51
C TRP B 167 -14.35 -36.84 1.14
N MET B 168 -15.32 -36.66 0.25
CA MET B 168 -15.07 -36.23 -1.11
C MET B 168 -14.47 -34.85 -1.20
N GLY B 169 -14.44 -34.15 -0.07
CA GLY B 169 -13.85 -32.83 -0.03
C GLY B 169 -14.77 -31.65 -0.28
N PHE B 170 -16.07 -31.87 -0.39
CA PHE B 170 -16.96 -30.76 -0.63
C PHE B 170 -17.12 -29.89 0.62
N THR B 171 -17.43 -28.62 0.43
CA THR B 171 -17.61 -27.73 1.57
C THR B 171 -19.10 -27.52 1.79
N HIS B 172 -19.86 -27.63 0.70
CA HIS B 172 -21.31 -27.45 0.75
C HIS B 172 -22.08 -28.59 0.18
N LEU B 173 -23.33 -28.69 0.62
CA LEU B 173 -24.25 -29.72 0.18
C LEU B 173 -25.47 -28.95 -0.33
N GLU B 174 -25.83 -29.11 -1.61
CA GLU B 174 -27.00 -28.41 -2.13
C GLU B 174 -28.11 -29.43 -2.36
N LEU B 175 -29.29 -29.14 -1.81
CA LEU B 175 -30.40 -30.06 -1.92
C LEU B 175 -31.51 -29.60 -2.84
N LEU B 176 -32.01 -30.51 -3.67
CA LEU B 176 -33.09 -30.15 -4.54
C LEU B 176 -34.23 -29.94 -3.53
N PRO B 177 -35.21 -29.09 -3.86
CA PRO B 177 -36.35 -28.77 -3.00
C PRO B 177 -36.86 -29.84 -2.00
N ILE B 178 -36.57 -29.67 -0.72
CA ILE B 178 -37.08 -30.64 0.23
C ILE B 178 -38.46 -30.28 0.77
N ASN B 179 -39.06 -29.21 0.26
CA ASN B 179 -40.40 -28.86 0.72
C ASN B 179 -41.34 -29.96 0.21
N GLU B 180 -42.49 -30.12 0.84
CA GLU B 180 -43.40 -31.17 0.45
C GLU B 180 -43.97 -31.02 -0.95
N HIS B 181 -44.04 -32.13 -1.66
CA HIS B 181 -44.58 -32.13 -3.02
C HIS B 181 -45.12 -33.52 -3.32
N PRO B 182 -46.23 -33.61 -4.05
CA PRO B 182 -46.87 -34.88 -4.39
C PRO B 182 -46.20 -35.79 -5.42
N PHE B 183 -45.45 -35.23 -6.35
CA PHE B 183 -44.84 -36.09 -7.37
C PHE B 183 -43.34 -36.06 -7.38
N ASP B 184 -42.73 -37.25 -7.42
CA ASP B 184 -41.28 -37.35 -7.44
C ASP B 184 -40.72 -36.67 -8.67
N GLY B 185 -41.33 -36.99 -9.81
CA GLY B 185 -40.91 -36.44 -11.10
C GLY B 185 -40.67 -34.95 -11.22
N SER B 186 -41.24 -34.15 -10.31
CA SER B 186 -41.05 -32.70 -10.35
C SER B 186 -39.73 -32.37 -9.67
N TRP B 187 -39.23 -33.36 -8.92
CA TRP B 187 -37.98 -33.28 -8.16
C TRP B 187 -38.11 -32.29 -7.02
N GLY B 188 -39.31 -31.76 -6.82
CA GLY B 188 -39.55 -30.82 -5.75
C GLY B 188 -39.74 -29.38 -6.21
N TYR B 189 -39.82 -29.15 -7.52
CA TYR B 189 -40.01 -27.79 -8.03
C TYR B 189 -41.48 -27.39 -8.18
N GLN B 190 -42.37 -28.33 -7.92
CA GLN B 190 -43.81 -28.12 -7.93
C GLN B 190 -44.22 -28.53 -6.51
N PRO B 191 -44.10 -27.62 -5.53
CA PRO B 191 -44.46 -27.86 -4.12
C PRO B 191 -45.92 -27.62 -3.74
N THR B 192 -46.29 -28.10 -2.56
CA THR B 192 -47.63 -27.91 -2.00
C THR B 192 -47.51 -27.58 -0.50
N GLY B 193 -46.33 -27.81 0.06
CA GLY B 193 -46.08 -27.54 1.46
C GLY B 193 -44.75 -26.83 1.64
N LEU B 194 -44.81 -25.51 1.57
CA LEU B 194 -43.63 -24.65 1.68
C LEU B 194 -42.88 -24.75 3.01
N TYR B 195 -43.63 -24.87 4.10
CA TYR B 195 -43.01 -24.94 5.43
C TYR B 195 -42.80 -26.35 5.97
N ALA B 196 -43.16 -27.35 5.17
CA ALA B 196 -43.05 -28.73 5.57
C ALA B 196 -41.99 -29.57 4.82
N PRO B 197 -40.96 -30.04 5.54
CA PRO B 197 -39.92 -30.86 4.91
C PRO B 197 -40.62 -32.12 4.38
N THR B 198 -40.21 -32.66 3.24
CA THR B 198 -40.89 -33.85 2.72
C THR B 198 -40.87 -35.09 3.64
N ARG B 199 -42.07 -35.63 3.88
CA ARG B 199 -42.28 -36.79 4.74
C ARG B 199 -41.80 -38.10 4.09
N ARG B 200 -41.11 -38.01 2.95
CA ARG B 200 -40.62 -39.21 2.24
C ARG B 200 -39.47 -39.89 2.94
N PHE B 201 -38.63 -39.09 3.58
CA PHE B 201 -37.45 -39.61 4.24
C PHE B 201 -37.52 -39.61 5.76
N GLY B 202 -38.63 -39.09 6.29
CA GLY B 202 -38.81 -39.04 7.73
C GLY B 202 -39.64 -37.85 8.16
N THR B 203 -39.52 -37.50 9.44
CA THR B 203 -40.26 -36.38 9.99
C THR B 203 -39.42 -35.11 9.91
N ARG B 204 -40.03 -33.98 10.20
CA ARG B 204 -39.30 -32.73 10.12
C ARG B 204 -38.16 -32.70 11.14
N ASP B 205 -38.26 -33.55 12.15
CA ASP B 205 -37.23 -33.63 13.19
C ASP B 205 -36.07 -34.49 12.68
N ASP B 206 -36.41 -35.49 11.88
CA ASP B 206 -35.42 -36.37 11.27
C ASP B 206 -34.61 -35.53 10.32
N PHE B 207 -35.29 -34.63 9.61
CA PHE B 207 -34.64 -33.73 8.67
C PHE B 207 -33.68 -32.77 9.38
N ARG B 208 -34.13 -32.19 10.49
CA ARG B 208 -33.30 -31.28 11.27
C ARG B 208 -32.08 -32.07 11.78
N TYR B 209 -32.26 -33.35 12.08
CA TYR B 209 -31.14 -34.18 12.54
C TYR B 209 -30.13 -34.25 11.38
N PHE B 210 -30.64 -34.30 10.15
CA PHE B 210 -29.81 -34.35 8.96
C PHE B 210 -29.01 -33.06 8.80
N ILE B 211 -29.65 -31.90 8.96
CA ILE B 211 -28.93 -30.64 8.83
C ILE B 211 -27.86 -30.50 9.91
N ASP B 212 -28.21 -30.90 11.13
CA ASP B 212 -27.28 -30.83 12.25
C ASP B 212 -26.11 -31.79 12.04
N ALA B 213 -26.40 -32.93 11.41
CA ALA B 213 -25.38 -33.92 11.11
C ALA B 213 -24.37 -33.30 10.14
N ALA B 214 -24.87 -32.64 9.10
CA ALA B 214 -24.04 -31.99 8.11
C ALA B 214 -23.12 -30.94 8.73
N HIS B 215 -23.68 -30.08 9.58
CA HIS B 215 -22.95 -29.02 10.27
C HIS B 215 -21.87 -29.59 11.19
N ALA B 216 -22.17 -30.73 11.79
CA ALA B 216 -21.23 -31.39 12.69
C ALA B 216 -20.12 -32.02 11.87
N ALA B 217 -20.42 -32.33 10.62
CA ALA B 217 -19.43 -32.93 9.74
C ALA B 217 -18.59 -31.82 9.12
N GLY B 218 -18.98 -30.58 9.38
CA GLY B 218 -18.22 -29.46 8.84
C GLY B 218 -18.70 -28.98 7.48
N LEU B 219 -19.94 -29.31 7.11
CA LEU B 219 -20.47 -28.86 5.83
C LEU B 219 -21.56 -27.82 6.02
N ASN B 220 -21.68 -26.92 5.05
CA ASN B 220 -22.74 -25.92 5.07
C ASN B 220 -23.81 -26.57 4.21
N VAL B 221 -25.04 -26.08 4.28
CA VAL B 221 -26.12 -26.65 3.48
C VAL B 221 -26.90 -25.58 2.71
N ILE B 222 -27.00 -25.78 1.40
CA ILE B 222 -27.72 -24.87 0.52
C ILE B 222 -29.04 -25.55 0.22
N LEU B 223 -30.13 -24.79 0.27
CA LEU B 223 -31.42 -25.36 0.00
C LEU B 223 -32.07 -24.75 -1.23
N ASP B 224 -32.47 -25.60 -2.18
CA ASP B 224 -33.13 -25.06 -3.35
C ASP B 224 -34.45 -24.56 -2.83
N TRP B 225 -34.65 -23.26 -2.99
CA TRP B 225 -35.84 -22.58 -2.51
C TRP B 225 -36.67 -22.18 -3.72
N VAL B 226 -37.97 -22.49 -3.71
CA VAL B 226 -38.80 -22.20 -4.85
C VAL B 226 -39.92 -21.16 -4.76
N PRO B 227 -39.57 -19.87 -4.55
CA PRO B 227 -40.57 -18.81 -4.46
C PRO B 227 -41.14 -18.47 -5.84
N GLY B 228 -40.52 -19.05 -6.88
CA GLY B 228 -40.93 -18.81 -8.25
C GLY B 228 -41.89 -19.85 -8.82
N HIS B 229 -42.11 -20.94 -8.09
CA HIS B 229 -43.03 -21.98 -8.56
C HIS B 229 -44.27 -22.04 -7.67
N PHE B 230 -45.33 -21.36 -8.09
CA PHE B 230 -46.57 -21.36 -7.34
C PHE B 230 -47.20 -22.76 -7.36
N PRO B 231 -47.73 -23.21 -6.21
CA PRO B 231 -48.37 -24.54 -6.10
C PRO B 231 -49.42 -24.79 -7.19
N THR B 232 -49.27 -25.86 -7.95
CA THR B 232 -50.22 -26.16 -9.01
C THR B 232 -50.98 -27.45 -8.73
N ASP B 233 -50.54 -28.20 -7.73
CA ASP B 233 -51.15 -29.48 -7.38
C ASP B 233 -52.01 -29.48 -6.13
N ASP B 234 -53.01 -30.35 -6.11
CA ASP B 234 -53.89 -30.52 -4.95
C ASP B 234 -54.67 -29.29 -4.48
N PHE B 235 -54.80 -28.28 -5.35
CA PHE B 235 -55.52 -27.06 -4.97
C PHE B 235 -54.96 -26.59 -3.63
N ALA B 236 -53.67 -26.84 -3.45
CA ALA B 236 -52.96 -26.50 -2.23
C ALA B 236 -53.06 -25.03 -1.83
N LEU B 237 -52.91 -24.13 -2.80
CA LEU B 237 -52.92 -22.71 -2.47
C LEU B 237 -53.77 -21.79 -3.35
N ALA B 238 -54.03 -22.21 -4.57
CA ALA B 238 -54.81 -21.41 -5.50
C ALA B 238 -56.23 -21.14 -4.97
N GLU B 239 -56.74 -19.95 -5.25
CA GLU B 239 -58.07 -19.57 -4.81
C GLU B 239 -58.31 -19.95 -3.36
N PHE B 240 -57.39 -19.56 -2.50
CA PHE B 240 -57.46 -19.85 -1.08
C PHE B 240 -58.41 -18.85 -0.39
N ASP B 241 -59.65 -19.28 -0.19
CA ASP B 241 -60.71 -18.48 0.45
C ASP B 241 -61.74 -18.03 -0.56
N GLY B 242 -61.71 -18.62 -1.75
CA GLY B 242 -62.69 -18.25 -2.75
C GLY B 242 -62.18 -17.21 -3.76
N THR B 243 -61.22 -16.39 -3.36
CA THR B 243 -60.67 -15.39 -4.26
C THR B 243 -59.21 -15.76 -4.58
N ASN B 244 -58.52 -14.86 -5.27
CA ASN B 244 -57.13 -15.09 -5.60
C ASN B 244 -56.31 -14.38 -4.54
N LEU B 245 -56.11 -15.06 -3.41
CA LEU B 245 -55.36 -14.49 -2.30
C LEU B 245 -53.86 -14.43 -2.54
N TYR B 246 -53.27 -15.59 -2.81
CA TYR B 246 -51.84 -15.69 -3.03
C TYR B 246 -51.42 -15.46 -4.47
N GLU B 247 -52.26 -15.87 -5.42
CA GLU B 247 -51.92 -15.71 -6.82
C GLU B 247 -52.52 -14.48 -7.50
N HIS B 248 -51.89 -14.05 -8.58
CA HIS B 248 -52.36 -12.91 -9.34
C HIS B 248 -53.60 -13.30 -10.15
N SER B 249 -54.46 -12.32 -10.42
CA SER B 249 -55.69 -12.55 -11.18
C SER B 249 -55.39 -13.35 -12.44
N THR B 261 -51.06 -19.17 -16.61
CA THR B 261 -50.43 -19.92 -15.51
C THR B 261 -50.35 -19.09 -14.23
N LEU B 262 -50.63 -19.73 -13.11
CA LEU B 262 -50.65 -19.09 -11.79
C LEU B 262 -49.30 -18.65 -11.21
N ILE B 263 -49.20 -17.36 -10.87
CA ILE B 263 -47.99 -16.83 -10.29
C ILE B 263 -48.36 -16.12 -9.00
N TYR B 264 -47.39 -15.96 -8.11
CA TYR B 264 -47.59 -15.38 -6.78
C TYR B 264 -48.13 -13.99 -6.47
N ASN B 265 -47.91 -12.97 -7.27
CA ASN B 265 -48.37 -11.65 -6.83
C ASN B 265 -47.56 -11.33 -5.58
N TYR B 266 -46.26 -11.18 -5.79
CA TYR B 266 -45.32 -10.88 -4.73
C TYR B 266 -45.54 -9.48 -4.16
N GLY B 267 -46.44 -8.73 -4.80
CA GLY B 267 -46.72 -7.38 -4.37
C GLY B 267 -47.61 -7.28 -3.15
N ARG B 268 -48.39 -8.32 -2.88
CA ARG B 268 -49.28 -8.33 -1.72
C ARG B 268 -48.48 -8.57 -0.45
N ARG B 269 -48.66 -7.70 0.54
CA ARG B 269 -47.97 -7.78 1.83
C ARG B 269 -47.98 -9.17 2.47
N GLU B 270 -49.14 -9.81 2.47
CA GLU B 270 -49.27 -11.13 3.07
C GLU B 270 -48.55 -12.23 2.31
N VAL B 271 -48.54 -12.16 0.99
CA VAL B 271 -47.87 -13.17 0.18
C VAL B 271 -46.38 -13.02 0.36
N SER B 272 -45.89 -11.80 0.20
CA SER B 272 -44.48 -11.49 0.39
C SER B 272 -44.02 -11.97 1.77
N ASN B 273 -44.88 -11.76 2.78
CA ASN B 273 -44.53 -12.20 4.13
C ASN B 273 -44.39 -13.71 4.12
N PHE B 274 -45.38 -14.35 3.53
CA PHE B 274 -45.40 -15.79 3.40
C PHE B 274 -44.06 -16.27 2.89
N LEU B 275 -43.63 -15.69 1.78
CA LEU B 275 -42.39 -16.07 1.14
C LEU B 275 -41.14 -15.66 1.90
N VAL B 276 -40.98 -14.37 2.14
CA VAL B 276 -39.83 -13.87 2.89
C VAL B 276 -39.71 -14.67 4.21
N GLY B 277 -40.85 -14.82 4.91
CA GLY B 277 -40.85 -15.55 6.15
C GLY B 277 -40.36 -16.98 6.00
N ASN B 278 -40.74 -17.60 4.88
CA ASN B 278 -40.36 -18.97 4.60
C ASN B 278 -38.83 -19.14 4.46
N ALA B 279 -38.17 -18.08 4.04
CA ALA B 279 -36.72 -18.11 3.90
C ALA B 279 -36.09 -17.96 5.28
N LEU B 280 -36.65 -17.07 6.10
CA LEU B 280 -36.18 -16.84 7.46
C LEU B 280 -36.35 -18.15 8.24
N TYR B 281 -37.51 -18.75 8.05
CA TYR B 281 -37.88 -20.01 8.67
C TYR B 281 -36.80 -21.07 8.44
N TRP B 282 -36.66 -21.51 7.20
CA TRP B 282 -35.66 -22.53 6.90
C TRP B 282 -34.33 -22.22 7.55
N ILE B 283 -33.90 -20.98 7.45
CA ILE B 283 -32.61 -20.59 8.00
C ILE B 283 -32.52 -20.59 9.54
N GLU B 284 -33.51 -19.98 10.18
CA GLU B 284 -33.54 -19.89 11.62
C GLU B 284 -34.05 -21.13 12.34
N ARG B 285 -34.94 -21.90 11.71
CA ARG B 285 -35.48 -23.08 12.38
C ARG B 285 -34.87 -24.40 12.01
N PHE B 286 -33.99 -24.42 11.01
CA PHE B 286 -33.32 -25.64 10.58
C PHE B 286 -31.84 -25.39 10.37
N GLY B 287 -31.41 -24.16 10.55
CA GLY B 287 -30.01 -23.84 10.37
C GLY B 287 -29.54 -23.83 8.92
N ILE B 288 -30.46 -23.78 7.95
CA ILE B 288 -30.10 -23.75 6.53
C ILE B 288 -29.15 -22.60 6.30
N ASP B 289 -28.00 -22.89 5.70
CA ASP B 289 -26.99 -21.88 5.49
C ASP B 289 -27.12 -20.99 4.25
N ALA B 290 -27.77 -21.50 3.22
CA ALA B 290 -27.94 -20.75 1.97
C ALA B 290 -29.17 -21.21 1.20
N LEU B 291 -29.76 -20.28 0.45
CA LEU B 291 -30.94 -20.56 -0.35
C LEU B 291 -30.62 -20.27 -1.80
N ARG B 292 -31.09 -21.13 -2.70
CA ARG B 292 -30.84 -20.94 -4.13
C ARG B 292 -32.14 -20.90 -4.88
N VAL B 293 -32.40 -19.77 -5.56
CA VAL B 293 -33.63 -19.62 -6.32
C VAL B 293 -33.36 -19.94 -7.79
N ASP B 294 -34.24 -20.71 -8.39
CA ASP B 294 -34.09 -21.11 -9.78
C ASP B 294 -35.14 -20.39 -10.61
N ALA B 295 -34.99 -20.47 -11.92
CA ALA B 295 -35.93 -19.85 -12.87
C ALA B 295 -36.23 -18.40 -12.55
N VAL B 296 -35.24 -17.66 -12.08
CA VAL B 296 -35.47 -16.26 -11.75
C VAL B 296 -35.99 -15.50 -12.97
N ALA B 297 -35.52 -15.86 -14.16
CA ALA B 297 -35.98 -15.21 -15.39
C ALA B 297 -37.50 -15.31 -15.54
N SER B 298 -38.07 -16.44 -15.15
CA SER B 298 -39.53 -16.65 -15.23
C SER B 298 -40.27 -15.78 -14.22
N MET B 299 -39.55 -15.31 -13.21
CA MET B 299 -40.16 -14.47 -12.19
C MET B 299 -40.12 -13.02 -12.62
N ILE B 300 -38.93 -12.56 -13.00
CA ILE B 300 -38.74 -11.16 -13.39
C ILE B 300 -39.38 -10.79 -14.72
N TYR B 301 -39.78 -11.79 -15.52
CA TYR B 301 -40.41 -11.50 -16.79
C TYR B 301 -41.80 -12.06 -16.90
N ARG B 302 -42.72 -11.20 -17.32
CA ARG B 302 -44.13 -11.56 -17.51
C ARG B 302 -44.25 -12.42 -18.77
N ASP B 303 -43.08 -12.67 -19.39
CA ASP B 303 -42.96 -13.47 -20.60
C ASP B 303 -43.44 -12.72 -21.85
N ILE B 312 -48.87 -7.93 -22.07
CA ILE B 312 -49.29 -7.26 -20.86
C ILE B 312 -48.20 -6.37 -20.28
N PRO B 313 -47.74 -5.36 -21.05
CA PRO B 313 -46.68 -4.42 -20.63
C PRO B 313 -46.99 -3.61 -19.38
N ASN B 314 -45.99 -3.45 -18.51
CA ASN B 314 -46.18 -2.70 -17.29
C ASN B 314 -46.38 -1.20 -17.50
N GLU B 315 -46.48 -0.49 -16.39
CA GLU B 315 -46.69 0.97 -16.37
C GLU B 315 -45.74 1.76 -17.23
N PHE B 316 -44.59 1.15 -17.53
CA PHE B 316 -43.57 1.79 -18.35
C PHE B 316 -43.53 1.13 -19.73
N GLY B 317 -44.60 0.41 -20.06
CA GLY B 317 -44.67 -0.27 -21.34
C GLY B 317 -43.64 -1.38 -21.41
N GLY B 318 -42.95 -1.61 -20.30
CA GLY B 318 -41.94 -2.64 -20.22
C GLY B 318 -42.44 -4.08 -20.20
N ARG B 319 -41.49 -5.01 -20.19
CA ARG B 319 -41.79 -6.44 -20.17
C ARG B 319 -41.54 -7.07 -18.81
N GLU B 320 -40.87 -6.34 -17.94
CA GLU B 320 -40.55 -6.81 -16.59
C GLU B 320 -41.68 -6.76 -15.59
N ASN B 321 -41.70 -7.77 -14.71
CA ASN B 321 -42.69 -7.88 -13.64
C ASN B 321 -42.06 -7.12 -12.46
N LEU B 322 -42.27 -5.81 -12.43
CA LEU B 322 -41.69 -4.95 -11.42
C LEU B 322 -41.80 -5.44 -9.98
N GLU B 323 -42.95 -6.00 -9.63
CA GLU B 323 -43.16 -6.45 -8.25
C GLU B 323 -42.34 -7.69 -7.88
N ALA B 324 -42.11 -8.58 -8.84
CA ALA B 324 -41.30 -9.77 -8.60
C ALA B 324 -39.85 -9.34 -8.41
N ILE B 325 -39.40 -8.43 -9.25
CA ILE B 325 -38.03 -7.94 -9.14
C ILE B 325 -37.85 -7.40 -7.74
N GLU B 326 -38.75 -6.52 -7.33
CA GLU B 326 -38.69 -5.89 -6.02
C GLU B 326 -38.75 -6.90 -4.91
N PHE B 327 -39.56 -7.94 -5.11
CA PHE B 327 -39.68 -9.01 -4.12
C PHE B 327 -38.29 -9.59 -3.82
N LEU B 328 -37.58 -9.96 -4.88
CA LEU B 328 -36.26 -10.55 -4.78
C LEU B 328 -35.26 -9.58 -4.15
N ARG B 329 -35.38 -8.30 -4.48
CA ARG B 329 -34.47 -7.31 -3.92
C ARG B 329 -34.69 -7.14 -2.43
N ASN B 330 -35.95 -7.13 -2.04
CA ASN B 330 -36.32 -6.96 -0.65
C ASN B 330 -35.91 -8.18 0.12
N THR B 331 -36.31 -9.32 -0.38
CA THR B 331 -35.96 -10.59 0.25
C THR B 331 -34.46 -10.63 0.56
N ASN B 332 -33.62 -10.30 -0.43
CA ASN B 332 -32.19 -10.34 -0.21
C ASN B 332 -31.72 -9.24 0.73
N ARG B 333 -32.45 -8.15 0.81
CA ARG B 333 -32.04 -7.09 1.73
C ARG B 333 -32.33 -7.56 3.15
N ILE B 334 -33.58 -7.95 3.39
CA ILE B 334 -34.01 -8.43 4.70
C ILE B 334 -33.10 -9.56 5.14
N LEU B 335 -32.84 -10.49 4.22
CA LEU B 335 -31.97 -11.65 4.45
C LEU B 335 -30.49 -11.26 4.41
N GLY B 336 -30.16 -10.03 4.78
CA GLY B 336 -28.79 -9.59 4.81
C GLY B 336 -28.75 -8.85 6.13
N GLU B 337 -29.94 -8.45 6.56
CA GLU B 337 -30.14 -7.75 7.82
C GLU B 337 -30.49 -8.73 8.95
N GLN B 338 -31.45 -9.60 8.68
CA GLN B 338 -31.94 -10.57 9.67
C GLN B 338 -31.02 -11.73 10.00
N VAL B 339 -30.48 -12.36 8.95
CA VAL B 339 -29.61 -13.50 9.14
C VAL B 339 -28.27 -13.34 8.47
N SER B 340 -27.56 -12.28 8.83
CA SER B 340 -26.23 -12.02 8.30
C SER B 340 -25.39 -13.31 8.39
N GLY B 341 -24.80 -13.72 7.28
CA GLY B 341 -24.00 -14.94 7.30
C GLY B 341 -24.63 -15.98 6.39
N ALA B 342 -25.92 -15.86 6.13
CA ALA B 342 -26.58 -16.79 5.24
C ALA B 342 -26.55 -16.05 3.91
N VAL B 343 -26.43 -16.78 2.80
CA VAL B 343 -26.38 -16.12 1.51
C VAL B 343 -27.38 -16.73 0.54
N THR B 344 -27.66 -16.01 -0.53
CA THR B 344 -28.58 -16.50 -1.53
C THR B 344 -27.85 -16.61 -2.88
N MET B 345 -28.32 -17.54 -3.70
CA MET B 345 -27.76 -17.78 -5.02
C MET B 345 -28.92 -17.85 -6.02
N ALA B 346 -28.63 -17.69 -7.31
CA ALA B 346 -29.69 -17.71 -8.31
C ALA B 346 -29.32 -18.18 -9.70
N GLU B 347 -30.31 -18.77 -10.36
CA GLU B 347 -30.18 -19.23 -11.73
C GLU B 347 -31.16 -18.33 -12.51
N GLU B 348 -30.61 -17.50 -13.38
CA GLU B 348 -31.39 -16.57 -14.19
C GLU B 348 -30.91 -16.83 -15.62
N SER B 349 -31.79 -17.37 -16.46
CA SER B 349 -31.44 -17.76 -17.84
C SER B 349 -31.24 -16.67 -18.87
N THR B 350 -31.91 -15.53 -18.72
CA THR B 350 -31.69 -14.47 -19.68
C THR B 350 -30.45 -13.88 -19.04
N ASP B 351 -29.92 -12.78 -19.55
CA ASP B 351 -28.75 -12.25 -18.89
C ASP B 351 -29.10 -10.98 -18.15
N PHE B 352 -30.19 -11.03 -17.40
CA PHE B 352 -30.63 -9.89 -16.63
C PHE B 352 -29.39 -9.31 -15.97
N PRO B 353 -29.20 -8.00 -16.06
CA PRO B 353 -28.04 -7.32 -15.47
C PRO B 353 -27.99 -7.23 -13.95
N GLY B 354 -26.81 -7.47 -13.39
CA GLY B 354 -26.59 -7.38 -11.95
C GLY B 354 -27.36 -8.31 -11.03
N VAL B 355 -27.49 -9.57 -11.40
CA VAL B 355 -28.21 -10.51 -10.55
C VAL B 355 -27.58 -10.57 -9.16
N SER B 356 -26.25 -10.63 -9.11
CA SER B 356 -25.54 -10.70 -7.83
C SER B 356 -24.80 -9.41 -7.52
N ARG B 357 -25.51 -8.30 -7.66
CA ARG B 357 -24.97 -6.98 -7.39
C ARG B 357 -26.00 -6.27 -6.53
N PRO B 358 -25.58 -5.26 -5.74
CA PRO B 358 -26.48 -4.50 -4.86
C PRO B 358 -27.69 -3.85 -5.53
N GLN B 359 -28.82 -3.94 -4.83
CA GLN B 359 -30.06 -3.38 -5.30
C GLN B 359 -29.99 -1.89 -5.53
N ASP B 360 -29.06 -1.19 -4.89
CA ASP B 360 -28.96 0.25 -5.07
C ASP B 360 -28.14 0.63 -6.30
N MET B 361 -27.97 -0.34 -7.18
CA MET B 361 -27.21 -0.13 -8.40
C MET B 361 -27.85 -0.94 -9.50
N GLY B 362 -27.81 -2.26 -9.35
CA GLY B 362 -28.40 -3.13 -10.36
C GLY B 362 -29.68 -3.71 -9.85
N GLY B 363 -29.60 -4.30 -8.66
CA GLY B 363 -30.77 -4.90 -8.05
C GLY B 363 -30.60 -6.35 -7.70
N LEU B 364 -31.72 -7.00 -7.41
CA LEU B 364 -31.74 -8.41 -7.04
C LEU B 364 -30.95 -8.62 -5.78
N GLY B 365 -29.67 -8.29 -5.79
CA GLY B 365 -28.85 -8.44 -4.60
C GLY B 365 -28.46 -9.84 -4.19
N PHE B 366 -28.46 -10.78 -5.13
CA PHE B 366 -28.03 -12.13 -4.78
C PHE B 366 -26.53 -12.06 -4.50
N TRP B 367 -26.02 -13.07 -3.82
CA TRP B 367 -24.60 -13.14 -3.51
C TRP B 367 -23.89 -13.83 -4.66
N TYR B 368 -24.51 -14.89 -5.18
CA TYR B 368 -23.93 -15.67 -6.28
C TYR B 368 -24.94 -15.97 -7.39
N LYS B 369 -24.41 -16.19 -8.59
CA LYS B 369 -25.24 -16.50 -9.76
C LYS B 369 -24.59 -17.65 -10.50
N TRP B 370 -25.42 -18.57 -11.00
CA TRP B 370 -24.97 -19.72 -11.76
C TRP B 370 -24.48 -19.31 -13.15
N ASN B 371 -23.26 -19.72 -13.49
CA ASN B 371 -22.66 -19.39 -14.78
C ASN B 371 -23.14 -20.37 -15.85
N LEU B 372 -24.35 -20.17 -16.33
CA LEU B 372 -24.88 -21.06 -17.35
C LEU B 372 -24.07 -20.94 -18.63
N GLY B 373 -23.77 -19.70 -19.01
CA GLY B 373 -23.00 -19.47 -20.23
C GLY B 373 -21.72 -20.28 -20.27
N TRP B 374 -21.03 -20.34 -19.14
CA TRP B 374 -19.77 -21.09 -19.04
C TRP B 374 -20.07 -22.55 -19.22
N MET B 375 -21.11 -23.03 -18.55
CA MET B 375 -21.49 -24.42 -18.66
C MET B 375 -21.78 -24.78 -20.12
N HIS B 376 -22.51 -23.92 -20.82
CA HIS B 376 -22.82 -24.16 -22.23
C HIS B 376 -21.58 -24.11 -23.09
N ASP B 377 -20.75 -23.10 -22.89
CA ASP B 377 -19.53 -22.94 -23.67
C ASP B 377 -18.48 -24.02 -23.46
N THR B 378 -18.17 -24.36 -22.21
CA THR B 378 -17.17 -25.38 -21.95
C THR B 378 -17.65 -26.79 -22.32
N LEU B 379 -18.94 -27.06 -22.16
CA LEU B 379 -19.48 -28.37 -22.52
C LEU B 379 -19.50 -28.55 -24.03
N ASP B 380 -19.71 -27.45 -24.76
CA ASP B 380 -19.72 -27.47 -26.22
C ASP B 380 -18.29 -27.75 -26.68
N TYR B 381 -17.33 -27.08 -26.03
CA TYR B 381 -15.93 -27.26 -26.35
C TYR B 381 -15.55 -28.73 -26.14
N MET B 382 -15.84 -29.26 -24.95
CA MET B 382 -15.55 -30.65 -24.61
C MET B 382 -16.22 -31.64 -25.58
N LYS B 383 -17.44 -31.35 -26.00
CA LYS B 383 -18.14 -32.24 -26.92
C LYS B 383 -17.45 -32.27 -28.29
N LEU B 384 -16.69 -31.23 -28.61
CA LEU B 384 -16.01 -31.14 -29.89
C LEU B 384 -14.91 -32.18 -30.04
N ASP B 385 -14.81 -32.75 -31.23
CA ASP B 385 -13.76 -33.71 -31.51
C ASP B 385 -12.47 -32.89 -31.31
N PRO B 386 -11.45 -33.46 -30.67
CA PRO B 386 -10.26 -32.63 -30.50
C PRO B 386 -9.82 -31.82 -31.71
N VAL B 387 -9.86 -32.43 -32.89
CA VAL B 387 -9.42 -31.76 -34.11
C VAL B 387 -10.13 -30.45 -34.44
N TYR B 388 -11.34 -30.26 -33.94
CA TYR B 388 -12.10 -29.05 -34.22
C TYR B 388 -11.96 -27.99 -33.12
N ARG B 389 -11.37 -28.40 -31.99
CA ARG B 389 -11.20 -27.52 -30.86
C ARG B 389 -10.35 -26.29 -31.14
N GLN B 390 -9.51 -26.39 -32.16
CA GLN B 390 -8.65 -25.28 -32.52
C GLN B 390 -9.46 -24.10 -33.06
N TYR B 391 -10.60 -24.41 -33.65
CA TYR B 391 -11.44 -23.37 -34.22
C TYR B 391 -12.45 -22.76 -33.23
N HIS B 392 -12.49 -23.30 -32.01
CA HIS B 392 -13.43 -22.85 -31.00
C HIS B 392 -12.78 -22.57 -29.66
N HIS B 393 -11.56 -22.05 -29.73
CA HIS B 393 -10.75 -21.73 -28.56
C HIS B 393 -11.52 -20.75 -27.67
N ASP B 394 -12.28 -19.86 -28.30
CA ASP B 394 -13.06 -18.83 -27.59
C ASP B 394 -14.07 -19.35 -26.56
N LYS B 395 -14.46 -20.61 -26.69
CA LYS B 395 -15.41 -21.21 -25.77
C LYS B 395 -14.81 -21.42 -24.38
N LEU B 396 -13.49 -21.32 -24.30
CA LEU B 396 -12.77 -21.48 -23.04
C LEU B 396 -12.14 -20.18 -22.57
N THR B 397 -11.93 -19.24 -23.48
CA THR B 397 -11.29 -17.99 -23.12
C THR B 397 -12.30 -16.87 -22.87
N PHE B 398 -13.52 -17.07 -23.35
CA PHE B 398 -14.54 -16.04 -23.21
C PHE B 398 -15.04 -15.86 -21.77
N GLY B 399 -15.14 -16.95 -21.01
CA GLY B 399 -15.62 -16.87 -19.64
C GLY B 399 -14.99 -15.78 -18.79
N ILE B 400 -13.68 -15.59 -18.93
CA ILE B 400 -12.97 -14.58 -18.16
C ILE B 400 -13.35 -13.14 -18.54
N LEU B 401 -13.82 -12.96 -19.78
CA LEU B 401 -14.21 -11.63 -20.24
C LEU B 401 -15.47 -11.03 -19.56
N TYR B 402 -16.37 -11.87 -19.04
CA TYR B 402 -17.56 -11.38 -18.36
C TYR B 402 -17.62 -11.89 -16.93
N ASN B 403 -16.53 -12.52 -16.50
CA ASN B 403 -16.45 -13.09 -15.16
C ASN B 403 -16.58 -12.08 -14.04
N TYR B 404 -16.24 -10.83 -14.33
CA TYR B 404 -16.29 -9.79 -13.31
C TYR B 404 -17.60 -9.02 -13.26
N THR B 405 -18.64 -9.56 -13.87
CA THR B 405 -19.93 -8.90 -13.85
C THR B 405 -20.89 -9.58 -12.86
N GLU B 406 -20.57 -10.81 -12.45
CA GLU B 406 -21.38 -11.57 -11.50
C GLU B 406 -20.45 -12.43 -10.65
N ASN B 407 -20.90 -12.86 -9.47
CA ASN B 407 -20.08 -13.73 -8.63
C ASN B 407 -20.60 -15.08 -9.03
N PHE B 408 -19.90 -15.69 -9.98
CA PHE B 408 -20.35 -16.94 -10.53
C PHE B 408 -20.05 -18.22 -9.80
N VAL B 409 -20.89 -19.20 -10.08
CA VAL B 409 -20.76 -20.55 -9.58
C VAL B 409 -20.69 -21.29 -10.90
N LEU B 410 -19.69 -22.15 -11.05
CA LEU B 410 -19.51 -22.94 -12.25
C LEU B 410 -20.34 -24.17 -11.98
N PRO B 411 -21.47 -24.31 -12.70
CA PRO B 411 -22.26 -25.49 -12.40
C PRO B 411 -22.35 -26.59 -13.44
N LEU B 412 -22.46 -27.81 -12.94
CA LEU B 412 -22.64 -29.02 -13.74
C LEU B 412 -23.80 -29.63 -12.97
N SER B 413 -24.93 -28.93 -13.02
CA SER B 413 -26.14 -29.30 -12.31
C SER B 413 -26.88 -30.50 -12.87
N HIS B 414 -27.98 -30.82 -12.20
CA HIS B 414 -28.88 -31.93 -12.54
C HIS B 414 -29.66 -31.70 -13.83
N ASP B 415 -29.81 -30.45 -14.24
CA ASP B 415 -30.54 -30.09 -15.45
C ASP B 415 -29.78 -30.51 -16.71
N GLU B 416 -28.49 -30.69 -16.57
CA GLU B 416 -27.66 -31.04 -17.72
C GLU B 416 -27.46 -32.52 -17.92
N VAL B 417 -28.07 -33.33 -17.04
CA VAL B 417 -27.91 -34.78 -17.18
C VAL B 417 -29.24 -35.52 -17.20
N VAL B 418 -30.22 -34.87 -17.85
CA VAL B 418 -31.57 -35.39 -18.01
C VAL B 418 -32.08 -35.08 -19.41
N HIS B 419 -33.22 -35.68 -19.75
CA HIS B 419 -33.89 -35.48 -21.03
C HIS B 419 -33.06 -35.57 -22.31
N GLY B 420 -32.26 -36.63 -22.45
CA GLY B 420 -31.47 -36.78 -23.67
C GLY B 420 -30.18 -36.01 -23.78
N LYS B 421 -29.85 -35.21 -22.77
CA LYS B 421 -28.62 -34.45 -22.78
C LYS B 421 -27.43 -35.34 -22.41
N LYS B 422 -27.72 -36.57 -22.00
CA LYS B 422 -26.69 -37.51 -21.59
C LYS B 422 -25.90 -37.10 -20.35
N SER B 423 -25.10 -38.05 -19.86
CA SER B 423 -24.24 -37.81 -18.72
C SER B 423 -23.19 -36.80 -19.19
N ILE B 424 -22.24 -36.48 -18.31
CA ILE B 424 -21.18 -35.56 -18.69
C ILE B 424 -20.14 -36.43 -19.38
N LEU B 425 -20.07 -37.68 -18.93
CA LEU B 425 -19.15 -38.64 -19.49
C LEU B 425 -19.46 -38.90 -20.97
N ASP B 426 -20.69 -39.35 -21.25
CA ASP B 426 -21.08 -39.65 -22.62
C ASP B 426 -20.99 -38.49 -23.60
N ARG B 427 -20.78 -37.30 -23.07
CA ARG B 427 -20.67 -36.10 -23.89
C ARG B 427 -19.27 -36.02 -24.51
N MET B 428 -18.32 -36.72 -23.90
CA MET B 428 -16.93 -36.71 -24.35
C MET B 428 -16.71 -37.59 -25.59
N PRO B 429 -15.81 -37.14 -26.49
CA PRO B 429 -15.45 -37.81 -27.73
C PRO B 429 -14.27 -38.78 -27.62
N GLY B 430 -14.22 -39.75 -28.54
CA GLY B 430 -13.13 -40.71 -28.54
C GLY B 430 -13.50 -42.04 -27.92
N ASP B 431 -12.48 -42.88 -27.71
CA ASP B 431 -12.69 -44.19 -27.12
C ASP B 431 -12.77 -44.05 -25.61
N ALA B 432 -13.19 -45.14 -24.97
CA ALA B 432 -13.33 -45.21 -23.51
C ALA B 432 -12.25 -44.41 -22.78
N TRP B 433 -10.99 -44.74 -23.06
CA TRP B 433 -9.87 -44.05 -22.44
C TRP B 433 -9.89 -42.53 -22.69
N GLN B 434 -10.18 -42.16 -23.92
CA GLN B 434 -10.22 -40.76 -24.29
C GLN B 434 -11.40 -40.03 -23.71
N LYS B 435 -12.52 -40.73 -23.51
CA LYS B 435 -13.68 -40.11 -22.93
C LYS B 435 -13.40 -39.76 -21.47
N PHE B 436 -12.71 -40.65 -20.76
CA PHE B 436 -12.41 -40.40 -19.36
C PHE B 436 -11.34 -39.33 -19.20
N ALA B 437 -10.31 -39.39 -20.05
CA ALA B 437 -9.23 -38.41 -20.01
C ALA B 437 -9.82 -37.02 -20.25
N ASN B 438 -10.80 -36.96 -21.14
CA ASN B 438 -11.45 -35.69 -21.45
C ASN B 438 -12.18 -35.19 -20.22
N LEU B 439 -12.96 -36.08 -19.60
CA LEU B 439 -13.70 -35.73 -18.40
C LEU B 439 -12.78 -35.16 -17.35
N ARG B 440 -11.67 -35.86 -17.11
CA ARG B 440 -10.69 -35.44 -16.14
C ARG B 440 -10.06 -34.07 -16.42
N ALA B 441 -9.54 -33.86 -17.63
CA ALA B 441 -8.91 -32.59 -17.96
C ALA B 441 -9.88 -31.47 -17.73
N TYR B 442 -11.13 -31.72 -18.08
CA TYR B 442 -12.21 -30.77 -17.93
C TYR B 442 -12.46 -30.39 -16.49
N TYR B 443 -12.47 -31.39 -15.61
CA TYR B 443 -12.67 -31.10 -14.19
C TYR B 443 -11.47 -30.34 -13.68
N GLY B 444 -10.31 -30.65 -14.26
CA GLY B 444 -9.09 -29.97 -13.87
C GLY B 444 -9.11 -28.50 -14.26
N TRP B 445 -9.79 -28.20 -15.36
CA TRP B 445 -9.93 -26.83 -15.85
C TRP B 445 -11.00 -26.12 -15.03
N MET B 446 -12.11 -26.82 -14.84
CA MET B 446 -13.24 -26.29 -14.09
C MET B 446 -12.89 -25.85 -12.67
N TRP B 447 -12.10 -26.68 -11.97
CA TRP B 447 -11.70 -26.39 -10.60
C TRP B 447 -10.68 -25.26 -10.48
N ALA B 448 -10.05 -24.92 -11.60
CA ALA B 448 -9.05 -23.86 -11.63
C ALA B 448 -9.57 -22.57 -12.23
N PHE B 449 -10.72 -22.65 -12.89
CA PHE B 449 -11.31 -21.49 -13.52
C PHE B 449 -12.07 -20.62 -12.50
N PRO B 450 -11.95 -19.28 -12.60
CA PRO B 450 -12.62 -18.34 -11.68
C PRO B 450 -14.07 -18.70 -11.46
N GLY B 451 -14.51 -18.58 -10.21
CA GLY B 451 -15.88 -18.91 -9.85
C GLY B 451 -15.97 -20.13 -8.94
N LYS B 452 -16.98 -20.14 -8.07
CA LYS B 452 -17.13 -21.27 -7.17
C LYS B 452 -17.53 -22.52 -7.98
N LYS B 453 -17.47 -23.69 -7.34
CA LYS B 453 -17.76 -24.95 -7.99
C LYS B 453 -19.05 -25.65 -7.53
N LEU B 454 -19.76 -26.27 -8.47
CA LEU B 454 -20.97 -27.03 -8.13
C LEU B 454 -21.00 -28.26 -9.06
N LEU B 455 -21.04 -29.45 -8.44
CA LEU B 455 -21.07 -30.72 -9.18
C LEU B 455 -22.26 -31.55 -8.72
N PHE B 456 -22.99 -32.12 -9.67
CA PHE B 456 -24.15 -32.93 -9.33
C PHE B 456 -23.80 -34.39 -9.06
N MET B 457 -24.44 -34.95 -8.03
CA MET B 457 -24.20 -36.34 -7.66
C MET B 457 -24.18 -37.23 -8.91
N GLY B 458 -23.25 -38.17 -8.95
CA GLY B 458 -23.15 -39.05 -10.10
C GLY B 458 -22.03 -38.62 -11.02
N ASN B 459 -21.79 -37.31 -11.07
CA ASN B 459 -20.74 -36.73 -11.90
C ASN B 459 -19.37 -37.06 -11.33
N GLU B 460 -19.29 -37.13 -10.01
CA GLU B 460 -18.02 -37.39 -9.34
C GLU B 460 -17.33 -38.70 -9.67
N PHE B 461 -18.09 -39.71 -10.09
CA PHE B 461 -17.50 -40.98 -10.46
C PHE B 461 -17.83 -41.30 -11.92
N ALA B 462 -18.21 -40.26 -12.66
CA ALA B 462 -18.54 -40.37 -14.08
C ALA B 462 -19.63 -41.40 -14.38
N GLN B 463 -20.83 -41.20 -13.85
CA GLN B 463 -21.91 -42.14 -14.12
C GLN B 463 -22.13 -42.18 -15.62
N GLY B 464 -22.45 -43.36 -16.13
CA GLY B 464 -22.66 -43.50 -17.55
C GLY B 464 -24.00 -42.97 -18.00
N ARG B 465 -25.08 -43.51 -17.43
CA ARG B 465 -26.45 -43.11 -17.76
C ARG B 465 -26.76 -41.75 -17.18
N GLU B 466 -27.79 -41.09 -17.70
CA GLU B 466 -28.13 -39.79 -17.15
C GLU B 466 -28.94 -39.99 -15.87
N TRP B 467 -28.95 -38.97 -15.03
CA TRP B 467 -29.66 -39.04 -13.76
C TRP B 467 -31.12 -39.43 -13.87
N ASN B 468 -31.49 -40.46 -13.12
CA ASN B 468 -32.85 -40.99 -13.05
C ASN B 468 -33.29 -40.70 -11.60
N HIS B 469 -34.31 -39.85 -11.43
CA HIS B 469 -34.78 -39.48 -10.09
C HIS B 469 -35.53 -40.61 -9.39
N ASP B 470 -35.92 -41.59 -10.18
CA ASP B 470 -36.67 -42.71 -9.68
C ASP B 470 -35.83 -43.95 -9.34
N ALA B 471 -34.55 -43.75 -9.07
CA ALA B 471 -33.68 -44.88 -8.75
C ALA B 471 -32.45 -44.40 -8.00
N SER B 472 -31.50 -45.31 -7.78
CA SER B 472 -30.24 -45.02 -7.10
C SER B 472 -29.17 -44.60 -8.14
N LEU B 473 -28.13 -43.93 -7.67
CA LEU B 473 -27.04 -43.43 -8.53
C LEU B 473 -26.05 -44.35 -9.27
N ASP B 474 -26.40 -45.57 -9.63
CA ASP B 474 -25.43 -46.40 -10.38
C ASP B 474 -24.11 -46.67 -9.67
N TRP B 475 -24.16 -46.77 -8.34
CA TRP B 475 -22.97 -47.03 -7.55
C TRP B 475 -22.33 -48.37 -7.92
N HIS B 476 -23.12 -49.24 -8.55
CA HIS B 476 -22.58 -50.54 -8.93
C HIS B 476 -21.38 -50.35 -9.88
N LEU B 477 -21.27 -49.15 -10.45
CA LEU B 477 -20.18 -48.84 -11.37
C LEU B 477 -18.86 -48.95 -10.63
N LEU B 478 -18.84 -48.43 -9.41
CA LEU B 478 -17.66 -48.52 -8.57
C LEU B 478 -17.90 -49.91 -8.01
N GLU B 479 -16.99 -50.47 -7.23
CA GLU B 479 -17.26 -51.80 -6.68
C GLU B 479 -17.13 -52.96 -7.69
N GLY B 480 -15.95 -53.58 -7.69
CA GLY B 480 -15.67 -54.69 -8.58
C GLY B 480 -14.29 -54.58 -9.20
N GLY B 481 -13.38 -53.85 -8.57
CA GLY B 481 -12.06 -53.75 -9.15
C GLY B 481 -11.81 -52.35 -9.69
N ASP B 482 -10.74 -51.72 -9.21
CA ASP B 482 -10.42 -50.36 -9.60
C ASP B 482 -10.55 -50.13 -11.10
N ASN B 483 -11.46 -49.23 -11.47
CA ASN B 483 -11.69 -48.91 -12.86
C ASN B 483 -11.65 -47.40 -13.07
N TRP B 484 -12.01 -46.96 -14.28
CA TRP B 484 -12.02 -45.54 -14.63
C TRP B 484 -12.85 -44.67 -13.71
N HIS B 485 -13.99 -45.18 -13.30
CA HIS B 485 -14.86 -44.43 -12.41
C HIS B 485 -14.19 -44.14 -11.07
N HIS B 486 -13.43 -45.11 -10.55
CA HIS B 486 -12.71 -44.97 -9.28
C HIS B 486 -11.68 -43.84 -9.43
N GLY B 487 -10.99 -43.83 -10.57
CA GLY B 487 -9.99 -42.80 -10.82
C GLY B 487 -10.59 -41.41 -10.92
N VAL B 488 -11.79 -41.30 -11.50
CA VAL B 488 -12.44 -40.01 -11.60
C VAL B 488 -12.84 -39.51 -10.22
N GLN B 489 -13.47 -40.40 -9.45
CA GLN B 489 -13.93 -40.09 -8.09
C GLN B 489 -12.71 -39.66 -7.28
N ARG B 490 -11.63 -40.41 -7.43
CA ARG B 490 -10.37 -40.14 -6.75
C ARG B 490 -9.87 -38.73 -7.13
N LEU B 491 -9.99 -38.36 -8.39
CA LEU B 491 -9.55 -37.04 -8.87
C LEU B 491 -10.40 -35.90 -8.35
N VAL B 492 -11.71 -36.08 -8.36
CA VAL B 492 -12.60 -35.03 -7.85
C VAL B 492 -12.24 -34.66 -6.41
N ARG B 493 -11.94 -35.67 -5.60
CA ARG B 493 -11.60 -35.45 -4.21
C ARG B 493 -10.32 -34.61 -4.14
N ASP B 494 -9.32 -34.99 -4.95
CA ASP B 494 -8.04 -34.30 -5.00
C ASP B 494 -8.23 -32.88 -5.52
N LEU B 495 -9.16 -32.69 -6.45
CA LEU B 495 -9.42 -31.35 -6.94
C LEU B 495 -9.98 -30.55 -5.75
N ASN B 496 -10.95 -31.14 -5.06
CA ASN B 496 -11.55 -30.48 -3.89
C ASN B 496 -10.52 -30.10 -2.83
N LEU B 497 -9.77 -31.09 -2.38
CA LEU B 497 -8.78 -30.86 -1.35
C LEU B 497 -7.65 -29.93 -1.74
N THR B 498 -7.22 -29.96 -3.00
CA THR B 498 -6.12 -29.09 -3.44
C THR B 498 -6.67 -27.69 -3.68
N TYR B 499 -7.89 -27.63 -4.21
CA TYR B 499 -8.58 -26.37 -4.44
C TYR B 499 -8.65 -25.63 -3.09
N ARG B 500 -9.08 -26.34 -2.05
CA ARG B 500 -9.14 -25.75 -0.71
C ARG B 500 -7.69 -26.00 -0.31
N HIS B 501 -7.14 -25.18 0.56
CA HIS B 501 -5.73 -25.32 0.99
C HIS B 501 -4.90 -24.28 0.29
N HIS B 502 -5.05 -24.18 -1.03
CA HIS B 502 -4.33 -23.17 -1.80
C HIS B 502 -5.22 -21.97 -2.02
N LYS B 503 -4.95 -20.92 -1.25
CA LYS B 503 -5.72 -19.70 -1.31
C LYS B 503 -5.79 -19.17 -2.75
N ALA B 504 -4.73 -19.40 -3.50
CA ALA B 504 -4.64 -18.95 -4.89
C ALA B 504 -5.80 -19.44 -5.77
N MET B 505 -6.23 -20.67 -5.56
CA MET B 505 -7.33 -21.23 -6.36
C MET B 505 -8.73 -20.72 -6.02
N HIS B 506 -8.88 -19.92 -4.96
CA HIS B 506 -10.21 -19.46 -4.56
C HIS B 506 -10.35 -18.12 -3.88
N GLU B 507 -9.24 -17.54 -3.43
CA GLU B 507 -9.31 -16.26 -2.73
C GLU B 507 -9.67 -15.03 -3.56
N LEU B 508 -9.22 -15.01 -4.81
CA LEU B 508 -9.45 -13.87 -5.71
C LEU B 508 -10.24 -14.16 -7.00
N ASP B 509 -11.29 -14.98 -6.89
CA ASP B 509 -12.16 -15.34 -8.02
C ASP B 509 -12.78 -14.14 -8.73
N PHE B 510 -13.17 -13.17 -7.95
CA PHE B 510 -13.86 -12.02 -8.48
C PHE B 510 -13.01 -10.79 -8.62
N ASP B 511 -11.70 -10.95 -8.47
CA ASP B 511 -10.79 -9.83 -8.62
C ASP B 511 -9.85 -10.12 -9.79
N PRO B 512 -9.84 -9.24 -10.81
CA PRO B 512 -8.99 -9.42 -11.99
C PRO B 512 -7.56 -9.85 -11.66
N TYR B 513 -7.13 -9.53 -10.45
CA TYR B 513 -5.79 -9.90 -10.02
C TYR B 513 -5.64 -11.41 -9.77
N GLY B 514 -6.75 -12.09 -9.47
CA GLY B 514 -6.71 -13.51 -9.19
C GLY B 514 -6.62 -14.42 -10.40
N PHE B 515 -6.54 -13.83 -11.59
CA PHE B 515 -6.44 -14.62 -12.82
C PHE B 515 -5.60 -13.92 -13.89
N GLU B 516 -4.70 -14.68 -14.51
CA GLU B 516 -3.85 -14.15 -15.57
C GLU B 516 -3.43 -15.17 -16.64
N TRP B 517 -3.74 -14.86 -17.89
CA TRP B 517 -3.37 -15.72 -19.02
C TRP B 517 -1.85 -15.79 -19.22
N LEU B 518 -1.35 -17.00 -19.42
CA LEU B 518 0.08 -17.16 -19.66
C LEU B 518 0.23 -17.54 -21.15
N VAL B 519 -0.76 -18.28 -21.65
CA VAL B 519 -0.84 -18.71 -23.04
C VAL B 519 -2.32 -18.77 -23.36
N VAL B 520 -2.82 -17.72 -24.00
CA VAL B 520 -4.24 -17.63 -24.34
C VAL B 520 -4.55 -17.87 -25.82
N ASP B 521 -3.51 -17.90 -26.66
CA ASP B 521 -3.73 -18.04 -28.08
C ASP B 521 -3.14 -19.25 -28.80
N ASP B 522 -2.83 -20.31 -28.08
CA ASP B 522 -2.32 -21.47 -28.79
C ASP B 522 -3.51 -22.29 -29.22
N LYS B 523 -4.17 -21.84 -30.28
CA LYS B 523 -5.33 -22.52 -30.82
C LYS B 523 -4.92 -23.80 -31.52
N GLU B 524 -3.89 -23.72 -32.35
CA GLU B 524 -3.38 -24.87 -33.12
C GLU B 524 -3.25 -26.15 -32.31
N ARG B 525 -2.60 -26.04 -31.15
CA ARG B 525 -2.40 -27.19 -30.27
C ARG B 525 -3.44 -27.29 -29.15
N SER B 526 -4.33 -26.30 -29.06
CA SER B 526 -5.38 -26.28 -28.03
C SER B 526 -4.76 -26.47 -26.65
N VAL B 527 -3.77 -25.64 -26.35
CA VAL B 527 -3.10 -25.68 -25.07
C VAL B 527 -3.38 -24.32 -24.47
N LEU B 528 -3.94 -24.32 -23.27
CA LEU B 528 -4.26 -23.06 -22.61
C LEU B 528 -3.55 -23.03 -21.26
N ILE B 529 -2.87 -21.92 -20.99
CA ILE B 529 -2.13 -21.79 -19.74
C ILE B 529 -2.39 -20.48 -19.05
N PHE B 530 -2.73 -20.56 -17.76
CA PHE B 530 -2.98 -19.37 -17.00
C PHE B 530 -2.48 -19.50 -15.58
N VAL B 531 -2.67 -18.45 -14.81
CA VAL B 531 -2.23 -18.47 -13.45
C VAL B 531 -3.35 -17.95 -12.54
N ARG B 532 -3.37 -18.50 -11.32
CA ARG B 532 -4.34 -18.07 -10.32
C ARG B 532 -3.51 -17.50 -9.18
N ARG B 533 -3.98 -16.41 -8.60
CA ARG B 533 -3.26 -15.75 -7.51
C ARG B 533 -4.12 -15.41 -6.32
N ASP B 534 -3.51 -15.45 -5.14
CA ASP B 534 -4.18 -15.09 -3.91
C ASP B 534 -3.78 -13.64 -3.60
N LYS B 535 -4.32 -13.07 -2.53
CA LYS B 535 -4.02 -11.70 -2.18
C LYS B 535 -2.55 -11.48 -1.83
N GLU B 536 -1.86 -12.55 -1.47
CA GLU B 536 -0.47 -12.46 -1.09
C GLU B 536 0.53 -12.67 -2.23
N GLY B 537 0.03 -12.86 -3.46
CA GLY B 537 0.92 -13.01 -4.60
C GLY B 537 1.39 -14.38 -5.07
N ASN B 538 1.09 -15.42 -4.31
CA ASN B 538 1.46 -16.76 -4.71
C ASN B 538 0.62 -17.06 -5.90
N GLU B 539 1.19 -17.73 -6.88
CA GLU B 539 0.41 -18.06 -8.05
C GLU B 539 0.68 -19.49 -8.42
N ILE B 540 -0.35 -20.21 -8.82
CA ILE B 540 -0.11 -21.57 -9.25
C ILE B 540 -0.47 -21.59 -10.73
N ILE B 541 0.40 -22.26 -11.50
CA ILE B 541 0.25 -22.37 -12.94
C ILE B 541 -0.68 -23.50 -13.32
N VAL B 542 -1.61 -23.21 -14.20
CA VAL B 542 -2.54 -24.22 -14.68
C VAL B 542 -2.35 -24.37 -16.19
N ALA B 543 -2.05 -25.59 -16.60
CA ALA B 543 -1.85 -25.90 -18.00
C ALA B 543 -2.76 -27.02 -18.45
N SER B 544 -3.46 -26.81 -19.56
CA SER B 544 -4.35 -27.81 -20.13
C SER B 544 -4.01 -28.12 -21.58
N ASN B 545 -4.05 -29.41 -21.93
CA ASN B 545 -3.77 -29.88 -23.27
C ASN B 545 -5.01 -30.61 -23.76
N PHE B 546 -5.83 -29.93 -24.55
CA PHE B 546 -7.05 -30.55 -25.03
C PHE B 546 -6.94 -31.31 -26.34
N THR B 547 -5.82 -32.01 -26.47
CA THR B 547 -5.55 -32.85 -27.61
C THR B 547 -4.86 -34.10 -27.08
N PRO B 548 -5.07 -35.24 -27.77
CA PRO B 548 -4.44 -36.49 -27.35
C PRO B 548 -2.97 -36.52 -27.76
N VAL B 549 -2.43 -35.35 -28.11
CA VAL B 549 -1.02 -35.24 -28.49
C VAL B 549 -0.24 -34.70 -27.30
N PRO B 550 0.62 -35.53 -26.71
CA PRO B 550 1.39 -35.02 -25.57
C PRO B 550 2.39 -34.02 -26.08
N ARG B 551 2.58 -32.92 -25.34
CA ARG B 551 3.49 -31.87 -25.74
C ARG B 551 4.76 -31.90 -24.87
N HIS B 552 5.92 -32.19 -25.48
CA HIS B 552 7.17 -32.21 -24.74
C HIS B 552 7.91 -30.93 -25.03
N ASP B 553 8.78 -30.51 -24.11
CA ASP B 553 9.55 -29.29 -24.29
C ASP B 553 8.66 -28.11 -24.69
N TYR B 554 7.48 -28.02 -24.07
CA TYR B 554 6.54 -26.94 -24.34
C TYR B 554 6.90 -25.74 -23.46
N ARG B 555 7.39 -24.67 -24.09
CA ARG B 555 7.81 -23.46 -23.37
C ARG B 555 6.82 -22.31 -23.39
N PHE B 556 6.67 -21.66 -22.24
CA PHE B 556 5.73 -20.54 -22.10
C PHE B 556 6.25 -19.60 -21.03
N GLY B 557 6.02 -18.31 -21.21
CA GLY B 557 6.50 -17.36 -20.23
C GLY B 557 5.82 -17.49 -18.89
N ILE B 558 6.55 -17.21 -17.82
CA ILE B 558 6.00 -17.27 -16.47
C ILE B 558 6.37 -15.95 -15.80
N ASN B 559 5.77 -15.68 -14.65
CA ASN B 559 6.01 -14.45 -13.90
C ASN B 559 7.05 -14.56 -12.80
N GLN B 560 7.19 -15.74 -12.21
CA GLN B 560 8.15 -15.88 -11.13
C GLN B 560 9.23 -16.92 -11.38
N PRO B 561 10.48 -16.49 -11.43
CA PRO B 561 11.52 -17.49 -11.68
C PRO B 561 11.75 -18.35 -10.42
N GLY B 562 12.11 -19.61 -10.64
CA GLY B 562 12.36 -20.50 -9.54
C GLY B 562 11.96 -21.92 -9.87
N LYS B 563 11.87 -22.74 -8.84
CA LYS B 563 11.50 -24.15 -8.94
C LYS B 563 10.01 -24.37 -8.85
N TRP B 564 9.46 -25.07 -9.84
CA TRP B 564 8.05 -25.36 -9.87
C TRP B 564 7.85 -26.88 -9.82
N ARG B 565 6.76 -27.28 -9.21
CA ARG B 565 6.45 -28.70 -9.09
C ARG B 565 4.94 -28.90 -9.27
N GLU B 566 4.55 -30.06 -9.81
CA GLU B 566 3.14 -30.36 -10.01
C GLU B 566 2.47 -30.72 -8.67
N ILE B 567 1.27 -30.22 -8.46
CA ILE B 567 0.53 -30.52 -7.25
C ILE B 567 -0.74 -31.22 -7.69
N LEU B 568 -0.98 -31.22 -8.99
CA LEU B 568 -2.15 -31.86 -9.58
C LEU B 568 -1.89 -32.17 -11.05
N ASN B 569 -2.20 -33.39 -11.47
CA ASN B 569 -1.98 -33.85 -12.84
C ASN B 569 -3.09 -34.86 -13.13
N THR B 570 -4.04 -34.53 -14.00
CA THR B 570 -5.13 -35.46 -14.24
C THR B 570 -4.75 -36.70 -15.04
N ASP B 571 -3.51 -36.75 -15.52
CA ASP B 571 -3.08 -37.92 -16.27
C ASP B 571 -2.28 -38.91 -15.38
N SER B 572 -2.24 -38.63 -14.08
CA SER B 572 -1.56 -39.49 -13.14
C SER B 572 -2.06 -40.92 -13.32
N MET B 573 -1.20 -41.88 -13.00
CA MET B 573 -1.50 -43.31 -13.06
C MET B 573 -2.68 -43.49 -12.10
N HIS B 574 -2.68 -42.66 -11.08
CA HIS B 574 -3.78 -42.63 -10.14
C HIS B 574 -4.79 -42.02 -11.11
N TYR B 575 -6.08 -42.31 -10.98
CA TYR B 575 -7.10 -41.78 -11.90
C TYR B 575 -7.10 -42.58 -13.20
N HIS B 576 -6.05 -43.35 -13.41
CA HIS B 576 -5.91 -44.19 -14.61
C HIS B 576 -5.53 -43.44 -15.89
N GLY B 577 -4.69 -42.41 -15.77
CA GLY B 577 -4.25 -41.68 -16.94
C GLY B 577 -3.06 -42.47 -17.48
N SER B 578 -2.36 -41.96 -18.50
CA SER B 578 -1.21 -42.69 -19.05
C SER B 578 0.01 -42.48 -18.18
N ASN B 579 -0.12 -41.59 -17.19
CA ASN B 579 0.93 -41.27 -16.23
C ASN B 579 2.09 -40.45 -16.81
N ALA B 580 1.79 -39.53 -17.72
CA ALA B 580 2.78 -38.67 -18.34
C ALA B 580 2.89 -37.33 -17.59
N GLY B 581 4.02 -36.64 -17.69
CA GLY B 581 4.12 -35.37 -16.99
C GLY B 581 5.52 -34.93 -16.62
N ASN B 582 5.61 -34.06 -15.64
CA ASN B 582 6.92 -33.61 -15.24
C ASN B 582 7.37 -34.34 -13.98
N GLY B 583 8.52 -35.01 -14.08
CA GLY B 583 9.07 -35.76 -12.97
C GLY B 583 8.91 -35.07 -11.65
N GLY B 584 9.98 -34.49 -11.11
CA GLY B 584 9.87 -33.81 -9.83
C GLY B 584 10.69 -32.55 -9.69
N THR B 585 10.05 -31.41 -9.93
CA THR B 585 10.66 -30.08 -9.85
C THR B 585 11.36 -29.65 -11.13
N VAL B 586 10.85 -28.59 -11.74
CA VAL B 586 11.42 -28.05 -12.96
C VAL B 586 11.75 -26.56 -12.76
N HIS B 587 13.02 -26.22 -12.92
CA HIS B 587 13.46 -24.82 -12.77
C HIS B 587 13.21 -24.02 -14.06
N SER B 588 12.75 -22.79 -13.89
CA SER B 588 12.49 -21.93 -15.04
C SER B 588 13.83 -21.55 -15.61
N ASP B 589 13.81 -21.00 -16.82
CA ASP B 589 15.01 -20.56 -17.54
C ASP B 589 14.90 -19.09 -17.89
N GLU B 590 16.00 -18.36 -17.82
CA GLU B 590 15.93 -16.97 -18.21
C GLU B 590 16.02 -17.00 -19.74
N ILE B 591 14.87 -17.29 -20.35
CA ILE B 591 14.74 -17.39 -21.80
C ILE B 591 13.36 -16.84 -22.16
N ALA B 592 13.33 -15.60 -22.61
CA ALA B 592 12.08 -14.92 -22.96
C ALA B 592 11.04 -15.75 -23.71
N SER B 593 9.78 -15.47 -23.41
CA SER B 593 8.68 -16.17 -24.03
C SER B 593 7.39 -15.39 -23.71
N HIS B 594 6.51 -15.30 -24.69
CA HIS B 594 5.23 -14.62 -24.55
C HIS B 594 5.32 -13.25 -23.90
N GLY B 595 6.42 -12.54 -24.17
CA GLY B 595 6.59 -11.23 -23.60
C GLY B 595 7.15 -11.24 -22.19
N ARG B 596 7.46 -12.42 -21.67
CA ARG B 596 8.02 -12.49 -20.33
C ARG B 596 9.49 -12.89 -20.27
N GLN B 597 10.19 -12.35 -19.28
CA GLN B 597 11.60 -12.66 -19.03
C GLN B 597 11.58 -13.84 -18.07
N HIS B 598 11.69 -15.05 -18.60
CA HIS B 598 11.66 -16.30 -17.83
C HIS B 598 10.52 -17.16 -18.35
N SER B 599 10.71 -18.46 -18.35
CA SER B 599 9.69 -19.38 -18.85
C SER B 599 9.97 -20.77 -18.28
N LEU B 600 9.13 -21.74 -18.59
CA LEU B 600 9.40 -23.06 -18.04
C LEU B 600 9.92 -24.17 -18.97
N SER B 601 9.06 -24.59 -19.89
CA SER B 601 9.33 -25.68 -20.81
C SER B 601 9.06 -26.99 -20.07
N LEU B 602 7.85 -27.50 -20.24
CA LEU B 602 7.44 -28.74 -19.59
C LEU B 602 6.76 -29.71 -20.55
N THR B 603 6.42 -30.88 -20.01
CA THR B 603 5.67 -31.88 -20.75
C THR B 603 4.21 -31.59 -20.34
N LEU B 604 3.31 -31.58 -21.31
CA LEU B 604 1.89 -31.34 -21.06
C LEU B 604 1.17 -32.61 -21.51
N PRO B 605 0.75 -33.45 -20.53
CA PRO B 605 0.06 -34.70 -20.82
C PRO B 605 -1.11 -34.57 -21.79
N PRO B 606 -1.38 -35.63 -22.55
CA PRO B 606 -2.49 -35.63 -23.51
C PRO B 606 -3.83 -35.63 -22.78
N LEU B 607 -4.81 -34.89 -23.32
CA LEU B 607 -6.15 -34.79 -22.74
C LEU B 607 -6.11 -34.66 -21.21
N ALA B 608 -5.40 -33.66 -20.72
CA ALA B 608 -5.30 -33.49 -19.28
C ALA B 608 -4.84 -32.09 -18.90
N THR B 609 -4.94 -31.77 -17.62
CA THR B 609 -4.51 -30.47 -17.12
C THR B 609 -3.65 -30.72 -15.88
N ILE B 610 -2.69 -29.84 -15.65
CA ILE B 610 -1.83 -29.97 -14.50
C ILE B 610 -1.70 -28.64 -13.77
N TRP B 611 -1.49 -28.69 -12.46
CA TRP B 611 -1.33 -27.51 -11.62
C TRP B 611 0.08 -27.57 -11.08
N LEU B 612 0.82 -26.47 -11.18
CA LEU B 612 2.22 -26.43 -10.71
C LEU B 612 2.32 -25.33 -9.68
N VAL B 613 3.14 -25.59 -8.66
CA VAL B 613 3.32 -24.62 -7.58
C VAL B 613 4.79 -24.28 -7.51
N ARG B 614 5.11 -23.11 -6.98
CA ARG B 614 6.49 -22.68 -6.84
C ARG B 614 7.00 -23.06 -5.45
N GLU B 615 8.16 -23.71 -5.38
CA GLU B 615 8.77 -24.11 -4.12
C GLU B 615 9.60 -22.94 -3.59
N ALA B 616 9.45 -22.61 -2.31
CA ALA B 616 10.21 -21.50 -1.73
C ALA B 616 11.69 -21.82 -1.71
N GLU B 617 12.51 -20.77 -1.70
CA GLU B 617 13.96 -20.89 -1.66
C GLU B 617 14.42 -20.96 -0.19
N HIS C 7 2.52 66.63 5.17
CA HIS C 7 3.51 65.52 5.33
C HIS C 7 3.03 64.30 4.57
N LEU C 8 3.95 63.64 3.89
CA LEU C 8 3.62 62.46 3.11
C LEU C 8 3.08 61.32 3.97
N ARG C 9 3.63 61.18 5.18
CA ARG C 9 3.23 60.11 6.09
C ARG C 9 2.74 60.62 7.45
N PRO C 10 1.53 61.20 7.50
CA PRO C 10 1.03 61.70 8.79
C PRO C 10 0.91 60.60 9.85
N TYR C 11 0.72 59.36 9.37
CA TYR C 11 0.59 58.20 10.26
C TYR C 11 1.80 58.01 11.16
N GLU C 12 2.92 58.59 10.79
CA GLU C 12 4.13 58.46 11.58
C GLU C 12 4.13 59.42 12.78
N THR C 13 3.21 60.38 12.78
CA THR C 13 3.13 61.34 13.87
C THR C 13 1.74 61.42 14.54
N LEU C 14 0.67 61.28 13.75
CA LEU C 14 -0.69 61.32 14.26
C LEU C 14 -1.13 59.99 14.87
N GLY C 15 -1.85 60.05 15.99
CA GLY C 15 -2.33 58.85 16.65
C GLY C 15 -1.62 58.60 17.99
N ALA C 16 -1.49 57.32 18.34
CA ALA C 16 -0.83 56.94 19.60
C ALA C 16 0.52 56.28 19.32
N HIS C 17 1.60 57.02 19.58
CA HIS C 17 2.96 56.53 19.36
C HIS C 17 3.78 56.52 20.65
N ALA C 18 4.45 55.41 20.92
CA ALA C 18 5.30 55.32 22.10
C ALA C 18 6.21 56.55 22.05
N ASP C 19 6.58 57.10 23.21
CA ASP C 19 7.43 58.27 23.17
C ASP C 19 8.03 58.56 24.53
N THR C 20 8.76 59.66 24.62
CA THR C 20 9.39 60.07 25.86
C THR C 20 9.43 61.59 26.00
N MET C 21 9.09 62.06 27.20
CA MET C 21 9.09 63.48 27.50
C MET C 21 9.54 63.69 28.95
N ASP C 22 10.66 64.39 29.10
CA ASP C 22 11.24 64.68 30.41
C ASP C 22 11.98 63.48 31.01
N GLY C 23 12.21 62.44 30.20
CA GLY C 23 12.90 61.27 30.69
C GLY C 23 11.92 60.19 31.11
N VAL C 24 10.63 60.51 30.98
CA VAL C 24 9.55 59.58 31.33
C VAL C 24 8.95 59.03 30.05
N THR C 25 8.83 57.72 29.95
CA THR C 25 8.26 57.13 28.74
C THR C 25 6.79 56.74 28.89
N GLY C 26 6.08 56.78 27.77
CA GLY C 26 4.67 56.44 27.74
C GLY C 26 4.27 56.49 26.29
N THR C 27 3.15 57.15 26.00
CA THR C 27 2.71 57.29 24.62
C THR C 27 2.07 58.64 24.41
N ARG C 28 2.42 59.27 23.29
CA ARG C 28 1.88 60.58 22.94
C ARG C 28 0.60 60.38 22.13
N PHE C 29 -0.39 61.22 22.38
CA PHE C 29 -1.66 61.13 21.63
C PHE C 29 -1.88 62.40 20.83
N SER C 30 -2.29 62.22 19.57
CA SER C 30 -2.55 63.33 18.66
C SER C 30 -3.79 63.02 17.84
N VAL C 31 -4.43 64.03 17.30
CA VAL C 31 -5.61 63.83 16.48
C VAL C 31 -6.07 65.15 15.85
N TRP C 32 -6.43 65.08 14.58
CA TRP C 32 -6.88 66.27 13.84
C TRP C 32 -8.37 66.50 14.09
N ALA C 33 -8.68 67.58 14.81
CA ALA C 33 -10.07 67.94 15.12
C ALA C 33 -10.08 69.43 15.45
N PRO C 34 -9.59 70.25 14.50
CA PRO C 34 -9.51 71.71 14.65
C PRO C 34 -10.77 72.43 15.14
N ASN C 35 -11.94 71.87 14.83
CA ASN C 35 -13.20 72.49 15.20
C ASN C 35 -13.82 72.00 16.51
N ALA C 36 -13.24 70.96 17.10
CA ALA C 36 -13.74 70.43 18.36
C ALA C 36 -13.49 71.46 19.45
N ARG C 37 -14.28 71.41 20.52
CA ARG C 37 -14.13 72.35 21.62
C ARG C 37 -13.27 71.75 22.72
N ARG C 38 -13.56 70.50 23.05
CA ARG C 38 -12.84 69.78 24.10
C ARG C 38 -12.63 68.34 23.66
N VAL C 39 -11.40 67.87 23.70
CA VAL C 39 -11.11 66.49 23.32
C VAL C 39 -10.26 65.84 24.40
N SER C 40 -10.58 64.59 24.70
CA SER C 40 -9.85 63.86 25.74
C SER C 40 -9.53 62.42 25.41
N VAL C 41 -8.45 61.93 26.01
CA VAL C 41 -7.98 60.56 25.84
C VAL C 41 -8.58 59.72 26.96
N VAL C 42 -9.55 58.86 26.62
CA VAL C 42 -10.20 58.02 27.63
C VAL C 42 -10.04 56.53 27.32
N GLY C 43 -9.83 55.75 28.38
CA GLY C 43 -9.68 54.32 28.23
C GLY C 43 -10.22 53.57 29.44
N GLN C 44 -9.68 52.38 29.71
CA GLN C 44 -10.11 51.60 30.87
C GLN C 44 -9.23 51.97 32.04
N PHE C 45 -8.04 52.49 31.71
CA PHE C 45 -7.06 52.94 32.69
C PHE C 45 -7.56 54.31 33.13
N ASN C 46 -8.63 54.75 32.47
CA ASN C 46 -9.28 56.03 32.67
C ASN C 46 -10.70 55.86 33.20
N TYR C 47 -11.15 54.61 33.28
CA TYR C 47 -12.50 54.29 33.74
C TYR C 47 -13.39 55.18 32.89
N TRP C 48 -12.98 55.30 31.64
CA TRP C 48 -13.66 56.09 30.61
C TRP C 48 -14.25 57.43 31.07
N ASP C 49 -13.39 58.36 31.45
CA ASP C 49 -13.81 59.70 31.89
C ASP C 49 -13.00 60.77 31.15
N GLY C 50 -13.67 61.53 30.29
CA GLY C 50 -12.98 62.57 29.52
C GLY C 50 -12.57 63.81 30.29
N ARG C 51 -12.38 63.67 31.59
CA ARG C 51 -11.97 64.80 32.43
C ARG C 51 -10.56 64.58 32.98
N ARG C 52 -10.18 63.32 33.13
CA ARG C 52 -8.87 62.95 33.64
C ARG C 52 -7.73 63.32 32.67
N HIS C 53 -7.82 62.80 31.44
CA HIS C 53 -6.80 63.03 30.43
C HIS C 53 -7.22 63.91 29.26
N PRO C 54 -7.43 65.21 29.51
CA PRO C 54 -7.83 66.15 28.45
C PRO C 54 -6.64 66.50 27.56
N MET C 55 -6.92 66.89 26.31
CA MET C 55 -5.85 67.21 25.38
C MET C 55 -5.73 68.71 25.08
N ARG C 56 -4.50 69.15 24.84
CA ARG C 56 -4.23 70.56 24.53
C ARG C 56 -4.12 70.68 23.02
N LEU C 57 -5.00 71.49 22.42
CA LEU C 57 -5.04 71.70 20.98
C LEU C 57 -3.99 72.64 20.37
N ARG C 58 -3.28 72.11 19.38
CA ARG C 58 -2.28 72.87 18.65
C ARG C 58 -3.11 73.74 17.71
N LYS C 59 -3.47 74.93 18.18
CA LYS C 59 -4.30 75.82 17.39
C LYS C 59 -3.89 76.00 15.95
N GLU C 60 -2.61 76.23 15.71
CA GLU C 60 -2.13 76.44 14.34
C GLU C 60 -2.28 75.27 13.36
N SER C 61 -2.55 74.08 13.87
CA SER C 61 -2.72 72.90 13.00
C SER C 61 -3.98 72.11 13.29
N GLY C 62 -4.77 72.56 14.27
CA GLY C 62 -6.00 71.87 14.61
C GLY C 62 -5.78 70.44 15.11
N ILE C 63 -4.65 70.21 15.76
CA ILE C 63 -4.30 68.89 16.28
C ILE C 63 -4.26 68.85 17.80
N TRP C 64 -4.93 67.86 18.38
CA TRP C 64 -4.94 67.72 19.84
C TRP C 64 -3.86 66.72 20.25
N GLU C 65 -2.96 67.18 21.10
CA GLU C 65 -1.88 66.32 21.57
C GLU C 65 -1.92 66.16 23.09
N LEU C 66 -1.59 64.95 23.56
CA LEU C 66 -1.55 64.64 24.98
C LEU C 66 -0.65 63.43 25.21
N PHE C 67 0.38 63.61 26.03
CA PHE C 67 1.31 62.53 26.33
C PHE C 67 0.98 61.88 27.67
N ILE C 68 0.56 60.62 27.63
CA ILE C 68 0.24 59.90 28.86
C ILE C 68 1.35 58.91 29.21
N PRO C 69 2.22 59.26 30.17
CA PRO C 69 3.32 58.39 30.59
C PRO C 69 2.81 57.10 31.23
N GLY C 70 3.52 56.00 30.98
CA GLY C 70 3.09 54.73 31.53
C GLY C 70 2.20 54.01 30.54
N ALA C 71 1.48 54.80 29.74
CA ALA C 71 0.59 54.24 28.71
C ALA C 71 1.41 53.30 27.82
N HIS C 72 0.87 52.12 27.55
CA HIS C 72 1.56 51.12 26.75
C HIS C 72 0.68 50.37 25.73
N ASN C 73 1.32 49.44 25.01
CA ASN C 73 0.64 48.64 24.01
C ASN C 73 -0.43 47.77 24.62
N GLY C 74 -1.46 47.47 23.84
CA GLY C 74 -2.55 46.66 24.32
C GLY C 74 -3.66 47.52 24.88
N GLN C 75 -3.29 48.54 25.65
CA GLN C 75 -4.29 49.42 26.26
C GLN C 75 -5.27 49.99 25.25
N LEU C 76 -6.55 49.85 25.55
CA LEU C 76 -7.61 50.36 24.69
C LEU C 76 -7.81 51.84 24.95
N TYR C 77 -8.28 52.56 23.93
CA TYR C 77 -8.51 53.98 24.09
C TYR C 77 -9.36 54.53 22.96
N LYS C 78 -9.91 55.71 23.21
CA LYS C 78 -10.74 56.42 22.25
C LYS C 78 -10.61 57.89 22.61
N TYR C 79 -11.23 58.76 21.81
CA TYR C 79 -11.16 60.19 22.07
C TYR C 79 -12.53 60.80 22.33
N GLU C 80 -12.76 61.23 23.57
CA GLU C 80 -14.02 61.86 23.91
C GLU C 80 -13.91 63.32 23.50
N MET C 81 -14.81 63.77 22.63
CA MET C 81 -14.76 65.16 22.17
C MET C 81 -16.07 65.93 22.28
N ILE C 82 -16.02 67.19 21.86
CA ILE C 82 -17.16 68.08 21.88
C ILE C 82 -17.31 68.72 20.50
N ASP C 83 -18.42 68.41 19.83
CA ASP C 83 -18.70 68.95 18.49
C ASP C 83 -18.52 70.46 18.40
N ALA C 84 -18.53 70.97 17.17
CA ALA C 84 -18.40 72.40 16.93
C ALA C 84 -19.76 72.96 17.30
N ASN C 85 -20.74 72.07 17.39
CA ASN C 85 -22.10 72.41 17.76
C ASN C 85 -22.21 72.34 19.28
N GLY C 86 -21.16 71.80 19.90
CA GLY C 86 -21.12 71.67 21.35
C GLY C 86 -21.52 70.30 21.86
N ASN C 87 -21.75 69.37 20.94
CA ASN C 87 -22.15 68.02 21.30
C ASN C 87 -21.05 67.18 21.94
N LEU C 88 -21.44 65.99 22.40
CA LEU C 88 -20.53 65.06 23.03
C LEU C 88 -20.32 63.95 22.01
N ARG C 89 -19.09 63.49 21.84
CA ARG C 89 -18.83 62.44 20.86
C ARG C 89 -17.67 61.51 21.21
N LEU C 90 -17.96 60.22 21.26
CA LEU C 90 -16.93 59.22 21.53
C LEU C 90 -16.44 58.72 20.17
N LYS C 91 -15.37 59.35 19.67
CA LYS C 91 -14.80 59.00 18.38
C LYS C 91 -13.71 57.92 18.47
N SER C 92 -13.41 57.35 17.30
CA SER C 92 -12.37 56.32 17.18
C SER C 92 -11.16 56.95 16.49
N ASP C 93 -9.96 56.49 16.84
CA ASP C 93 -8.75 57.06 16.24
C ASP C 93 -8.60 56.59 14.80
N PRO C 94 -8.80 57.51 13.84
CA PRO C 94 -8.69 57.21 12.41
C PRO C 94 -7.34 56.60 12.06
N TYR C 95 -6.31 56.97 12.83
CA TYR C 95 -4.97 56.46 12.63
C TYR C 95 -4.70 55.26 13.53
N ALA C 96 -5.77 54.56 13.93
CA ALA C 96 -5.63 53.39 14.78
C ALA C 96 -4.96 52.31 13.97
N PHE C 97 -3.80 51.86 14.42
CA PHE C 97 -3.06 50.82 13.73
C PHE C 97 -3.55 49.46 14.21
N GLU C 98 -4.36 49.50 15.27
CA GLU C 98 -4.96 48.30 15.85
C GLU C 98 -6.36 48.71 16.33
N ALA C 99 -7.32 47.78 16.27
CA ALA C 99 -8.68 48.09 16.70
C ALA C 99 -9.41 46.88 17.28
N GLN C 100 -10.71 47.04 17.50
CA GLN C 100 -11.56 46.00 18.05
C GLN C 100 -13.04 46.30 17.75
N THR C 105 -15.59 48.39 20.72
CA THR C 105 -14.91 48.92 19.54
C THR C 105 -14.07 50.13 19.92
N ALA C 106 -12.81 49.88 20.22
CA ALA C 106 -11.88 50.94 20.61
C ALA C 106 -10.55 50.83 19.88
N SER C 107 -9.80 51.92 19.87
CA SER C 107 -8.50 51.94 19.25
C SER C 107 -7.63 51.18 20.22
N LEU C 108 -6.58 50.53 19.72
CA LEU C 108 -5.67 49.77 20.56
C LEU C 108 -4.25 50.32 20.41
N ILE C 109 -3.57 50.54 21.52
CA ILE C 109 -2.22 51.08 21.48
C ILE C 109 -1.20 50.09 20.95
N CYS C 110 -0.38 50.59 20.02
CA CYS C 110 0.70 49.88 19.35
C CYS C 110 1.21 50.92 18.35
N GLY C 111 2.50 50.93 18.09
CA GLY C 111 3.06 51.91 17.17
C GLY C 111 2.96 51.52 15.71
N LEU C 112 4.11 51.53 15.04
CA LEU C 112 4.18 51.18 13.63
C LEU C 112 5.04 49.94 13.43
N PRO C 113 4.65 49.04 12.50
CA PRO C 113 5.52 47.87 12.31
C PRO C 113 6.92 48.40 11.98
N GLU C 114 7.90 47.52 11.83
CA GLU C 114 9.26 47.99 11.61
C GLU C 114 9.73 48.41 10.21
N LYS C 115 8.82 48.73 9.29
CA LYS C 115 9.21 49.13 7.93
C LYS C 115 9.89 47.99 7.18
N VAL C 116 9.34 47.64 6.02
CA VAL C 116 9.93 46.57 5.22
C VAL C 116 10.52 47.17 3.94
N VAL C 117 11.58 46.55 3.44
CA VAL C 117 12.22 46.99 2.20
C VAL C 117 11.82 46.02 1.09
N GLN C 118 11.24 46.55 0.02
CA GLN C 118 10.86 45.69 -1.10
C GLN C 118 12.12 45.35 -1.88
N THR C 119 12.49 44.07 -1.86
CA THR C 119 13.66 43.60 -2.57
C THR C 119 13.48 43.89 -4.06
N GLU C 120 14.58 43.96 -4.79
CA GLU C 120 14.51 44.22 -6.22
C GLU C 120 13.79 43.05 -6.91
N GLU C 121 13.72 41.93 -6.20
CA GLU C 121 13.04 40.74 -6.72
C GLU C 121 11.53 40.96 -6.77
N ARG C 122 10.98 41.62 -5.75
CA ARG C 122 9.54 41.87 -5.70
C ARG C 122 9.09 43.03 -6.61
N LYS C 123 9.98 43.99 -6.85
CA LYS C 123 9.67 45.11 -7.74
C LYS C 123 9.64 44.59 -9.17
N LYS C 124 10.63 43.73 -9.49
CA LYS C 124 10.74 43.15 -10.82
C LYS C 124 9.60 42.21 -11.16
N ALA C 125 8.99 41.60 -10.14
CA ALA C 125 7.87 40.70 -10.38
C ALA C 125 6.65 41.52 -10.75
N ASN C 126 6.69 42.81 -10.41
CA ASN C 126 5.60 43.73 -10.72
C ASN C 126 5.71 44.30 -12.13
N GLN C 127 6.91 44.25 -12.69
CA GLN C 127 7.17 44.79 -14.03
C GLN C 127 6.32 44.23 -15.17
N PHE C 128 6.04 45.10 -16.15
CA PHE C 128 5.23 44.79 -17.32
C PHE C 128 5.72 43.55 -18.06
N ASP C 129 7.04 43.37 -18.07
CA ASP C 129 7.68 42.25 -18.76
C ASP C 129 7.65 40.93 -18.00
N ALA C 130 7.10 40.95 -16.79
CA ALA C 130 7.06 39.74 -15.98
C ALA C 130 5.72 39.02 -16.01
N PRO C 131 5.76 37.68 -15.92
CA PRO C 131 4.52 36.88 -15.94
C PRO C 131 3.76 37.18 -14.65
N ILE C 132 2.56 37.73 -14.77
CA ILE C 132 1.80 38.06 -13.59
C ILE C 132 0.48 37.32 -13.50
N SER C 133 0.48 36.22 -12.74
CA SER C 133 -0.73 35.42 -12.52
C SER C 133 -1.15 35.61 -11.05
N ILE C 134 -2.18 36.44 -10.87
CA ILE C 134 -2.71 36.77 -9.55
C ILE C 134 -3.79 35.85 -9.05
N TYR C 135 -3.72 35.56 -7.75
CA TYR C 135 -4.68 34.71 -7.07
C TYR C 135 -5.48 35.63 -6.15
N GLU C 136 -6.74 35.88 -6.49
CA GLU C 136 -7.57 36.75 -5.66
C GLU C 136 -8.17 35.95 -4.51
N VAL C 137 -8.13 36.52 -3.31
CA VAL C 137 -8.65 35.83 -2.11
C VAL C 137 -9.28 36.67 -0.98
N HIS C 138 -10.44 36.23 -0.51
CA HIS C 138 -11.10 36.90 0.61
C HIS C 138 -10.66 36.04 1.81
N LEU C 139 -9.71 36.55 2.58
CA LEU C 139 -9.20 35.79 3.71
C LEU C 139 -10.26 35.10 4.56
N GLY C 140 -11.39 35.77 4.76
CA GLY C 140 -12.47 35.20 5.56
C GLY C 140 -13.48 34.28 4.89
N SER C 141 -13.08 33.56 3.85
CA SER C 141 -13.99 32.64 3.18
C SER C 141 -13.27 31.62 2.32
N TRP C 142 -11.94 31.64 2.36
CA TRP C 142 -11.13 30.70 1.57
C TRP C 142 -11.22 29.29 2.12
N ARG C 143 -10.97 29.16 3.43
CA ARG C 143 -11.02 27.87 4.10
C ARG C 143 -11.45 28.05 5.56
N ARG C 144 -12.52 27.37 5.96
CA ARG C 144 -13.01 27.44 7.34
C ARG C 144 -12.63 26.12 8.01
N HIS C 145 -12.31 26.17 9.30
CA HIS C 145 -11.94 24.95 10.00
C HIS C 145 -13.06 23.93 10.03
N THR C 146 -12.84 22.84 9.28
CA THR C 146 -13.78 21.73 9.14
C THR C 146 -14.82 21.59 10.25
N ASP C 147 -14.34 21.52 11.49
CA ASP C 147 -15.22 21.37 12.65
C ASP C 147 -16.17 22.55 12.91
N ASN C 148 -15.68 23.54 13.66
CA ASN C 148 -16.44 24.73 14.02
C ASN C 148 -16.68 25.75 12.90
N ASN C 149 -16.14 25.46 11.71
CA ASN C 149 -16.28 26.33 10.53
C ASN C 149 -15.76 27.76 10.71
N PHE C 150 -14.81 27.95 11.61
CA PHE C 150 -14.25 29.27 11.83
C PHE C 150 -13.19 29.67 10.81
N TRP C 151 -12.82 30.95 10.83
CA TRP C 151 -11.81 31.48 9.94
C TRP C 151 -10.45 30.89 10.32
N LEU C 152 -9.53 30.85 9.37
CA LEU C 152 -8.20 30.37 9.70
C LEU C 152 -7.56 31.70 10.10
N SER C 153 -6.63 31.68 11.04
CA SER C 153 -5.98 32.91 11.48
C SER C 153 -4.92 33.35 10.46
N TYR C 154 -4.30 34.49 10.71
CA TYR C 154 -3.26 35.00 9.81
C TYR C 154 -2.10 34.01 9.77
N ARG C 155 -1.89 33.31 10.88
CA ARG C 155 -0.80 32.35 10.94
C ARG C 155 -1.20 30.94 10.49
N GLU C 156 -2.47 30.74 10.18
CA GLU C 156 -2.94 29.46 9.70
C GLU C 156 -3.04 29.56 8.18
N LEU C 157 -3.12 30.79 7.68
CA LEU C 157 -3.18 31.05 6.25
C LEU C 157 -1.77 31.05 5.68
N ALA C 158 -0.82 31.50 6.49
CA ALA C 158 0.57 31.55 6.07
C ALA C 158 1.08 30.13 5.87
N ASP C 159 0.40 29.17 6.52
CA ASP C 159 0.78 27.76 6.43
C ASP C 159 -0.03 26.99 5.38
N GLN C 160 -1.24 27.48 5.08
CA GLN C 160 -2.13 26.83 4.14
C GLN C 160 -2.33 27.58 2.82
N LEU C 161 -2.63 28.88 2.93
CA LEU C 161 -2.88 29.72 1.76
C LEU C 161 -1.62 29.96 0.93
N VAL C 162 -0.57 30.46 1.59
CA VAL C 162 0.71 30.75 0.92
C VAL C 162 1.29 29.54 0.16
N PRO C 163 1.58 28.43 0.86
CA PRO C 163 2.13 27.21 0.24
C PRO C 163 1.29 26.68 -0.92
N TYR C 164 -0.04 26.77 -0.80
CA TYR C 164 -0.93 26.31 -1.87
C TYR C 164 -0.79 27.27 -3.03
N ALA C 165 -0.79 28.57 -2.73
CA ALA C 165 -0.64 29.60 -3.75
C ALA C 165 0.65 29.33 -4.53
N LYS C 166 1.77 29.22 -3.82
CA LYS C 166 3.08 28.95 -4.45
C LYS C 166 3.07 27.71 -5.35
N TRP C 167 2.61 26.58 -4.80
CA TRP C 167 2.55 25.33 -5.55
C TRP C 167 1.76 25.44 -6.86
N MET C 168 0.74 26.30 -6.87
CA MET C 168 -0.09 26.47 -8.05
C MET C 168 0.52 27.34 -9.18
N GLY C 169 1.72 27.85 -8.97
CA GLY C 169 2.36 28.65 -9.99
C GLY C 169 1.88 30.10 -10.02
N PHE C 170 1.16 30.52 -8.98
CA PHE C 170 0.69 31.90 -8.92
C PHE C 170 1.89 32.74 -8.49
N THR C 171 1.95 33.97 -8.98
CA THR C 171 3.06 34.87 -8.66
C THR C 171 2.72 35.97 -7.68
N HIS C 172 1.44 36.32 -7.65
CA HIS C 172 0.95 37.37 -6.77
C HIS C 172 -0.26 36.88 -5.98
N LEU C 173 -0.55 37.56 -4.89
CA LEU C 173 -1.68 37.20 -4.04
C LEU C 173 -2.49 38.49 -3.82
N GLU C 174 -3.69 38.58 -4.41
CA GLU C 174 -4.51 39.78 -4.23
C GLU C 174 -5.55 39.53 -3.14
N LEU C 175 -5.48 40.33 -2.07
CA LEU C 175 -6.39 40.19 -0.93
C LEU C 175 -7.51 41.24 -0.86
N LEU C 176 -8.75 40.79 -0.80
CA LEU C 176 -9.87 41.73 -0.67
C LEU C 176 -9.54 42.62 0.52
N PRO C 177 -10.05 43.86 0.55
CA PRO C 177 -9.79 44.81 1.64
C PRO C 177 -9.71 44.19 3.03
N ILE C 178 -8.49 43.84 3.45
CA ILE C 178 -8.28 43.25 4.78
C ILE C 178 -8.33 44.37 5.83
N ASN C 179 -8.76 45.53 5.37
CA ASN C 179 -8.91 46.70 6.20
C ASN C 179 -9.95 46.39 7.28
N GLU C 180 -9.87 47.05 8.42
CA GLU C 180 -10.86 46.76 9.46
C GLU C 180 -12.23 47.31 9.08
N HIS C 181 -13.19 46.41 8.93
CA HIS C 181 -14.56 46.75 8.59
C HIS C 181 -15.51 46.02 9.56
N PRO C 182 -16.72 46.57 9.76
CA PRO C 182 -17.74 46.01 10.66
C PRO C 182 -18.61 44.88 10.16
N PHE C 183 -18.66 44.65 8.84
CA PHE C 183 -19.50 43.57 8.33
C PHE C 183 -18.82 42.66 7.33
N ASP C 184 -19.15 41.37 7.41
CA ASP C 184 -18.58 40.38 6.51
C ASP C 184 -19.09 40.60 5.09
N GLY C 185 -20.40 40.83 4.98
CA GLY C 185 -21.04 41.03 3.69
C GLY C 185 -20.42 42.08 2.77
N SER C 186 -19.76 43.09 3.34
CA SER C 186 -19.13 44.14 2.53
C SER C 186 -17.78 43.64 2.00
N TRP C 187 -17.33 42.50 2.53
CA TRP C 187 -16.07 41.89 2.15
C TRP C 187 -14.86 42.72 2.52
N GLY C 188 -15.10 43.97 2.90
CA GLY C 188 -14.01 44.83 3.29
C GLY C 188 -14.03 46.15 2.55
N TYR C 189 -14.97 46.30 1.62
CA TYR C 189 -15.09 47.53 0.83
C TYR C 189 -15.72 48.69 1.60
N GLN C 190 -16.41 48.38 2.69
CA GLN C 190 -17.03 49.42 3.52
C GLN C 190 -16.28 49.39 4.86
N PRO C 191 -15.15 50.12 4.93
CA PRO C 191 -14.27 50.23 6.10
C PRO C 191 -14.67 51.16 7.25
N THR C 192 -14.05 50.90 8.41
CA THR C 192 -14.25 51.68 9.63
C THR C 192 -12.88 52.15 10.12
N GLY C 193 -11.83 51.41 9.76
CA GLY C 193 -10.48 51.79 10.16
C GLY C 193 -9.45 51.44 9.09
N LEU C 194 -9.10 52.43 8.27
CA LEU C 194 -8.14 52.24 7.16
C LEU C 194 -6.74 51.82 7.59
N TYR C 195 -6.33 52.24 8.78
CA TYR C 195 -5.00 51.90 9.28
C TYR C 195 -4.96 50.65 10.17
N ALA C 196 -6.03 49.87 10.16
CA ALA C 196 -6.04 48.69 11.01
C ALA C 196 -6.51 47.40 10.32
N PRO C 197 -5.67 46.36 10.38
CA PRO C 197 -5.99 45.05 9.76
C PRO C 197 -7.17 44.42 10.51
N THR C 198 -8.04 43.72 9.78
CA THR C 198 -9.19 43.11 10.45
C THR C 198 -8.68 42.12 11.50
N ARG C 199 -9.16 42.29 12.74
CA ARG C 199 -8.77 41.43 13.85
C ARG C 199 -9.48 40.08 13.78
N ARG C 200 -10.34 39.92 12.77
CA ARG C 200 -11.06 38.66 12.60
C ARG C 200 -10.07 37.51 12.58
N PHE C 201 -8.85 37.79 12.13
CA PHE C 201 -7.82 36.76 12.00
C PHE C 201 -6.60 36.91 12.90
N GLY C 202 -6.51 38.02 13.64
CA GLY C 202 -5.38 38.19 14.53
C GLY C 202 -4.86 39.62 14.67
N THR C 203 -3.79 39.80 15.45
CA THR C 203 -3.20 41.13 15.63
C THR C 203 -2.59 41.62 14.34
N ARG C 204 -2.11 42.86 14.35
CA ARG C 204 -1.48 43.43 13.16
C ARG C 204 -0.17 42.71 12.88
N ASP C 205 0.47 42.23 13.92
CA ASP C 205 1.73 41.51 13.79
C ASP C 205 1.54 40.16 13.10
N ASP C 206 0.33 39.62 13.17
CA ASP C 206 0.00 38.35 12.54
C ASP C 206 -0.11 38.56 11.03
N PHE C 207 -0.69 39.70 10.66
CA PHE C 207 -0.85 40.08 9.26
C PHE C 207 0.53 40.32 8.64
N ARG C 208 1.39 41.01 9.39
CA ARG C 208 2.75 41.32 8.97
C ARG C 208 3.57 40.02 8.89
N TYR C 209 3.11 39.00 9.59
CA TYR C 209 3.78 37.69 9.58
C TYR C 209 3.24 36.93 8.37
N PHE C 210 1.98 37.18 8.04
CA PHE C 210 1.37 36.53 6.89
C PHE C 210 2.10 37.02 5.64
N ILE C 211 2.30 38.33 5.54
CA ILE C 211 3.01 38.92 4.40
C ILE C 211 4.45 38.43 4.38
N ASP C 212 5.08 38.38 5.54
CA ASP C 212 6.46 37.90 5.62
C ASP C 212 6.55 36.47 5.10
N ALA C 213 5.48 35.69 5.32
CA ALA C 213 5.45 34.31 4.86
C ALA C 213 5.19 34.26 3.36
N ALA C 214 4.40 35.23 2.86
CA ALA C 214 4.09 35.32 1.44
C ALA C 214 5.41 35.62 0.75
N HIS C 215 6.07 36.67 1.20
CA HIS C 215 7.36 37.05 0.65
C HIS C 215 8.34 35.88 0.75
N ALA C 216 8.37 35.26 1.92
CA ALA C 216 9.25 34.14 2.19
C ALA C 216 9.07 32.98 1.20
N ALA C 217 7.85 32.83 0.68
CA ALA C 217 7.57 31.76 -0.28
C ALA C 217 7.74 32.28 -1.71
N GLY C 218 8.33 33.47 -1.83
CA GLY C 218 8.54 34.06 -3.13
C GLY C 218 7.24 34.43 -3.81
N LEU C 219 6.40 35.20 -3.11
CA LEU C 219 5.11 35.65 -3.64
C LEU C 219 4.96 37.15 -3.45
N ASN C 220 4.16 37.78 -4.31
CA ASN C 220 3.90 39.21 -4.21
C ASN C 220 2.49 39.38 -3.67
N VAL C 221 2.30 40.36 -2.79
CA VAL C 221 0.97 40.59 -2.25
C VAL C 221 0.39 41.91 -2.74
N ILE C 222 -0.87 41.86 -3.18
CA ILE C 222 -1.59 43.03 -3.66
C ILE C 222 -2.75 43.24 -2.67
N LEU C 223 -2.89 44.48 -2.19
CA LEU C 223 -3.96 44.81 -1.25
C LEU C 223 -4.98 45.76 -1.88
N ASP C 224 -6.24 45.34 -1.88
CA ASP C 224 -7.32 46.17 -2.39
C ASP C 224 -7.40 47.39 -1.45
N TRP C 225 -6.99 48.55 -1.98
CA TRP C 225 -7.01 49.79 -1.23
C TRP C 225 -8.37 50.42 -1.50
N VAL C 226 -8.95 51.09 -0.50
CA VAL C 226 -10.26 51.67 -0.70
C VAL C 226 -10.45 53.14 -0.33
N PRO C 227 -10.01 54.06 -1.22
CA PRO C 227 -10.18 55.49 -0.96
C PRO C 227 -11.49 55.99 -1.57
N GLY C 228 -12.15 55.13 -2.33
CA GLY C 228 -13.42 55.50 -2.95
C GLY C 228 -14.61 55.33 -2.03
N HIS C 229 -14.46 54.48 -1.01
CA HIS C 229 -15.51 54.21 -0.04
C HIS C 229 -15.30 54.93 1.28
N PHE C 230 -16.01 56.03 1.47
CA PHE C 230 -15.90 56.79 2.72
C PHE C 230 -16.63 55.97 3.78
N PRO C 231 -16.00 55.76 4.95
CA PRO C 231 -16.64 54.98 6.02
C PRO C 231 -18.07 55.42 6.32
N THR C 232 -19.02 54.52 6.07
CA THR C 232 -20.43 54.80 6.29
C THR C 232 -20.98 54.21 7.61
N ASP C 233 -20.24 53.26 8.18
CA ASP C 233 -20.63 52.60 9.42
C ASP C 233 -20.08 53.18 10.72
N ASP C 234 -20.85 52.98 11.79
CA ASP C 234 -20.51 53.43 13.14
C ASP C 234 -19.96 54.84 13.26
N PHE C 235 -20.53 55.78 12.52
CA PHE C 235 -20.10 57.18 12.57
C PHE C 235 -18.60 57.16 12.85
N ALA C 236 -17.86 56.44 12.01
CA ALA C 236 -16.42 56.28 12.14
C ALA C 236 -15.58 57.49 11.76
N LEU C 237 -15.94 58.16 10.66
CA LEU C 237 -15.18 59.32 10.20
C LEU C 237 -16.07 60.52 9.90
N ALA C 238 -17.36 60.28 9.67
CA ALA C 238 -18.30 61.36 9.37
C ALA C 238 -18.16 62.53 10.33
N GLU C 239 -18.88 63.61 10.02
CA GLU C 239 -18.88 64.85 10.81
C GLU C 239 -17.87 64.88 11.95
N PHE C 240 -16.60 64.69 11.63
CA PHE C 240 -15.57 64.70 12.65
C PHE C 240 -15.50 66.11 13.22
N ASP C 241 -14.94 66.24 14.43
CA ASP C 241 -14.81 67.51 15.15
C ASP C 241 -16.07 68.40 15.13
N GLY C 242 -17.18 67.85 14.66
CA GLY C 242 -18.42 68.62 14.62
C GLY C 242 -18.84 69.05 13.23
N THR C 243 -17.87 69.49 12.44
CA THR C 243 -18.14 69.93 11.07
C THR C 243 -17.98 68.74 10.12
N ASN C 244 -17.36 68.97 8.97
CA ASN C 244 -17.13 67.91 7.98
C ASN C 244 -15.64 67.85 7.61
N LEU C 245 -14.82 67.42 8.56
CA LEU C 245 -13.37 67.33 8.37
C LEU C 245 -12.91 66.45 7.20
N TYR C 246 -13.70 65.44 6.86
CA TYR C 246 -13.34 64.53 5.77
C TYR C 246 -14.28 64.60 4.57
N GLU C 247 -15.46 64.01 4.69
CA GLU C 247 -16.42 64.01 3.60
C GLU C 247 -16.74 65.44 3.16
N HIS C 248 -17.56 65.55 2.12
CA HIS C 248 -17.98 66.83 1.59
C HIS C 248 -19.30 67.27 2.23
N SER C 249 -19.39 68.56 2.55
CA SER C 249 -20.59 69.13 3.17
C SER C 249 -21.75 69.22 2.18
N LEU C 262 -22.02 60.64 1.27
CA LEU C 262 -20.94 61.56 1.60
C LEU C 262 -19.63 61.08 0.97
N ILE C 263 -18.97 61.98 0.25
CA ILE C 263 -17.72 61.64 -0.42
C ILE C 263 -16.52 62.35 0.20
N TYR C 264 -15.38 61.66 0.18
CA TYR C 264 -14.13 62.13 0.76
C TYR C 264 -13.66 63.58 0.68
N ASN C 265 -13.98 64.31 -0.38
CA ASN C 265 -13.46 65.68 -0.50
C ASN C 265 -11.94 65.50 -0.46
N TYR C 266 -11.43 64.72 -1.41
CA TYR C 266 -10.02 64.42 -1.49
C TYR C 266 -9.19 65.68 -1.73
N GLY C 267 -9.87 66.76 -2.10
CA GLY C 267 -9.20 68.01 -2.37
C GLY C 267 -8.84 68.81 -1.14
N ARG C 268 -8.55 68.13 -0.04
CA ARG C 268 -8.19 68.81 1.21
C ARG C 268 -6.83 68.36 1.72
N ARG C 269 -6.01 69.34 2.07
CA ARG C 269 -4.66 69.10 2.56
C ARG C 269 -4.48 67.93 3.54
N GLU C 270 -5.50 67.61 4.33
CA GLU C 270 -5.36 66.51 5.27
C GLU C 270 -6.05 65.22 4.85
N VAL C 271 -7.15 65.33 4.11
CA VAL C 271 -7.87 64.14 3.66
C VAL C 271 -7.02 63.41 2.61
N SER C 272 -6.21 64.18 1.88
CA SER C 272 -5.32 63.62 0.87
C SER C 272 -4.14 62.96 1.57
N ASN C 273 -3.55 63.68 2.52
CA ASN C 273 -2.44 63.18 3.31
C ASN C 273 -2.91 61.94 4.06
N PHE C 274 -4.17 61.98 4.48
CA PHE C 274 -4.80 60.88 5.19
C PHE C 274 -4.84 59.64 4.31
N LEU C 275 -5.23 59.84 3.05
CA LEU C 275 -5.33 58.75 2.08
C LEU C 275 -4.00 58.38 1.41
N VAL C 276 -3.32 59.35 0.81
CA VAL C 276 -2.05 59.06 0.18
C VAL C 276 -1.12 58.44 1.22
N GLY C 277 -1.27 58.87 2.47
CA GLY C 277 -0.45 58.34 3.55
C GLY C 277 -0.81 56.91 3.90
N ASN C 278 -2.08 56.57 3.73
CA ASN C 278 -2.55 55.23 4.02
C ASN C 278 -1.89 54.23 3.08
N ALA C 279 -1.60 54.68 1.85
CA ALA C 279 -0.97 53.84 0.85
C ALA C 279 0.48 53.52 1.21
N LEU C 280 1.28 54.55 1.47
CA LEU C 280 2.70 54.36 1.82
C LEU C 280 2.81 53.51 3.08
N TYR C 281 1.78 53.59 3.91
CA TYR C 281 1.70 52.85 5.15
C TYR C 281 1.74 51.36 4.82
N TRP C 282 0.67 50.87 4.20
CA TRP C 282 0.58 49.46 3.85
C TRP C 282 1.81 48.88 3.16
N ILE C 283 2.44 49.68 2.31
CA ILE C 283 3.61 49.23 1.57
C ILE C 283 4.89 49.24 2.39
N GLU C 284 5.19 50.38 3.01
CA GLU C 284 6.41 50.52 3.78
C GLU C 284 6.39 49.79 5.13
N ARG C 285 5.31 49.94 5.88
CA ARG C 285 5.19 49.31 7.20
C ARG C 285 4.80 47.84 7.18
N PHE C 286 3.94 47.44 6.25
CA PHE C 286 3.52 46.04 6.15
C PHE C 286 4.14 45.31 4.95
N GLY C 287 4.72 46.06 4.03
CA GLY C 287 5.35 45.46 2.86
C GLY C 287 4.49 44.92 1.73
N ILE C 288 3.23 45.33 1.63
CA ILE C 288 2.44 44.79 0.52
C ILE C 288 3.20 45.27 -0.72
N ASP C 289 3.12 44.53 -1.82
CA ASP C 289 3.86 44.91 -3.00
C ASP C 289 3.09 45.64 -4.08
N ALA C 290 1.76 45.69 -3.93
CA ALA C 290 0.92 46.37 -4.91
C ALA C 290 -0.38 46.85 -4.27
N LEU C 291 -0.98 47.85 -4.89
CA LEU C 291 -2.24 48.41 -4.41
C LEU C 291 -3.25 48.38 -5.53
N ARG C 292 -4.45 47.88 -5.25
CA ARG C 292 -5.48 47.84 -6.27
C ARG C 292 -6.71 48.62 -5.83
N VAL C 293 -6.98 49.71 -6.51
CA VAL C 293 -8.13 50.54 -6.19
C VAL C 293 -9.33 50.17 -7.07
N ASP C 294 -10.51 50.12 -6.44
CA ASP C 294 -11.75 49.78 -7.14
C ASP C 294 -12.69 50.98 -7.04
N ALA C 295 -13.88 50.86 -7.60
CA ALA C 295 -14.87 51.93 -7.55
C ALA C 295 -14.32 53.26 -8.08
N VAL C 296 -13.45 53.19 -9.10
CA VAL C 296 -12.86 54.39 -9.66
C VAL C 296 -13.89 55.26 -10.38
N ALA C 297 -14.65 54.65 -11.27
CA ALA C 297 -15.67 55.39 -12.02
C ALA C 297 -16.51 56.21 -11.05
N SER C 298 -16.99 55.57 -9.98
CA SER C 298 -17.83 56.26 -8.99
C SER C 298 -17.04 57.36 -8.28
N MET C 299 -15.74 57.13 -8.11
CA MET C 299 -14.86 58.11 -7.48
C MET C 299 -14.77 59.37 -8.33
N ILE C 300 -14.38 59.20 -9.59
CA ILE C 300 -14.23 60.33 -10.49
C ILE C 300 -15.58 60.92 -10.92
N TYR C 301 -16.65 60.16 -10.75
CA TYR C 301 -17.98 60.66 -11.10
C TYR C 301 -18.86 60.85 -9.87
N ARG C 319 -21.73 63.91 -14.47
CA ARG C 319 -20.78 64.98 -14.24
C ARG C 319 -19.50 64.42 -13.60
N GLU C 320 -18.37 65.11 -13.80
CA GLU C 320 -17.08 64.62 -13.27
C GLU C 320 -16.55 65.28 -12.00
N ASN C 321 -15.81 64.50 -11.20
CA ASN C 321 -15.21 64.94 -9.96
C ASN C 321 -13.74 65.27 -10.18
N LEU C 322 -13.44 66.51 -10.56
CA LEU C 322 -12.07 66.93 -10.80
C LEU C 322 -11.13 66.71 -9.62
N GLU C 323 -11.67 66.78 -8.41
CA GLU C 323 -10.86 66.59 -7.20
C GLU C 323 -10.45 65.13 -7.02
N ALA C 324 -11.31 64.22 -7.45
CA ALA C 324 -11.01 62.80 -7.36
C ALA C 324 -9.93 62.48 -8.38
N ILE C 325 -10.13 62.96 -9.60
CA ILE C 325 -9.20 62.77 -10.71
C ILE C 325 -7.77 63.17 -10.37
N GLU C 326 -7.60 64.38 -9.84
CA GLU C 326 -6.26 64.84 -9.48
C GLU C 326 -5.72 63.99 -8.34
N PHE C 327 -6.61 63.69 -7.39
CA PHE C 327 -6.27 62.86 -6.24
C PHE C 327 -5.60 61.55 -6.69
N LEU C 328 -6.26 60.84 -7.59
CA LEU C 328 -5.73 59.58 -8.10
C LEU C 328 -4.40 59.82 -8.83
N ARG C 329 -4.30 60.97 -9.51
CA ARG C 329 -3.09 61.31 -10.24
C ARG C 329 -1.88 61.56 -9.35
N ASN C 330 -2.07 62.30 -8.27
CA ASN C 330 -0.97 62.61 -7.35
C ASN C 330 -0.57 61.40 -6.52
N THR C 331 -1.56 60.60 -6.13
CA THR C 331 -1.32 59.42 -5.32
C THR C 331 -0.33 58.52 -6.04
N ASN C 332 -0.65 58.19 -7.29
CA ASN C 332 0.22 57.33 -8.09
C ASN C 332 1.58 57.98 -8.33
N ARG C 333 1.62 59.31 -8.33
CA ARG C 333 2.86 60.04 -8.53
C ARG C 333 3.78 59.93 -7.31
N ILE C 334 3.23 60.25 -6.14
CA ILE C 334 3.99 60.16 -4.88
C ILE C 334 4.44 58.73 -4.63
N LEU C 335 3.59 57.77 -4.99
CA LEU C 335 3.92 56.35 -4.85
C LEU C 335 4.99 55.99 -5.86
N GLY C 336 4.86 56.54 -7.07
CA GLY C 336 5.84 56.28 -8.12
C GLY C 336 7.19 56.89 -7.78
N GLU C 337 7.16 57.94 -6.96
CA GLU C 337 8.39 58.64 -6.54
C GLU C 337 8.94 58.11 -5.21
N GLN C 338 8.06 57.90 -4.23
CA GLN C 338 8.46 57.42 -2.91
C GLN C 338 8.57 55.90 -2.77
N VAL C 339 7.77 55.16 -3.53
CA VAL C 339 7.81 53.70 -3.49
C VAL C 339 7.83 53.09 -4.89
N SER C 340 8.86 53.46 -5.65
CA SER C 340 9.03 52.96 -7.02
C SER C 340 9.25 51.46 -6.96
N GLY C 341 8.60 50.73 -7.85
CA GLY C 341 8.73 49.28 -7.85
C GLY C 341 7.40 48.70 -7.38
N ALA C 342 6.79 49.37 -6.41
CA ALA C 342 5.49 48.95 -5.86
C ALA C 342 4.45 49.61 -6.76
N VAL C 343 3.85 48.81 -7.63
CA VAL C 343 2.86 49.28 -8.60
C VAL C 343 1.42 49.35 -8.12
N THR C 344 0.66 50.23 -8.77
CA THR C 344 -0.75 50.47 -8.45
C THR C 344 -1.64 50.10 -9.65
N MET C 345 -2.71 49.36 -9.38
CA MET C 345 -3.65 48.95 -10.42
C MET C 345 -5.02 49.56 -10.15
N ALA C 346 -5.92 49.46 -11.12
CA ALA C 346 -7.24 50.05 -10.96
C ALA C 346 -8.38 49.29 -11.59
N GLU C 347 -9.58 49.71 -11.21
CA GLU C 347 -10.82 49.16 -11.73
C GLU C 347 -11.72 50.36 -12.01
N GLU C 348 -12.01 50.57 -13.29
CA GLU C 348 -12.85 51.67 -13.74
C GLU C 348 -13.86 51.02 -14.70
N SER C 349 -15.11 50.97 -14.27
CA SER C 349 -16.20 50.35 -15.05
C SER C 349 -16.57 51.06 -16.35
N THR C 350 -16.56 52.39 -16.35
CA THR C 350 -16.86 53.13 -17.57
C THR C 350 -15.55 52.95 -18.34
N ASP C 351 -15.31 53.78 -19.35
CA ASP C 351 -14.04 53.65 -20.05
C ASP C 351 -13.23 54.95 -20.00
N PHE C 352 -13.05 55.46 -18.78
CA PHE C 352 -12.29 56.68 -18.58
C PHE C 352 -10.93 56.40 -19.20
N PRO C 353 -10.50 57.24 -20.15
CA PRO C 353 -9.24 57.12 -20.87
C PRO C 353 -7.96 57.38 -20.07
N GLY C 354 -6.93 56.60 -20.39
CA GLY C 354 -5.64 56.74 -19.75
C GLY C 354 -5.53 56.31 -18.30
N VAL C 355 -6.45 55.48 -17.83
CA VAL C 355 -6.41 55.01 -16.45
C VAL C 355 -4.99 54.58 -16.07
N SER C 356 -4.40 53.72 -16.91
CA SER C 356 -3.04 53.23 -16.70
C SER C 356 -2.07 53.92 -17.64
N ARG C 357 -2.29 55.22 -17.86
CA ARG C 357 -1.46 56.04 -18.73
C ARG C 357 -0.84 57.21 -17.96
N PRO C 358 0.43 57.56 -18.26
CA PRO C 358 1.11 58.67 -17.57
C PRO C 358 0.28 59.94 -17.34
N GLN C 359 0.45 60.54 -16.15
CA GLN C 359 -0.28 61.75 -15.75
C GLN C 359 -0.10 62.92 -16.70
N ASP C 360 1.14 63.14 -17.12
CA ASP C 360 1.47 64.24 -18.02
C ASP C 360 1.01 64.03 -19.47
N MET C 361 0.50 62.83 -19.76
CA MET C 361 0.02 62.52 -21.10
C MET C 361 -1.50 62.42 -21.15
N GLY C 362 -2.12 62.32 -19.99
CA GLY C 362 -3.57 62.19 -19.96
C GLY C 362 -4.17 62.09 -18.57
N GLY C 363 -3.67 61.19 -17.74
CA GLY C 363 -4.20 61.10 -16.39
C GLY C 363 -4.26 59.77 -15.66
N LEU C 364 -4.40 59.87 -14.33
CA LEU C 364 -4.49 58.75 -13.40
C LEU C 364 -3.13 58.15 -13.09
N GLY C 365 -2.44 57.63 -14.10
CA GLY C 365 -1.12 57.07 -13.90
C GLY C 365 -0.98 55.70 -13.27
N PHE C 366 -2.07 54.94 -13.18
CA PHE C 366 -2.01 53.60 -12.60
C PHE C 366 -1.09 52.77 -13.49
N TRP C 367 -0.65 51.63 -12.97
CA TRP C 367 0.23 50.76 -13.75
C TRP C 367 -0.53 49.73 -14.56
N TYR C 368 -1.68 49.29 -14.05
CA TYR C 368 -2.51 48.31 -14.74
C TYR C 368 -3.99 48.62 -14.57
N LYS C 369 -4.82 48.10 -15.46
CA LYS C 369 -6.27 48.30 -15.40
C LYS C 369 -7.03 47.02 -15.75
N TRP C 370 -7.98 46.64 -14.89
CA TRP C 370 -8.79 45.43 -15.11
C TRP C 370 -9.52 45.48 -16.44
N ASN C 371 -9.31 44.47 -17.28
CA ASN C 371 -9.98 44.42 -18.57
C ASN C 371 -11.38 43.82 -18.38
N LEU C 372 -12.33 44.65 -17.95
CA LEU C 372 -13.70 44.19 -17.73
C LEU C 372 -14.38 43.78 -19.02
N GLY C 373 -14.08 44.51 -20.09
CA GLY C 373 -14.68 44.24 -21.39
C GLY C 373 -14.34 42.87 -21.92
N TRP C 374 -13.07 42.47 -21.80
CA TRP C 374 -12.66 41.16 -22.25
C TRP C 374 -13.51 40.13 -21.49
N MET C 375 -13.51 40.25 -20.16
CA MET C 375 -14.25 39.37 -19.28
C MET C 375 -15.74 39.22 -19.64
N HIS C 376 -16.41 40.32 -19.94
CA HIS C 376 -17.83 40.25 -20.29
C HIS C 376 -18.06 39.52 -21.63
N ASP C 377 -17.44 40.04 -22.68
CA ASP C 377 -17.58 39.47 -24.01
C ASP C 377 -17.17 38.01 -24.09
N THR C 378 -15.98 37.70 -23.58
CA THR C 378 -15.49 36.33 -23.61
C THR C 378 -16.45 35.41 -22.85
N LEU C 379 -16.87 35.84 -21.66
CA LEU C 379 -17.82 35.06 -20.87
C LEU C 379 -19.08 34.91 -21.71
N ASP C 380 -19.38 35.95 -22.47
CA ASP C 380 -20.56 35.93 -23.34
C ASP C 380 -20.36 34.89 -24.44
N TYR C 381 -19.12 34.77 -24.90
CA TYR C 381 -18.82 33.81 -25.95
C TYR C 381 -18.91 32.41 -25.37
N MET C 382 -18.37 32.23 -24.17
CA MET C 382 -18.41 30.94 -23.50
C MET C 382 -19.84 30.50 -23.19
N LYS C 383 -20.70 31.48 -22.89
CA LYS C 383 -22.11 31.21 -22.58
C LYS C 383 -22.88 30.70 -23.79
N LEU C 384 -22.63 31.31 -24.95
CA LEU C 384 -23.29 30.96 -26.21
C LEU C 384 -23.14 29.47 -26.53
N ASP C 385 -24.25 28.81 -26.84
CA ASP C 385 -24.17 27.40 -27.20
C ASP C 385 -23.17 27.36 -28.34
N PRO C 386 -22.34 26.31 -28.42
CA PRO C 386 -21.36 26.21 -29.51
C PRO C 386 -21.88 26.55 -30.91
N VAL C 387 -23.11 26.12 -31.21
CA VAL C 387 -23.72 26.37 -32.52
C VAL C 387 -23.88 27.87 -32.86
N TYR C 388 -23.65 28.73 -31.89
CA TYR C 388 -23.77 30.17 -32.11
C TYR C 388 -22.40 30.83 -32.18
N ARG C 389 -21.43 30.26 -31.46
CA ARG C 389 -20.07 30.79 -31.42
C ARG C 389 -19.61 31.45 -32.73
N GLN C 390 -20.13 30.98 -33.85
CA GLN C 390 -19.74 31.51 -35.17
C GLN C 390 -20.22 32.93 -35.50
N TYR C 391 -21.42 33.29 -35.04
CA TYR C 391 -21.98 34.62 -35.31
C TYR C 391 -21.46 35.65 -34.31
N HIS C 392 -20.76 35.19 -33.29
CA HIS C 392 -20.24 36.07 -32.26
C HIS C 392 -18.72 35.92 -32.16
N HIS C 393 -18.14 35.42 -33.24
CA HIS C 393 -16.70 35.20 -33.35
C HIS C 393 -15.86 36.45 -33.05
N ASP C 394 -16.52 37.58 -32.79
CA ASP C 394 -15.79 38.82 -32.52
C ASP C 394 -15.57 39.12 -31.03
N LYS C 395 -16.22 38.34 -30.16
CA LYS C 395 -16.08 38.53 -28.72
C LYS C 395 -14.69 38.13 -28.25
N LEU C 396 -14.01 37.39 -29.11
CA LEU C 396 -12.66 36.92 -28.85
C LEU C 396 -11.63 37.70 -29.66
N THR C 397 -12.11 38.34 -30.73
CA THR C 397 -11.24 39.10 -31.62
C THR C 397 -11.17 40.60 -31.33
N PHE C 398 -12.23 41.14 -30.74
CA PHE C 398 -12.31 42.57 -30.42
C PHE C 398 -11.50 42.99 -29.20
N GLY C 399 -11.17 42.03 -28.35
CA GLY C 399 -10.40 42.32 -27.15
C GLY C 399 -8.97 42.72 -27.44
N ILE C 400 -8.46 42.27 -28.58
CA ILE C 400 -7.09 42.58 -28.96
C ILE C 400 -6.98 43.96 -29.62
N LEU C 401 -8.10 44.47 -30.14
CA LEU C 401 -8.11 45.76 -30.81
C LEU C 401 -7.90 46.99 -29.94
N TYR C 402 -8.40 46.96 -28.71
CA TYR C 402 -8.26 48.10 -27.78
C TYR C 402 -7.19 47.79 -26.72
N ASN C 403 -6.53 46.66 -26.91
CA ASN C 403 -5.51 46.18 -26.00
C ASN C 403 -4.40 47.16 -25.66
N TYR C 404 -3.88 47.85 -26.68
CA TYR C 404 -2.78 48.77 -26.49
C TYR C 404 -3.15 50.17 -26.00
N THR C 405 -4.25 50.25 -25.25
CA THR C 405 -4.68 51.53 -24.70
C THR C 405 -4.47 51.52 -23.17
N GLU C 406 -4.52 50.33 -22.57
CA GLU C 406 -4.35 50.16 -21.12
C GLU C 406 -3.56 48.91 -20.82
N ASN C 407 -2.67 48.98 -19.84
CA ASN C 407 -1.90 47.81 -19.42
C ASN C 407 -2.86 46.92 -18.63
N PHE C 408 -3.70 46.19 -19.36
CA PHE C 408 -4.72 45.30 -18.81
C PHE C 408 -4.30 44.06 -18.04
N VAL C 409 -5.23 43.60 -17.20
CA VAL C 409 -5.09 42.38 -16.40
C VAL C 409 -6.37 41.61 -16.74
N LEU C 410 -6.23 40.40 -17.26
CA LEU C 410 -7.37 39.56 -17.64
C LEU C 410 -7.93 39.00 -16.36
N PRO C 411 -9.04 39.59 -15.87
CA PRO C 411 -9.67 39.17 -14.63
C PRO C 411 -10.86 38.23 -14.71
N LEU C 412 -11.01 37.46 -13.64
CA LEU C 412 -12.09 36.50 -13.42
C LEU C 412 -12.21 36.56 -11.89
N SER C 413 -12.55 37.75 -11.41
CA SER C 413 -12.67 38.05 -9.98
C SER C 413 -13.92 37.61 -9.23
N HIS C 414 -13.97 37.99 -7.97
CA HIS C 414 -15.07 37.66 -7.07
C HIS C 414 -16.42 38.24 -7.47
N ASP C 415 -16.40 39.43 -8.07
CA ASP C 415 -17.62 40.09 -8.48
C ASP C 415 -18.41 39.37 -9.55
N GLU C 416 -17.75 38.45 -10.27
CA GLU C 416 -18.43 37.72 -11.35
C GLU C 416 -19.08 36.39 -10.97
N VAL C 417 -19.03 36.05 -9.69
CA VAL C 417 -19.59 34.79 -9.21
C VAL C 417 -20.39 34.97 -7.90
N VAL C 418 -21.11 36.07 -7.81
CA VAL C 418 -21.91 36.35 -6.63
C VAL C 418 -23.22 36.99 -7.07
N HIS C 419 -24.19 36.99 -6.17
CA HIS C 419 -25.48 37.57 -6.46
C HIS C 419 -26.11 37.02 -7.72
N GLY C 420 -26.06 35.70 -7.88
CA GLY C 420 -26.68 35.08 -9.05
C GLY C 420 -25.95 34.95 -10.37
N LYS C 421 -24.84 35.67 -10.54
CA LYS C 421 -24.08 35.59 -11.79
C LYS C 421 -23.57 34.17 -12.07
N LYS C 422 -23.80 33.25 -11.13
CA LYS C 422 -23.36 31.86 -11.24
C LYS C 422 -21.85 31.80 -11.13
N SER C 423 -21.30 30.60 -11.33
CA SER C 423 -19.86 30.43 -11.29
C SER C 423 -19.42 30.36 -12.74
N ILE C 424 -18.14 30.62 -12.98
CA ILE C 424 -17.60 30.59 -14.33
C ILE C 424 -17.90 29.26 -15.06
N LEU C 425 -17.86 28.15 -14.32
CA LEU C 425 -18.11 26.81 -14.88
C LEU C 425 -19.59 26.56 -15.18
N ASP C 426 -20.45 26.97 -14.26
CA ASP C 426 -21.89 26.79 -14.39
C ASP C 426 -22.36 27.58 -15.60
N ARG C 427 -21.59 28.61 -15.93
CA ARG C 427 -21.89 29.49 -17.05
C ARG C 427 -21.74 28.74 -18.39
N MET C 428 -20.84 27.77 -18.43
CA MET C 428 -20.57 26.99 -19.64
C MET C 428 -21.75 26.17 -20.15
N PRO C 429 -21.87 26.05 -21.48
CA PRO C 429 -22.96 25.28 -22.09
C PRO C 429 -22.48 23.85 -22.32
N GLY C 430 -23.39 22.99 -22.77
CA GLY C 430 -23.03 21.60 -23.04
C GLY C 430 -23.33 20.67 -21.88
N ASP C 431 -22.89 19.41 -22.00
CA ASP C 431 -23.10 18.41 -20.97
C ASP C 431 -21.96 18.39 -19.95
N ALA C 432 -21.83 17.30 -19.21
CA ALA C 432 -20.79 17.16 -18.19
C ALA C 432 -19.38 17.46 -18.68
N TRP C 433 -18.91 16.67 -19.64
CA TRP C 433 -17.57 16.83 -20.20
C TRP C 433 -17.37 18.21 -20.84
N GLN C 434 -18.35 18.65 -21.63
CA GLN C 434 -18.30 19.93 -22.33
C GLN C 434 -18.24 21.16 -21.42
N LYS C 435 -18.90 21.08 -20.27
CA LYS C 435 -18.90 22.19 -19.32
C LYS C 435 -17.45 22.45 -18.93
N PHE C 436 -16.76 21.38 -18.54
CA PHE C 436 -15.37 21.50 -18.14
C PHE C 436 -14.48 21.72 -19.36
N ALA C 437 -14.83 21.10 -20.48
CA ALA C 437 -14.02 21.26 -21.71
C ALA C 437 -13.98 22.72 -22.11
N ASN C 438 -15.13 23.39 -22.00
CA ASN C 438 -15.23 24.81 -22.32
C ASN C 438 -14.36 25.64 -21.35
N LEU C 439 -14.60 25.44 -20.05
CA LEU C 439 -13.86 26.16 -19.00
C LEU C 439 -12.35 25.91 -19.11
N ARG C 440 -12.00 24.70 -19.54
CA ARG C 440 -10.61 24.33 -19.70
C ARG C 440 -10.02 25.11 -20.87
N ALA C 441 -10.64 25.01 -22.04
CA ALA C 441 -10.18 25.71 -23.24
C ALA C 441 -10.19 27.23 -23.01
N TYR C 442 -11.11 27.68 -22.17
CA TYR C 442 -11.27 29.10 -21.84
C TYR C 442 -10.05 29.64 -21.09
N TYR C 443 -9.51 28.82 -20.19
CA TYR C 443 -8.35 29.21 -19.42
C TYR C 443 -7.11 29.17 -20.29
N GLY C 444 -7.06 28.19 -21.20
CA GLY C 444 -5.93 28.07 -22.11
C GLY C 444 -5.87 29.26 -23.05
N TRP C 445 -7.03 29.81 -23.36
CA TRP C 445 -7.14 30.97 -24.24
C TRP C 445 -6.82 32.23 -23.44
N MET C 446 -7.33 32.30 -22.22
CA MET C 446 -7.12 33.44 -21.33
C MET C 446 -5.64 33.61 -20.96
N TRP C 447 -4.98 32.50 -20.68
CA TRP C 447 -3.59 32.51 -20.28
C TRP C 447 -2.61 32.83 -21.41
N ALA C 448 -3.08 32.71 -22.64
CA ALA C 448 -2.25 33.00 -23.82
C ALA C 448 -2.51 34.41 -24.36
N PHE C 449 -3.72 34.92 -24.12
CA PHE C 449 -4.12 36.25 -24.58
C PHE C 449 -3.34 37.36 -23.88
N PRO C 450 -2.92 38.39 -24.65
CA PRO C 450 -2.17 39.52 -24.10
C PRO C 450 -2.83 40.11 -22.85
N GLY C 451 -2.01 40.31 -21.82
CA GLY C 451 -2.50 40.86 -20.56
C GLY C 451 -2.12 39.92 -19.44
N LYS C 452 -1.98 40.45 -18.23
CA LYS C 452 -1.62 39.61 -17.08
C LYS C 452 -2.87 38.89 -16.62
N LYS C 453 -2.71 37.90 -15.75
CA LYS C 453 -3.88 37.15 -15.26
C LYS C 453 -4.21 37.33 -13.76
N LEU C 454 -5.47 37.07 -13.45
CA LEU C 454 -5.98 37.17 -12.08
C LEU C 454 -7.18 36.23 -11.95
N LEU C 455 -7.04 35.18 -11.14
CA LEU C 455 -8.12 34.22 -10.95
C LEU C 455 -8.55 34.19 -9.48
N PHE C 456 -9.84 34.40 -9.25
CA PHE C 456 -10.40 34.41 -7.91
C PHE C 456 -10.51 33.00 -7.34
N MET C 457 -10.21 32.86 -6.04
CA MET C 457 -10.28 31.57 -5.37
C MET C 457 -11.58 30.84 -5.68
N GLY C 458 -11.47 29.56 -6.02
CA GLY C 458 -12.64 28.75 -6.34
C GLY C 458 -12.72 28.39 -7.80
N ASN C 459 -12.23 29.30 -8.64
CA ASN C 459 -12.25 29.09 -10.08
C ASN C 459 -11.28 27.98 -10.55
N GLU C 460 -10.17 27.79 -9.84
CA GLU C 460 -9.19 26.77 -10.22
C GLU C 460 -9.63 25.32 -10.07
N PHE C 461 -10.54 25.01 -9.16
CA PHE C 461 -11.00 23.63 -9.05
C PHE C 461 -12.42 23.49 -9.61
N ALA C 462 -12.88 24.54 -10.29
CA ALA C 462 -14.19 24.56 -10.92
C ALA C 462 -15.38 24.43 -9.97
N GLN C 463 -15.50 25.37 -9.04
CA GLN C 463 -16.63 25.33 -8.11
C GLN C 463 -17.93 25.72 -8.83
N GLY C 464 -18.96 24.89 -8.68
CA GLY C 464 -20.24 25.15 -9.32
C GLY C 464 -21.07 26.18 -8.57
N ARG C 465 -21.01 26.16 -7.25
CA ARG C 465 -21.77 27.12 -6.46
C ARG C 465 -21.00 28.43 -6.42
N GLU C 466 -21.68 29.52 -6.70
CA GLU C 466 -21.02 30.82 -6.69
C GLU C 466 -20.46 31.09 -5.31
N TRP C 467 -19.47 31.96 -5.25
CA TRP C 467 -18.81 32.31 -4.01
C TRP C 467 -19.76 32.76 -2.90
N ASN C 468 -19.58 32.15 -1.72
CA ASN C 468 -20.36 32.47 -0.52
C ASN C 468 -19.38 32.98 0.54
N HIS C 469 -19.33 34.30 0.71
CA HIS C 469 -18.40 34.90 1.66
C HIS C 469 -18.47 34.42 3.10
N ASP C 470 -19.65 34.05 3.61
CA ASP C 470 -19.73 33.60 5.00
C ASP C 470 -19.49 32.11 5.19
N ALA C 471 -18.62 31.54 4.36
CA ALA C 471 -18.33 30.11 4.45
C ALA C 471 -17.04 29.71 3.76
N SER C 472 -16.72 28.42 3.86
CA SER C 472 -15.53 27.84 3.22
C SER C 472 -15.86 27.78 1.73
N LEU C 473 -14.85 27.65 0.88
CA LEU C 473 -15.11 27.59 -0.56
C LEU C 473 -15.92 26.37 -0.99
N ASP C 474 -15.30 25.20 -0.99
CA ASP C 474 -15.93 23.94 -1.37
C ASP C 474 -14.86 22.91 -1.66
N TRP C 475 -13.93 22.76 -0.73
CA TRP C 475 -12.84 21.81 -0.90
C TRP C 475 -13.30 20.35 -0.80
N HIS C 476 -14.61 20.12 -0.73
CA HIS C 476 -15.09 18.74 -0.66
C HIS C 476 -15.19 18.21 -2.09
N LEU C 477 -15.35 19.13 -3.03
CA LEU C 477 -15.42 18.77 -4.44
C LEU C 477 -14.13 18.03 -4.80
N LEU C 478 -13.06 18.34 -4.07
CA LEU C 478 -11.76 17.72 -4.30
C LEU C 478 -11.56 16.46 -3.46
N GLU C 479 -12.62 16.00 -2.82
CA GLU C 479 -12.50 14.79 -2.01
C GLU C 479 -12.71 13.52 -2.81
N GLY C 480 -12.25 12.41 -2.26
CA GLY C 480 -12.39 11.13 -2.93
C GLY C 480 -11.57 11.10 -4.21
N GLY C 481 -11.91 10.14 -5.07
CA GLY C 481 -11.21 9.97 -6.34
C GLY C 481 -11.09 11.16 -7.27
N ASP C 482 -10.11 11.08 -8.16
CA ASP C 482 -9.85 12.13 -9.14
C ASP C 482 -11.08 12.43 -9.99
N ASN C 483 -11.37 13.71 -10.15
CA ASN C 483 -12.53 14.12 -10.93
C ASN C 483 -12.23 15.35 -11.78
N TRP C 484 -13.24 15.78 -12.52
CA TRP C 484 -13.13 16.94 -13.41
C TRP C 484 -12.56 18.17 -12.73
N HIS C 485 -12.81 18.29 -11.43
CA HIS C 485 -12.32 19.43 -10.66
C HIS C 485 -10.81 19.35 -10.49
N HIS C 486 -10.32 18.21 -10.01
CA HIS C 486 -8.89 18.01 -9.82
C HIS C 486 -8.23 18.38 -11.13
N GLY C 487 -8.85 17.94 -12.23
CA GLY C 487 -8.33 18.22 -13.55
C GLY C 487 -8.16 19.70 -13.83
N VAL C 488 -9.17 20.49 -13.47
CA VAL C 488 -9.12 21.92 -13.68
C VAL C 488 -8.03 22.55 -12.81
N GLN C 489 -7.96 22.11 -11.55
CA GLN C 489 -6.96 22.62 -10.61
C GLN C 489 -5.56 22.29 -11.14
N ARG C 490 -5.43 21.10 -11.71
CA ARG C 490 -4.16 20.64 -12.26
C ARG C 490 -3.78 21.49 -13.46
N LEU C 491 -4.79 21.82 -14.28
CA LEU C 491 -4.58 22.63 -15.47
C LEU C 491 -4.03 24.00 -15.06
N VAL C 492 -4.82 24.71 -14.25
CA VAL C 492 -4.42 26.03 -13.79
C VAL C 492 -2.98 26.09 -13.30
N ARG C 493 -2.47 25.00 -12.69
CA ARG C 493 -1.08 25.02 -12.22
C ARG C 493 -0.15 24.95 -13.42
N ASP C 494 -0.47 24.04 -14.35
CA ASP C 494 0.31 23.85 -15.58
C ASP C 494 0.37 25.15 -16.38
N LEU C 495 -0.79 25.74 -16.64
CA LEU C 495 -0.90 26.99 -17.38
C LEU C 495 0.05 28.02 -16.80
N ASN C 496 0.10 28.12 -15.48
CA ASN C 496 0.96 29.10 -14.81
C ASN C 496 2.44 28.81 -15.00
N LEU C 497 2.83 27.55 -14.75
CA LEU C 497 4.23 27.17 -14.89
C LEU C 497 4.73 27.32 -16.32
N THR C 498 3.87 27.05 -17.31
CA THR C 498 4.27 27.18 -18.70
C THR C 498 4.21 28.66 -19.08
N TYR C 499 3.16 29.35 -18.62
CA TYR C 499 2.97 30.78 -18.87
C TYR C 499 4.25 31.50 -18.41
N ARG C 500 4.81 31.00 -17.31
CA ARG C 500 6.07 31.52 -16.77
C ARG C 500 7.05 30.56 -17.44
N HIS C 501 8.32 30.92 -17.53
CA HIS C 501 9.32 30.06 -18.19
C HIS C 501 9.42 30.40 -19.68
N HIS C 502 8.30 30.28 -20.40
CA HIS C 502 8.30 30.61 -21.82
C HIS C 502 8.12 32.10 -21.95
N LYS C 503 9.22 32.79 -22.23
CA LYS C 503 9.23 34.25 -22.36
C LYS C 503 8.33 34.80 -23.45
N ALA C 504 8.22 34.08 -24.56
CA ALA C 504 7.33 34.49 -25.64
C ALA C 504 5.99 34.04 -25.13
N MET C 505 5.47 34.73 -24.13
CA MET C 505 4.20 34.35 -23.53
C MET C 505 3.83 35.36 -22.45
N HIS C 506 4.84 36.04 -21.91
CA HIS C 506 4.60 37.03 -20.88
C HIS C 506 5.42 38.33 -21.00
N GLU C 507 6.19 38.46 -22.08
CA GLU C 507 7.02 39.65 -22.28
C GLU C 507 6.29 40.83 -22.94
N LEU C 508 6.17 40.79 -24.27
CA LEU C 508 5.51 41.86 -25.04
C LEU C 508 4.00 41.71 -25.04
N ASP C 509 3.39 41.82 -23.86
CA ASP C 509 1.94 41.74 -23.75
C ASP C 509 1.38 43.05 -24.31
N PHE C 510 2.07 44.13 -23.96
CA PHE C 510 1.67 45.48 -24.33
C PHE C 510 2.32 46.08 -25.59
N ASP C 511 3.05 45.26 -26.33
CA ASP C 511 3.70 45.66 -27.59
C ASP C 511 3.01 44.85 -28.68
N PRO C 512 2.52 45.51 -29.76
CA PRO C 512 1.85 44.76 -30.82
C PRO C 512 2.76 43.69 -31.42
N TYR C 513 4.05 43.88 -31.26
CA TYR C 513 5.05 42.94 -31.77
C TYR C 513 5.04 41.62 -31.00
N GLY C 514 4.44 41.61 -29.82
CA GLY C 514 4.39 40.39 -29.03
C GLY C 514 3.24 39.48 -29.43
N PHE C 515 2.28 40.02 -30.18
CA PHE C 515 1.10 39.26 -30.62
C PHE C 515 0.93 39.30 -32.14
N GLU C 516 0.36 38.23 -32.70
CA GLU C 516 0.09 38.16 -34.14
C GLU C 516 -0.92 37.06 -34.48
N TRP C 517 -1.93 37.41 -35.30
CA TRP C 517 -2.94 36.43 -35.70
C TRP C 517 -2.40 35.55 -36.83
N LEU C 518 -2.86 34.31 -36.89
CA LEU C 518 -2.46 33.37 -37.91
C LEU C 518 -3.74 32.88 -38.58
N VAL C 519 -4.85 32.99 -37.83
CA VAL C 519 -6.18 32.60 -38.29
C VAL C 519 -7.20 33.38 -37.44
N VAL C 520 -7.66 34.52 -37.96
CA VAL C 520 -8.62 35.36 -37.23
C VAL C 520 -10.05 35.29 -37.77
N ASP C 521 -10.27 34.59 -38.87
CA ASP C 521 -11.61 34.55 -39.43
C ASP C 521 -12.25 33.17 -39.62
N ASP C 522 -11.69 32.13 -38.99
CA ASP C 522 -12.31 30.82 -39.11
C ASP C 522 -13.52 30.78 -38.18
N LYS C 523 -14.51 31.61 -38.49
CA LYS C 523 -15.74 31.73 -37.72
C LYS C 523 -16.59 30.47 -37.79
N GLU C 524 -16.56 29.79 -38.94
CA GLU C 524 -17.34 28.59 -39.15
C GLU C 524 -17.04 27.49 -38.14
N ARG C 525 -15.75 27.24 -37.92
CA ARG C 525 -15.33 26.20 -36.98
C ARG C 525 -14.84 26.80 -35.67
N SER C 526 -14.99 28.11 -35.53
CA SER C 526 -14.57 28.83 -34.33
C SER C 526 -13.17 28.31 -33.99
N VAL C 527 -12.29 28.35 -34.98
CA VAL C 527 -10.93 27.88 -34.78
C VAL C 527 -9.92 29.02 -34.82
N LEU C 528 -9.96 29.86 -33.80
CA LEU C 528 -9.05 30.99 -33.70
C LEU C 528 -7.63 30.51 -33.43
N ILE C 529 -6.67 31.13 -34.10
CA ILE C 529 -5.26 30.78 -33.93
C ILE C 529 -4.45 32.07 -34.00
N PHE C 530 -3.37 32.13 -33.24
CA PHE C 530 -2.50 33.30 -33.23
C PHE C 530 -1.12 32.90 -32.68
N VAL C 531 -0.23 33.87 -32.58
CA VAL C 531 1.11 33.57 -32.08
C VAL C 531 1.60 34.63 -31.12
N ARG C 532 2.18 34.18 -30.01
CA ARG C 532 2.73 35.08 -29.01
C ARG C 532 4.24 35.05 -29.25
N ARG C 533 4.84 36.24 -29.28
CA ARG C 533 6.28 36.33 -29.54
C ARG C 533 7.02 37.19 -28.51
N ASP C 534 8.26 36.80 -28.23
CA ASP C 534 9.08 37.52 -27.27
C ASP C 534 9.94 38.57 -27.97
N LYS C 535 10.74 39.28 -27.17
CA LYS C 535 11.63 40.30 -27.70
C LYS C 535 12.69 39.66 -28.61
N GLU C 536 12.88 38.36 -28.44
CA GLU C 536 13.87 37.63 -29.21
C GLU C 536 13.40 37.16 -30.58
N GLY C 537 12.11 37.30 -30.85
CA GLY C 537 11.59 36.89 -32.13
C GLY C 537 11.00 35.49 -32.11
N ASN C 538 11.17 34.78 -31.00
CA ASN C 538 10.62 33.43 -30.87
C ASN C 538 9.13 33.53 -30.63
N GLU C 539 8.38 32.56 -31.13
CA GLU C 539 6.94 32.59 -30.96
C GLU C 539 6.37 31.21 -30.71
N ILE C 540 5.45 31.12 -29.74
CA ILE C 540 4.79 29.86 -29.46
C ILE C 540 3.35 30.03 -29.95
N ILE C 541 2.87 29.02 -30.66
CA ILE C 541 1.54 29.01 -31.23
C ILE C 541 0.46 28.56 -30.25
N VAL C 542 -0.63 29.32 -30.22
CA VAL C 542 -1.79 29.04 -29.36
C VAL C 542 -2.97 28.79 -30.29
N ALA C 543 -3.46 27.57 -30.30
CA ALA C 543 -4.59 27.22 -31.17
C ALA C 543 -5.81 26.84 -30.35
N SER C 544 -6.94 27.50 -30.60
CA SER C 544 -8.17 27.21 -29.87
C SER C 544 -9.31 26.75 -30.77
N ASN C 545 -9.90 25.62 -30.41
CA ASN C 545 -11.01 25.04 -31.14
C ASN C 545 -12.28 25.15 -30.29
N PHE C 546 -13.11 26.14 -30.62
CA PHE C 546 -14.33 26.36 -29.88
C PHE C 546 -15.51 25.65 -30.53
N THR C 547 -15.56 24.35 -30.32
CA THR C 547 -16.62 23.48 -30.85
C THR C 547 -16.23 22.05 -30.50
N PRO C 548 -17.21 21.20 -30.13
CA PRO C 548 -16.93 19.80 -29.78
C PRO C 548 -16.59 18.92 -30.98
N VAL C 549 -16.42 19.56 -32.14
CA VAL C 549 -16.06 18.89 -33.38
C VAL C 549 -14.53 18.85 -33.54
N PRO C 550 -13.90 17.70 -33.25
CA PRO C 550 -12.43 17.65 -33.39
C PRO C 550 -11.94 17.95 -34.81
N ARG C 551 -10.93 18.81 -34.93
CA ARG C 551 -10.38 19.14 -36.24
C ARG C 551 -9.11 18.33 -36.52
N HIS C 552 -9.09 17.67 -37.67
CA HIS C 552 -7.94 16.86 -38.08
C HIS C 552 -7.36 17.43 -39.36
N ASP C 553 -6.05 17.29 -39.52
CA ASP C 553 -5.37 17.79 -40.71
C ASP C 553 -5.72 19.27 -40.98
N TYR C 554 -5.77 20.07 -39.92
CA TYR C 554 -6.09 21.49 -40.06
C TYR C 554 -4.80 22.28 -40.36
N ARG C 555 -4.75 22.91 -41.53
CA ARG C 555 -3.58 23.69 -41.92
C ARG C 555 -3.80 25.20 -41.83
N PHE C 556 -2.72 25.89 -41.50
CA PHE C 556 -2.69 27.33 -41.34
C PHE C 556 -1.24 27.75 -41.52
N GLY C 557 -1.01 28.97 -42.00
CA GLY C 557 0.34 29.43 -42.20
C GLY C 557 1.06 29.81 -40.91
N ILE C 558 2.39 29.68 -40.92
CA ILE C 558 3.21 30.02 -39.77
C ILE C 558 4.37 30.91 -40.23
N ASN C 559 5.05 31.54 -39.27
CA ASN C 559 6.19 32.42 -39.59
C ASN C 559 7.54 31.71 -39.49
N GLN C 560 7.65 30.71 -38.60
CA GLN C 560 8.90 29.99 -38.42
C GLN C 560 8.82 28.51 -38.77
N PRO C 561 9.27 28.13 -39.97
CA PRO C 561 9.19 26.69 -40.30
C PRO C 561 10.10 25.88 -39.38
N GLY C 562 9.76 24.60 -39.20
CA GLY C 562 10.56 23.75 -38.32
C GLY C 562 9.73 22.73 -37.56
N LYS C 563 10.29 22.22 -36.46
CA LYS C 563 9.61 21.22 -35.63
C LYS C 563 8.80 21.81 -34.47
N TRP C 564 7.47 21.71 -34.57
CA TRP C 564 6.58 22.24 -33.53
C TRP C 564 5.93 21.15 -32.67
N ARG C 565 6.14 21.26 -31.36
CA ARG C 565 5.60 20.30 -30.40
C ARG C 565 4.70 21.00 -29.38
N GLU C 566 3.67 20.29 -28.92
CA GLU C 566 2.75 20.85 -27.94
C GLU C 566 3.43 20.98 -26.57
N ILE C 567 3.13 22.06 -25.86
CA ILE C 567 3.67 22.26 -24.52
C ILE C 567 2.48 22.46 -23.57
N LEU C 568 1.29 22.42 -24.15
CA LEU C 568 0.05 22.56 -23.41
C LEU C 568 -1.14 22.12 -24.25
N ASN C 569 -1.87 21.14 -23.74
CA ASN C 569 -3.05 20.63 -24.40
C ASN C 569 -4.14 20.53 -23.35
N THR C 570 -5.13 21.39 -23.49
CA THR C 570 -6.24 21.44 -22.56
C THR C 570 -7.15 20.20 -22.61
N ASP C 571 -7.02 19.42 -23.67
CA ASP C 571 -7.83 18.21 -23.83
C ASP C 571 -7.06 16.99 -23.36
N SER C 572 -5.89 17.22 -22.77
CA SER C 572 -5.07 16.12 -22.29
C SER C 572 -5.79 15.21 -21.30
N MET C 573 -5.31 13.96 -21.22
CA MET C 573 -5.84 12.92 -20.32
C MET C 573 -5.98 13.53 -18.93
N HIS C 574 -4.88 14.09 -18.43
CA HIS C 574 -4.90 14.76 -17.13
C HIS C 574 -5.87 15.91 -17.44
N TYR C 575 -6.62 16.35 -16.44
CA TYR C 575 -7.64 17.40 -16.58
C TYR C 575 -8.95 16.70 -16.90
N HIS C 576 -8.84 15.54 -17.57
CA HIS C 576 -9.96 14.69 -17.97
C HIS C 576 -10.50 15.04 -19.35
N GLY C 577 -9.59 15.23 -20.31
CA GLY C 577 -9.99 15.54 -21.68
C GLY C 577 -9.94 14.27 -22.50
N SER C 578 -10.58 14.25 -23.66
CA SER C 578 -10.59 13.06 -24.50
C SER C 578 -9.17 12.60 -24.82
N ASN C 579 -8.19 13.43 -24.50
CA ASN C 579 -6.78 13.13 -24.76
C ASN C 579 -6.44 13.18 -26.25
N ALA C 580 -7.07 14.11 -26.97
CA ALA C 580 -6.83 14.28 -28.39
C ALA C 580 -5.75 15.34 -28.56
N GLY C 581 -5.24 15.49 -29.79
CA GLY C 581 -4.21 16.48 -30.05
C GLY C 581 -3.16 15.93 -31.00
N ASN C 582 -1.94 16.46 -30.90
CA ASN C 582 -0.86 16.03 -31.77
C ASN C 582 0.21 15.30 -30.99
N GLY C 583 0.14 13.97 -31.00
CA GLY C 583 1.13 13.19 -30.28
C GLY C 583 2.50 13.24 -30.94
N GLY C 584 3.46 13.88 -30.27
CA GLY C 584 4.79 13.99 -30.82
C GLY C 584 4.98 15.23 -31.68
N THR C 585 6.19 15.42 -32.19
CA THR C 585 6.50 16.58 -33.02
C THR C 585 5.81 16.60 -34.39
N VAL C 586 5.56 17.81 -34.88
CA VAL C 586 4.92 18.02 -36.17
C VAL C 586 5.79 18.99 -36.97
N HIS C 587 6.33 18.56 -38.11
CA HIS C 587 7.18 19.43 -38.90
C HIS C 587 6.34 20.32 -39.82
N SER C 588 6.77 21.57 -39.98
CA SER C 588 6.05 22.53 -40.82
C SER C 588 6.16 22.14 -42.28
N ASP C 589 5.12 22.48 -43.05
CA ASP C 589 5.08 22.18 -44.47
C ASP C 589 5.31 23.45 -45.28
N GLU C 590 6.26 23.43 -46.20
CA GLU C 590 6.52 24.59 -47.03
C GLU C 590 5.40 24.59 -48.07
N ILE C 591 4.21 24.88 -47.57
CA ILE C 591 3.00 24.92 -48.39
C ILE C 591 2.26 26.18 -48.03
N ALA C 592 2.07 27.08 -49.00
CA ALA C 592 1.37 28.34 -48.76
C ALA C 592 0.04 28.14 -48.04
N SER C 593 -0.32 29.11 -47.21
CA SER C 593 -1.57 29.08 -46.46
C SER C 593 -1.72 30.35 -45.65
N HIS C 594 -2.93 30.92 -45.68
CA HIS C 594 -3.21 32.15 -44.94
C HIS C 594 -2.20 33.25 -45.30
N GLY C 595 -1.78 33.25 -46.56
CA GLY C 595 -0.83 34.26 -47.02
C GLY C 595 0.56 34.07 -46.45
N ARG C 596 0.95 32.82 -46.27
CA ARG C 596 2.26 32.52 -45.74
C ARG C 596 2.89 31.28 -46.35
N GLN C 597 4.18 31.39 -46.62
CA GLN C 597 4.95 30.28 -47.16
C GLN C 597 5.22 29.47 -45.89
N HIS C 598 5.17 28.15 -46.00
CA HIS C 598 5.37 27.27 -44.84
C HIS C 598 4.12 27.32 -43.95
N SER C 599 3.60 26.15 -43.61
CA SER C 599 2.41 26.03 -42.79
C SER C 599 2.66 24.93 -41.74
N LEU C 600 1.60 24.29 -41.26
CA LEU C 600 1.78 23.21 -40.28
C LEU C 600 0.88 21.99 -40.49
N SER C 601 -0.42 22.18 -40.30
CA SER C 601 -1.39 21.09 -40.45
C SER C 601 -1.39 20.18 -39.21
N LEU C 602 -2.33 20.41 -38.31
CA LEU C 602 -2.41 19.63 -37.10
C LEU C 602 -3.83 19.36 -36.61
N THR C 603 -3.92 18.56 -35.55
CA THR C 603 -5.21 18.23 -34.96
C THR C 603 -5.48 19.27 -33.88
N LEU C 604 -6.72 19.73 -33.82
CA LEU C 604 -7.13 20.71 -32.83
C LEU C 604 -8.25 20.10 -32.02
N PRO C 605 -7.92 19.57 -30.82
CA PRO C 605 -8.85 18.92 -29.88
C PRO C 605 -10.19 19.64 -29.73
N PRO C 606 -11.26 18.88 -29.41
CA PRO C 606 -12.60 19.44 -29.22
C PRO C 606 -12.69 20.34 -27.98
N LEU C 607 -13.42 21.45 -28.10
CA LEU C 607 -13.58 22.42 -27.01
C LEU C 607 -12.30 22.59 -26.17
N ALA C 608 -11.16 22.56 -26.84
CA ALA C 608 -9.89 22.71 -26.15
C ALA C 608 -8.96 23.65 -26.91
N THR C 609 -7.92 24.11 -26.21
CA THR C 609 -6.92 25.01 -26.78
C THR C 609 -5.53 24.43 -26.51
N ILE C 610 -4.64 24.51 -27.52
CA ILE C 610 -3.27 23.98 -27.40
C ILE C 610 -2.17 25.02 -27.59
N TRP C 611 -0.96 24.67 -27.15
CA TRP C 611 0.21 25.55 -27.23
C TRP C 611 1.34 24.80 -27.92
N LEU C 612 1.99 25.44 -28.89
CA LEU C 612 3.09 24.81 -29.64
C LEU C 612 4.42 25.57 -29.54
N VAL C 613 5.50 24.83 -29.32
CA VAL C 613 6.84 25.43 -29.22
C VAL C 613 7.74 24.87 -30.32
N ARG C 614 8.43 25.76 -31.05
CA ARG C 614 9.33 25.33 -32.12
C ARG C 614 10.63 24.78 -31.54
N GLU C 615 10.87 23.49 -31.74
CA GLU C 615 12.06 22.85 -31.22
C GLU C 615 13.31 23.21 -32.02
N ALA C 616 14.43 23.29 -31.33
CA ALA C 616 15.71 23.64 -31.94
C ALA C 616 16.38 22.47 -32.67
N GLU C 617 16.90 22.77 -33.86
CA GLU C 617 17.57 21.79 -34.72
C GLU C 617 18.99 21.52 -34.25
N THR D 6 50.55 36.68 -4.57
CA THR D 6 49.91 36.05 -3.37
C THR D 6 49.79 34.55 -3.56
N HIS D 7 50.28 33.80 -2.59
CA HIS D 7 50.24 32.34 -2.63
C HIS D 7 48.85 31.74 -2.80
N LEU D 8 47.81 32.55 -2.65
CA LEU D 8 46.45 32.04 -2.77
C LEU D 8 45.86 32.11 -4.16
N ARG D 9 46.05 33.24 -4.81
CA ARG D 9 45.54 33.46 -6.15
C ARG D 9 46.68 33.77 -7.11
N PRO D 10 47.61 32.81 -7.27
CA PRO D 10 48.79 32.92 -8.13
C PRO D 10 48.48 33.15 -9.60
N TYR D 11 47.24 32.92 -9.98
CA TYR D 11 46.83 33.08 -11.37
C TYR D 11 46.53 34.56 -11.70
N GLU D 12 46.64 35.42 -10.70
CA GLU D 12 46.40 36.84 -10.89
C GLU D 12 47.67 37.57 -11.26
N THR D 13 48.80 36.88 -11.18
CA THR D 13 50.06 37.49 -11.57
C THR D 13 50.90 36.56 -12.46
N LEU D 14 50.54 35.27 -12.50
CA LEU D 14 51.24 34.31 -13.35
C LEU D 14 50.48 34.19 -14.65
N GLY D 15 51.19 33.90 -15.73
CA GLY D 15 50.55 33.81 -17.03
C GLY D 15 50.72 35.12 -17.80
N ALA D 16 49.73 35.46 -18.61
CA ALA D 16 49.78 36.67 -19.41
C ALA D 16 48.67 37.61 -18.98
N HIS D 17 49.03 38.78 -18.48
CA HIS D 17 48.04 39.75 -18.02
C HIS D 17 48.33 41.11 -18.60
N ALA D 18 47.28 41.88 -18.83
CA ALA D 18 47.43 43.23 -19.35
C ALA D 18 48.23 44.00 -18.30
N ASP D 19 48.83 45.11 -18.73
CA ASP D 19 49.62 45.95 -17.84
C ASP D 19 50.08 47.17 -18.62
N THR D 20 50.80 48.05 -17.94
CA THR D 20 51.31 49.27 -18.54
C THR D 20 52.58 49.66 -17.80
N MET D 21 53.44 50.44 -18.45
CA MET D 21 54.69 50.88 -17.85
C MET D 21 55.03 52.21 -18.47
N ASP D 22 55.30 53.19 -17.61
CA ASP D 22 55.65 54.52 -18.09
C ASP D 22 54.70 54.96 -19.21
N GLY D 23 53.45 54.49 -19.14
CA GLY D 23 52.46 54.85 -20.14
C GLY D 23 52.35 53.91 -21.34
N VAL D 24 53.19 52.88 -21.37
CA VAL D 24 53.21 51.93 -22.48
C VAL D 24 52.35 50.70 -22.21
N THR D 25 51.30 50.51 -23.00
CA THR D 25 50.41 49.36 -22.84
C THR D 25 51.01 48.09 -23.44
N GLY D 26 50.60 46.96 -22.89
CA GLY D 26 51.08 45.68 -23.36
C GLY D 26 50.55 44.58 -22.48
N THR D 27 51.25 43.45 -22.45
CA THR D 27 50.85 42.33 -21.61
C THR D 27 52.13 41.76 -21.03
N ARG D 28 52.10 41.42 -19.75
CA ARG D 28 53.24 40.87 -19.05
C ARG D 28 53.17 39.34 -19.00
N PHE D 29 54.28 38.69 -19.29
CA PHE D 29 54.34 37.23 -19.28
C PHE D 29 55.22 36.75 -18.14
N SER D 30 54.75 35.75 -17.42
CA SER D 30 55.49 35.20 -16.30
C SER D 30 55.22 33.72 -16.18
N VAL D 31 56.24 32.96 -15.83
CA VAL D 31 56.08 31.52 -15.68
C VAL D 31 57.13 30.94 -14.75
N TRP D 32 56.67 30.10 -13.83
CA TRP D 32 57.55 29.44 -12.85
C TRP D 32 58.29 28.26 -13.49
N ALA D 33 59.61 28.42 -13.59
CA ALA D 33 60.53 27.41 -14.15
C ALA D 33 61.89 27.75 -13.56
N PRO D 34 62.02 27.56 -12.24
CA PRO D 34 63.25 27.84 -11.51
C PRO D 34 64.52 27.18 -12.02
N ASN D 35 64.42 25.99 -12.58
CA ASN D 35 65.63 25.30 -13.05
C ASN D 35 65.96 25.44 -14.53
N ALA D 36 65.10 26.16 -15.24
CA ALA D 36 65.35 26.34 -16.65
C ALA D 36 66.43 27.39 -16.83
N ARG D 37 67.24 27.21 -17.86
CA ARG D 37 68.25 28.20 -18.19
C ARG D 37 67.62 28.68 -19.49
N ARG D 38 67.51 29.99 -19.63
CA ARG D 38 66.90 30.57 -20.81
C ARG D 38 65.42 30.17 -20.99
N VAL D 39 64.59 31.17 -21.25
CA VAL D 39 63.16 30.99 -21.50
C VAL D 39 62.71 32.21 -22.32
N SER D 40 61.89 31.97 -23.34
CA SER D 40 61.43 33.05 -24.20
C SER D 40 59.95 32.93 -24.46
N VAL D 41 59.36 34.04 -24.88
CA VAL D 41 57.95 34.11 -25.22
C VAL D 41 57.97 34.11 -26.74
N VAL D 42 57.35 33.11 -27.34
CA VAL D 42 57.31 33.01 -28.79
C VAL D 42 55.88 33.07 -29.29
N GLY D 43 55.71 33.52 -30.52
CA GLY D 43 54.38 33.62 -31.07
C GLY D 43 54.46 34.01 -32.52
N GLN D 44 53.33 34.38 -33.09
CA GLN D 44 53.25 34.80 -34.49
C GLN D 44 54.01 36.12 -34.67
N PHE D 45 53.67 37.10 -33.84
CA PHE D 45 54.31 38.42 -33.89
C PHE D 45 55.83 38.30 -33.82
N ASN D 46 56.29 37.14 -33.38
CA ASN D 46 57.69 36.84 -33.17
C ASN D 46 58.19 35.80 -34.17
N TYR D 47 57.25 35.23 -34.93
CA TYR D 47 57.58 34.20 -35.92
C TYR D 47 58.31 33.07 -35.21
N TRP D 48 57.88 32.81 -33.96
CA TRP D 48 58.41 31.76 -33.09
C TRP D 48 59.92 31.70 -32.99
N ASP D 49 60.54 32.87 -32.90
CA ASP D 49 61.99 32.96 -32.81
C ASP D 49 62.33 33.27 -31.37
N GLY D 50 62.94 32.31 -30.66
CA GLY D 50 63.29 32.51 -29.27
C GLY D 50 64.33 33.59 -29.01
N ARG D 51 64.97 34.05 -30.09
CA ARG D 51 66.01 35.08 -30.00
C ARG D 51 65.47 36.49 -29.81
N ARG D 52 64.22 36.75 -30.19
CA ARG D 52 63.68 38.10 -30.06
C ARG D 52 63.11 38.53 -28.69
N HIS D 53 62.49 37.62 -27.94
CA HIS D 53 61.91 37.99 -26.63
C HIS D 53 62.34 37.14 -25.44
N PRO D 54 63.63 37.14 -25.08
CA PRO D 54 64.07 36.34 -23.94
C PRO D 54 63.47 36.93 -22.65
N MET D 55 63.09 36.07 -21.71
CA MET D 55 62.50 36.56 -20.46
C MET D 55 63.59 36.66 -19.41
N ARG D 56 63.41 37.47 -18.38
CA ARG D 56 64.43 37.55 -17.33
C ARG D 56 63.97 36.76 -16.11
N LEU D 57 64.88 35.96 -15.55
CA LEU D 57 64.59 35.15 -14.39
C LEU D 57 64.72 35.86 -13.05
N ARG D 58 63.65 35.79 -12.26
CA ARG D 58 63.67 36.38 -10.93
C ARG D 58 64.20 35.29 -10.01
N LYS D 59 65.50 35.35 -9.76
CA LYS D 59 66.17 34.36 -8.93
C LYS D 59 65.55 34.11 -7.54
N GLU D 60 64.89 35.11 -6.97
CA GLU D 60 64.31 34.94 -5.64
C GLU D 60 63.01 34.13 -5.63
N SER D 61 62.37 33.99 -6.79
CA SER D 61 61.11 33.27 -6.88
C SER D 61 61.13 32.09 -7.86
N GLY D 62 62.13 32.08 -8.75
CA GLY D 62 62.26 31.02 -9.74
C GLY D 62 61.35 31.26 -10.95
N ILE D 63 60.82 32.48 -11.02
CA ILE D 63 59.91 32.89 -12.08
C ILE D 63 60.56 33.76 -13.18
N TRP D 64 60.21 33.48 -14.44
CA TRP D 64 60.71 34.24 -15.60
C TRP D 64 59.64 35.20 -16.07
N GLU D 65 59.96 36.46 -16.28
CA GLU D 65 58.94 37.35 -16.77
C GLU D 65 59.39 38.36 -17.83
N LEU D 66 58.43 38.87 -18.58
CA LEU D 66 58.73 39.84 -19.61
C LEU D 66 57.50 40.62 -20.04
N PHE D 67 57.67 41.93 -20.15
CA PHE D 67 56.61 42.78 -20.62
C PHE D 67 56.89 42.96 -22.11
N ILE D 68 55.83 42.93 -22.93
CA ILE D 68 55.98 43.10 -24.36
C ILE D 68 54.94 44.11 -24.82
N PRO D 69 55.31 45.39 -24.91
CA PRO D 69 54.34 46.39 -25.36
C PRO D 69 53.70 46.02 -26.68
N GLY D 70 52.42 46.35 -26.85
CA GLY D 70 51.77 46.01 -28.11
C GLY D 70 51.09 44.66 -28.05
N ALA D 71 51.55 43.80 -27.13
CA ALA D 71 50.95 42.48 -26.97
C ALA D 71 49.51 42.68 -26.50
N HIS D 72 48.57 41.96 -27.10
CA HIS D 72 47.17 42.12 -26.74
C HIS D 72 46.35 40.83 -26.79
N ASN D 73 45.09 40.94 -26.43
CA ASN D 73 44.21 39.80 -26.44
C ASN D 73 44.12 39.28 -27.87
N GLY D 74 44.05 37.97 -28.00
CA GLY D 74 43.95 37.35 -29.31
C GLY D 74 45.25 36.72 -29.77
N GLN D 75 46.36 37.40 -29.54
CA GLN D 75 47.65 36.89 -29.98
C GLN D 75 47.93 35.54 -29.36
N LEU D 76 48.63 34.69 -30.09
CA LEU D 76 48.98 33.36 -29.63
C LEU D 76 50.41 33.39 -29.11
N TYR D 77 50.77 32.47 -28.22
CA TYR D 77 52.12 32.43 -27.70
C TYR D 77 52.46 31.13 -26.99
N LYS D 78 53.75 30.95 -26.70
CA LYS D 78 54.25 29.77 -25.99
C LYS D 78 55.57 30.15 -25.36
N TYR D 79 56.07 29.32 -24.45
CA TYR D 79 57.33 29.59 -23.80
C TYR D 79 58.32 28.57 -24.32
N GLU D 80 59.40 29.06 -24.92
CA GLU D 80 60.42 28.17 -25.42
C GLU D 80 61.52 28.18 -24.39
N MET D 81 62.03 27.00 -24.05
CA MET D 81 63.07 26.94 -23.04
C MET D 81 64.18 25.95 -23.30
N ILE D 82 65.07 25.89 -22.32
CA ILE D 82 66.19 24.99 -22.35
C ILE D 82 66.12 24.33 -20.98
N ASP D 83 65.84 23.02 -20.96
CA ASP D 83 65.75 22.26 -19.71
C ASP D 83 66.93 22.57 -18.82
N ALA D 84 66.93 21.94 -17.65
CA ALA D 84 68.03 22.06 -16.71
C ALA D 84 69.10 21.17 -17.37
N ASN D 85 68.65 20.41 -18.38
CA ASN D 85 69.53 19.53 -19.15
C ASN D 85 69.70 20.09 -20.57
N GLY D 86 69.97 21.37 -20.65
CA GLY D 86 70.17 22.04 -21.92
C GLY D 86 69.38 21.60 -23.14
N ASN D 87 68.14 21.15 -22.96
CA ASN D 87 67.36 20.75 -24.11
C ASN D 87 66.27 21.73 -24.51
N LEU D 88 66.00 21.81 -25.80
CA LEU D 88 64.99 22.71 -26.33
C LEU D 88 63.58 22.12 -26.20
N ARG D 89 62.67 22.91 -25.65
CA ARG D 89 61.29 22.48 -25.46
C ARG D 89 60.33 23.65 -25.65
N LEU D 90 59.16 23.39 -26.22
CA LEU D 90 58.12 24.43 -26.40
C LEU D 90 57.03 24.12 -25.38
N LYS D 91 56.92 24.95 -24.36
CA LYS D 91 55.94 24.73 -23.30
C LYS D 91 54.70 25.60 -23.42
N SER D 92 53.54 25.03 -23.14
CA SER D 92 52.32 25.83 -23.17
C SER D 92 52.20 26.40 -21.75
N ASP D 93 51.70 27.62 -21.62
CA ASP D 93 51.55 28.26 -20.30
C ASP D 93 50.57 27.47 -19.43
N PRO D 94 51.05 26.92 -18.29
CA PRO D 94 50.19 26.16 -17.37
C PRO D 94 49.05 27.04 -16.82
N TYR D 95 49.23 28.36 -16.92
CA TYR D 95 48.22 29.34 -16.52
C TYR D 95 47.57 29.90 -17.77
N ALA D 96 47.47 29.07 -18.80
CA ALA D 96 46.82 29.49 -20.03
C ALA D 96 45.36 29.70 -19.67
N PHE D 97 44.85 30.90 -19.92
CA PHE D 97 43.46 31.20 -19.62
C PHE D 97 42.55 30.90 -20.80
N GLU D 98 43.17 30.53 -21.91
CA GLU D 98 42.45 30.17 -23.12
C GLU D 98 43.40 29.51 -24.09
N ALA D 99 42.96 28.40 -24.68
CA ALA D 99 43.79 27.61 -25.58
C ALA D 99 43.42 27.50 -27.06
N GLN D 100 44.27 26.77 -27.78
CA GLN D 100 44.12 26.53 -29.22
C GLN D 100 42.86 25.72 -29.48
N MET D 101 42.28 25.90 -30.67
CA MET D 101 41.08 25.17 -31.05
C MET D 101 41.36 23.67 -30.92
N THR D 105 48.15 23.68 -30.59
CA THR D 105 48.17 23.57 -29.14
C THR D 105 49.02 24.69 -28.51
N ALA D 106 48.49 25.92 -28.54
CA ALA D 106 49.19 27.06 -27.97
C ALA D 106 48.27 27.90 -27.10
N SER D 107 48.87 28.79 -26.31
CA SER D 107 48.15 29.66 -25.41
C SER D 107 47.75 30.95 -26.12
N LEU D 108 46.59 31.46 -25.77
CA LEU D 108 46.10 32.69 -26.37
C LEU D 108 46.03 33.77 -25.29
N ILE D 109 46.49 34.98 -25.61
CA ILE D 109 46.49 36.07 -24.66
C ILE D 109 45.08 36.55 -24.37
N CYS D 110 44.83 36.81 -23.09
CA CYS D 110 43.55 37.28 -22.59
C CYS D 110 43.80 37.23 -21.10
N GLY D 111 43.06 38.00 -20.32
CA GLY D 111 43.30 37.99 -18.88
C GLY D 111 42.31 37.17 -18.11
N LEU D 112 42.05 37.60 -16.89
CA LEU D 112 41.09 36.93 -16.02
C LEU D 112 39.72 37.58 -16.24
N PRO D 113 38.66 36.76 -16.40
CA PRO D 113 37.39 37.46 -16.58
C PRO D 113 37.17 38.24 -15.29
N GLU D 114 36.20 39.14 -15.26
CA GLU D 114 35.96 39.94 -14.06
C GLU D 114 35.28 39.09 -12.97
N LYS D 115 35.82 39.18 -11.75
CA LYS D 115 35.30 38.45 -10.60
C LYS D 115 33.78 38.41 -10.52
N VAL D 116 33.26 37.29 -10.05
CA VAL D 116 31.81 37.13 -9.90
C VAL D 116 31.45 37.05 -8.42
N VAL D 117 30.47 37.83 -7.98
CA VAL D 117 30.05 37.81 -6.58
C VAL D 117 29.00 36.73 -6.40
N GLN D 118 29.29 35.72 -5.57
CA GLN D 118 28.33 34.66 -5.33
C GLN D 118 27.24 35.25 -4.45
N THR D 119 25.99 35.08 -4.83
CA THR D 119 24.90 35.64 -4.05
C THR D 119 24.48 34.73 -2.89
N GLU D 120 23.81 35.31 -1.91
CA GLU D 120 23.35 34.56 -0.74
C GLU D 120 22.41 33.45 -1.18
N GLU D 121 21.44 33.81 -2.01
CA GLU D 121 20.47 32.88 -2.53
C GLU D 121 21.17 31.65 -3.10
N ARG D 122 22.27 31.85 -3.81
CA ARG D 122 23.00 30.73 -4.39
C ARG D 122 23.84 30.01 -3.33
N LYS D 123 24.12 30.72 -2.24
CA LYS D 123 24.91 30.16 -1.15
C LYS D 123 23.99 29.31 -0.28
N LYS D 124 22.77 29.78 -0.11
CA LYS D 124 21.78 29.07 0.68
C LYS D 124 21.47 27.76 -0.02
N ALA D 125 21.42 27.82 -1.35
CA ALA D 125 21.11 26.65 -2.15
C ALA D 125 22.18 25.58 -2.03
N ASN D 126 23.32 25.92 -1.45
CA ASN D 126 24.42 24.98 -1.27
C ASN D 126 24.40 24.34 0.13
N GLN D 127 23.59 24.89 1.02
CA GLN D 127 23.49 24.43 2.40
C GLN D 127 22.94 23.03 2.66
N PHE D 128 23.35 22.44 3.78
CA PHE D 128 22.89 21.12 4.17
C PHE D 128 21.36 21.04 4.26
N ASP D 129 20.69 22.15 4.59
CA ASP D 129 19.24 22.12 4.73
C ASP D 129 18.43 22.46 3.49
N ALA D 130 19.12 22.60 2.37
CA ALA D 130 18.44 22.92 1.11
C ALA D 130 18.14 21.66 0.31
N PRO D 131 17.17 21.74 -0.60
CA PRO D 131 16.87 20.55 -1.40
C PRO D 131 17.89 20.61 -2.54
N ILE D 132 18.79 19.65 -2.58
CA ILE D 132 19.79 19.65 -3.64
C ILE D 132 19.59 18.48 -4.61
N SER D 133 19.11 18.80 -5.81
CA SER D 133 18.89 17.81 -6.86
C SER D 133 19.75 18.18 -8.05
N ILE D 134 20.90 17.54 -8.15
CA ILE D 134 21.86 17.80 -9.20
C ILE D 134 21.59 17.01 -10.48
N TYR D 135 21.66 17.72 -11.61
CA TYR D 135 21.49 17.13 -12.93
C TYR D 135 22.92 17.07 -13.46
N GLU D 136 23.46 15.87 -13.58
CA GLU D 136 24.82 15.67 -14.05
C GLU D 136 24.88 15.69 -15.57
N VAL D 137 25.80 16.48 -16.12
CA VAL D 137 25.89 16.59 -17.57
C VAL D 137 27.30 16.59 -18.17
N HIS D 138 27.43 16.03 -19.37
CA HIS D 138 28.71 16.02 -20.09
C HIS D 138 28.39 16.87 -21.31
N LEU D 139 28.73 18.16 -21.26
CA LEU D 139 28.42 19.11 -22.33
C LEU D 139 28.65 18.68 -23.79
N GLY D 140 29.56 17.73 -24.02
CA GLY D 140 29.84 17.27 -25.37
C GLY D 140 28.97 16.13 -25.88
N SER D 141 28.06 15.63 -25.05
CA SER D 141 27.21 14.53 -25.47
C SER D 141 25.77 14.67 -25.00
N TRP D 142 25.46 15.78 -24.32
CA TRP D 142 24.09 15.98 -23.87
C TRP D 142 23.20 15.99 -25.11
N ARG D 143 23.55 16.85 -26.06
CA ARG D 143 22.78 16.99 -27.30
C ARG D 143 23.69 17.36 -28.50
N ARG D 144 23.30 16.96 -29.70
CA ARG D 144 24.07 17.28 -30.91
C ARG D 144 23.08 17.78 -31.95
N HIS D 145 23.54 18.57 -32.93
CA HIS D 145 22.64 19.08 -33.97
C HIS D 145 22.19 17.95 -34.89
N THR D 146 20.96 18.05 -35.37
CA THR D 146 20.34 17.03 -36.24
C THR D 146 21.26 16.44 -37.31
N ASP D 147 21.12 16.88 -38.54
CA ASP D 147 21.99 16.38 -39.61
C ASP D 147 23.19 17.29 -39.52
N ASN D 148 24.16 16.86 -38.72
CA ASN D 148 25.34 17.64 -38.46
C ASN D 148 26.14 16.85 -37.42
N ASN D 149 25.45 16.53 -36.33
CA ASN D 149 26.02 15.79 -35.21
C ASN D 149 27.07 16.65 -34.52
N PHE D 150 27.04 17.95 -34.80
CA PHE D 150 27.99 18.87 -34.18
C PHE D 150 27.62 19.19 -32.74
N TRP D 151 28.65 19.45 -31.94
CA TRP D 151 28.47 19.82 -30.54
C TRP D 151 27.65 21.08 -30.52
N LEU D 152 26.88 21.31 -29.45
CA LEU D 152 26.14 22.55 -29.33
C LEU D 152 27.23 23.44 -28.77
N SER D 153 27.09 24.76 -28.92
CA SER D 153 28.10 25.66 -28.40
C SER D 153 27.71 26.02 -26.97
N TYR D 154 28.62 26.67 -26.26
CA TYR D 154 28.33 27.09 -24.89
C TYR D 154 27.07 27.91 -24.91
N ARG D 155 26.97 28.78 -25.90
CA ARG D 155 25.82 29.65 -26.04
C ARG D 155 24.58 28.90 -26.46
N GLU D 156 24.78 27.78 -27.14
CA GLU D 156 23.65 26.97 -27.56
C GLU D 156 23.16 26.18 -26.34
N LEU D 157 24.10 25.69 -25.54
CA LEU D 157 23.80 24.93 -24.34
C LEU D 157 23.13 25.85 -23.30
N ALA D 158 23.42 27.15 -23.37
CA ALA D 158 22.85 28.12 -22.45
C ALA D 158 21.37 28.41 -22.69
N ASP D 159 20.88 28.17 -23.90
CA ASP D 159 19.46 28.42 -24.16
C ASP D 159 18.66 27.14 -24.39
N GLN D 160 19.33 26.00 -24.26
CA GLN D 160 18.69 24.71 -24.43
C GLN D 160 18.82 23.86 -23.16
N LEU D 161 20.07 23.67 -22.72
CA LEU D 161 20.34 22.88 -21.51
C LEU D 161 19.84 23.54 -20.23
N VAL D 162 20.22 24.80 -20.06
CA VAL D 162 19.84 25.57 -18.88
C VAL D 162 18.32 25.64 -18.65
N PRO D 163 17.54 26.08 -19.66
CA PRO D 163 16.07 26.17 -19.47
C PRO D 163 15.45 24.79 -19.21
N TYR D 164 16.07 23.76 -19.78
CA TYR D 164 15.58 22.40 -19.63
C TYR D 164 15.76 21.91 -18.21
N ALA D 165 16.96 22.09 -17.67
CA ALA D 165 17.26 21.65 -16.32
C ALA D 165 16.41 22.41 -15.33
N LYS D 166 16.15 23.68 -15.63
CA LYS D 166 15.33 24.52 -14.78
C LYS D 166 13.89 24.07 -14.80
N TRP D 167 13.39 23.66 -15.95
CA TRP D 167 12.01 23.21 -16.07
C TRP D 167 11.80 21.87 -15.39
N MET D 168 12.84 21.06 -15.37
CA MET D 168 12.76 19.75 -14.76
C MET D 168 12.78 19.77 -13.22
N GLY D 169 13.05 20.94 -12.64
CA GLY D 169 13.05 21.04 -11.19
C GLY D 169 14.41 20.93 -10.56
N PHE D 170 15.42 20.62 -11.35
CA PHE D 170 16.78 20.50 -10.82
C PHE D 170 17.21 21.83 -10.22
N THR D 171 18.06 21.79 -9.20
CA THR D 171 18.54 23.02 -8.53
C THR D 171 19.98 23.25 -8.89
N HIS D 172 20.69 22.16 -9.13
CA HIS D 172 22.09 22.25 -9.50
C HIS D 172 22.34 21.61 -10.83
N LEU D 173 23.38 22.11 -11.49
CA LEU D 173 23.82 21.57 -12.75
C LEU D 173 25.26 21.22 -12.46
N GLU D 174 25.64 19.96 -12.69
CA GLU D 174 27.02 19.52 -12.47
C GLU D 174 27.65 19.12 -13.81
N LEU D 175 28.79 19.73 -14.13
CA LEU D 175 29.48 19.48 -15.41
C LEU D 175 30.74 18.65 -15.28
N LEU D 176 30.89 17.67 -16.17
CA LEU D 176 32.10 16.85 -16.16
C LEU D 176 33.20 17.88 -16.44
N PRO D 177 34.47 17.53 -16.17
CA PRO D 177 35.56 18.48 -16.40
C PRO D 177 35.54 19.31 -17.68
N ILE D 178 35.29 20.61 -17.56
CA ILE D 178 35.28 21.48 -18.74
C ILE D 178 36.69 21.99 -19.04
N ASN D 179 37.67 21.31 -18.46
CA ASN D 179 39.11 21.57 -18.65
C ASN D 179 39.41 21.52 -20.13
N GLU D 180 40.66 21.75 -20.45
CA GLU D 180 41.05 21.62 -21.83
C GLU D 180 41.72 20.25 -21.82
N HIS D 181 41.15 19.32 -22.57
CA HIS D 181 41.71 17.99 -22.63
C HIS D 181 41.72 17.56 -24.09
N PRO D 182 42.80 16.91 -24.54
CA PRO D 182 42.97 16.44 -25.92
C PRO D 182 42.03 15.38 -26.51
N PHE D 183 41.58 14.40 -25.73
CA PHE D 183 40.70 13.35 -26.26
C PHE D 183 39.30 13.34 -25.67
N ASP D 184 38.29 13.29 -26.52
CA ASP D 184 36.92 13.25 -26.04
C ASP D 184 36.70 12.12 -25.03
N GLY D 185 37.22 10.95 -25.36
CA GLY D 185 37.06 9.77 -24.53
C GLY D 185 37.42 9.80 -23.06
N SER D 186 38.21 10.79 -22.64
CA SER D 186 38.60 10.89 -21.25
C SER D 186 37.50 11.59 -20.44
N TRP D 187 36.57 12.23 -21.15
CA TRP D 187 35.44 12.93 -20.54
C TRP D 187 35.85 14.22 -19.82
N GLY D 188 37.16 14.46 -19.83
CA GLY D 188 37.70 15.65 -19.20
C GLY D 188 38.56 15.33 -18.00
N TYR D 189 38.69 14.05 -17.66
CA TYR D 189 39.48 13.67 -16.50
C TYR D 189 40.98 13.57 -16.76
N GLN D 190 41.39 13.78 -18.00
CA GLN D 190 42.80 13.79 -18.38
C GLN D 190 42.96 15.13 -19.09
N PRO D 191 43.19 16.20 -18.32
CA PRO D 191 43.36 17.53 -18.85
C PRO D 191 44.77 17.88 -19.29
N THR D 192 44.85 18.95 -20.07
CA THR D 192 46.13 19.47 -20.54
C THR D 192 46.19 20.93 -20.08
N GLY D 193 45.03 21.55 -19.86
CA GLY D 193 44.99 22.94 -19.44
C GLY D 193 43.97 23.22 -18.35
N LEU D 194 44.44 23.24 -17.10
CA LEU D 194 43.60 23.47 -15.92
C LEU D 194 42.88 24.81 -15.81
N TYR D 195 43.54 25.89 -16.24
CA TYR D 195 42.92 27.21 -16.15
C TYR D 195 42.14 27.66 -17.39
N ALA D 196 41.96 26.78 -18.36
CA ALA D 196 41.24 27.19 -19.56
C ALA D 196 40.07 26.32 -19.96
N PRO D 197 38.88 26.92 -20.11
CA PRO D 197 37.65 26.22 -20.51
C PRO D 197 37.99 25.53 -21.82
N THR D 198 37.29 24.45 -22.16
CA THR D 198 37.60 23.76 -23.41
C THR D 198 37.09 24.57 -24.59
N ARG D 199 37.96 24.75 -25.59
CA ARG D 199 37.62 25.51 -26.78
C ARG D 199 36.55 24.75 -27.56
N ARG D 200 36.35 23.51 -27.14
CA ARG D 200 35.40 22.59 -27.74
C ARG D 200 34.00 23.19 -28.06
N PHE D 201 33.48 24.01 -27.17
CA PHE D 201 32.14 24.57 -27.36
C PHE D 201 32.09 26.08 -27.52
N GLY D 202 33.26 26.71 -27.49
CA GLY D 202 33.34 28.14 -27.65
C GLY D 202 34.56 28.75 -26.98
N THR D 203 34.46 30.03 -26.66
CA THR D 203 35.55 30.73 -26.02
C THR D 203 35.37 30.70 -24.50
N ARG D 204 36.31 31.34 -23.79
CA ARG D 204 36.20 31.38 -22.34
C ARG D 204 35.02 32.26 -21.99
N ASP D 205 34.84 33.35 -22.74
CA ASP D 205 33.72 34.26 -22.49
C ASP D 205 32.37 33.62 -22.84
N ASP D 206 32.42 32.60 -23.69
CA ASP D 206 31.21 31.86 -24.08
C ASP D 206 30.84 31.03 -22.87
N PHE D 207 31.82 30.31 -22.32
CA PHE D 207 31.59 29.49 -21.15
C PHE D 207 31.06 30.38 -20.05
N ARG D 208 31.74 31.50 -19.83
CA ARG D 208 31.32 32.45 -18.83
C ARG D 208 29.86 32.87 -19.01
N TYR D 209 29.45 33.14 -20.24
CA TYR D 209 28.07 33.54 -20.52
C TYR D 209 27.09 32.43 -20.19
N PHE D 210 27.56 31.19 -20.31
CA PHE D 210 26.73 30.02 -20.01
C PHE D 210 26.54 29.91 -18.51
N ILE D 211 27.62 30.10 -17.76
CA ILE D 211 27.51 30.04 -16.31
C ILE D 211 26.54 31.13 -15.87
N ASP D 212 26.76 32.35 -16.33
CA ASP D 212 25.89 33.47 -15.99
C ASP D 212 24.45 33.16 -16.35
N ALA D 213 24.26 32.52 -17.49
CA ALA D 213 22.92 32.16 -17.96
C ALA D 213 22.27 31.19 -16.99
N ALA D 214 23.07 30.24 -16.51
CA ALA D 214 22.61 29.25 -15.54
C ALA D 214 22.16 30.01 -14.28
N HIS D 215 23.04 30.85 -13.76
CA HIS D 215 22.76 31.65 -12.57
C HIS D 215 21.49 32.48 -12.71
N ALA D 216 21.22 32.96 -13.91
CA ALA D 216 20.05 33.77 -14.16
C ALA D 216 18.80 32.91 -14.28
N ALA D 217 18.99 31.60 -14.34
CA ALA D 217 17.84 30.70 -14.45
C ALA D 217 17.47 30.22 -13.05
N GLY D 218 18.29 30.59 -12.07
CA GLY D 218 18.05 30.18 -10.70
C GLY D 218 18.63 28.80 -10.41
N LEU D 219 19.81 28.53 -10.97
CA LEU D 219 20.48 27.25 -10.79
C LEU D 219 21.89 27.46 -10.32
N ASN D 220 22.37 26.54 -9.49
CA ASN D 220 23.73 26.62 -9.02
C ASN D 220 24.48 25.69 -9.96
N VAL D 221 25.77 25.94 -10.14
CA VAL D 221 26.57 25.15 -11.05
C VAL D 221 27.70 24.50 -10.30
N ILE D 222 27.81 23.18 -10.45
CA ILE D 222 28.87 22.41 -9.79
C ILE D 222 29.85 21.96 -10.85
N LEU D 223 31.13 22.24 -10.65
CA LEU D 223 32.13 21.86 -11.61
C LEU D 223 33.09 20.75 -11.16
N ASP D 224 33.15 19.68 -11.95
CA ASP D 224 34.08 18.60 -11.64
C ASP D 224 35.46 19.21 -11.76
N TRP D 225 36.16 19.24 -10.62
CA TRP D 225 37.50 19.78 -10.55
C TRP D 225 38.43 18.57 -10.40
N VAL D 226 39.45 18.49 -11.24
CA VAL D 226 40.33 17.32 -11.22
C VAL D 226 41.77 17.52 -10.77
N PRO D 227 41.98 17.77 -9.47
CA PRO D 227 43.33 17.97 -8.93
C PRO D 227 44.06 16.64 -8.67
N GLY D 228 43.37 15.54 -8.89
CA GLY D 228 43.99 14.25 -8.66
C GLY D 228 44.54 13.58 -9.92
N HIS D 229 44.34 14.22 -11.07
CA HIS D 229 44.81 13.70 -12.35
C HIS D 229 45.90 14.56 -12.99
N PHE D 230 47.14 14.17 -12.79
CA PHE D 230 48.27 14.92 -13.35
C PHE D 230 48.15 14.86 -14.88
N PRO D 231 48.48 15.96 -15.58
CA PRO D 231 48.37 15.91 -17.05
C PRO D 231 49.41 14.94 -17.63
N THR D 232 48.91 13.97 -18.40
CA THR D 232 49.75 12.96 -19.01
C THR D 232 49.81 13.09 -20.53
N ASP D 233 49.03 14.01 -21.08
CA ASP D 233 49.01 14.22 -22.52
C ASP D 233 49.85 15.42 -22.96
N ASP D 234 50.39 15.31 -24.18
CA ASP D 234 51.22 16.36 -24.79
C ASP D 234 52.30 16.95 -23.89
N PHE D 235 52.88 16.12 -23.01
CA PHE D 235 53.93 16.57 -22.10
C PHE D 235 53.58 17.91 -21.48
N ALA D 236 52.30 18.07 -21.12
CA ALA D 236 51.80 19.31 -20.54
C ALA D 236 52.55 19.89 -19.34
N LEU D 237 52.71 19.11 -18.29
CA LEU D 237 53.37 19.63 -17.10
C LEU D 237 54.53 18.80 -16.57
N ALA D 238 54.69 17.59 -17.09
CA ALA D 238 55.79 16.73 -16.63
C ALA D 238 57.15 17.31 -16.99
N GLU D 239 58.13 17.10 -16.12
CA GLU D 239 59.48 17.59 -16.35
C GLU D 239 59.44 19.00 -16.94
N PHE D 240 58.58 19.85 -16.37
CA PHE D 240 58.49 21.22 -16.85
C PHE D 240 59.78 21.85 -16.37
N ASP D 241 60.48 22.54 -17.25
CA ASP D 241 61.76 23.19 -16.92
C ASP D 241 62.98 22.26 -16.78
N GLY D 242 62.78 20.98 -17.10
CA GLY D 242 63.87 20.00 -17.03
C GLY D 242 63.96 19.23 -15.73
N THR D 243 63.10 19.54 -14.79
CA THR D 243 63.12 18.86 -13.51
C THR D 243 61.69 18.52 -13.06
N ASN D 244 61.58 17.59 -12.14
CA ASN D 244 60.27 17.19 -11.64
C ASN D 244 59.75 18.35 -10.81
N LEU D 245 59.23 19.37 -11.49
CA LEU D 245 58.71 20.56 -10.82
C LEU D 245 57.34 20.34 -10.24
N TYR D 246 56.40 20.02 -11.12
CA TYR D 246 55.01 19.81 -10.73
C TYR D 246 54.70 18.42 -10.19
N GLU D 247 55.34 17.40 -10.76
CA GLU D 247 55.09 16.03 -10.32
C GLU D 247 56.13 15.53 -9.32
N HIS D 248 55.81 14.41 -8.68
CA HIS D 248 56.72 13.81 -7.71
C HIS D 248 57.93 13.25 -8.41
N SER D 249 59.01 13.08 -7.65
CA SER D 249 60.27 12.55 -8.18
C SER D 249 60.06 11.17 -8.80
N ASN D 260 55.70 5.71 -16.39
CA ASN D 260 55.01 6.89 -16.89
C ASN D 260 54.11 7.51 -15.84
N THR D 261 52.82 7.17 -15.88
CA THR D 261 51.81 7.66 -14.96
C THR D 261 52.38 8.29 -13.70
N LEU D 262 52.08 9.56 -13.48
CA LEU D 262 52.64 10.27 -12.33
C LEU D 262 51.66 11.13 -11.53
N ILE D 263 52.08 11.53 -10.34
CA ILE D 263 51.25 12.35 -9.46
C ILE D 263 51.86 13.70 -9.07
N TYR D 264 51.00 14.66 -8.77
CA TYR D 264 51.42 16.00 -8.36
C TYR D 264 52.24 15.97 -7.08
N ASN D 265 53.23 16.86 -6.99
CA ASN D 265 53.98 16.94 -5.76
C ASN D 265 53.14 17.93 -4.97
N TYR D 266 52.13 17.40 -4.28
CA TYR D 266 51.22 18.21 -3.50
C TYR D 266 51.92 18.95 -2.39
N GLY D 267 52.98 18.33 -1.86
CA GLY D 267 53.72 18.96 -0.79
C GLY D 267 54.49 20.20 -1.21
N ARG D 268 54.52 20.49 -2.51
CA ARG D 268 55.25 21.64 -3.00
C ARG D 268 54.38 22.88 -3.04
N ARG D 269 54.86 23.93 -2.39
CA ARG D 269 54.17 25.22 -2.27
C ARG D 269 53.58 25.82 -3.55
N GLU D 270 54.36 25.85 -4.62
CA GLU D 270 53.90 26.40 -5.89
C GLU D 270 52.92 25.45 -6.56
N VAL D 271 53.14 24.15 -6.40
CA VAL D 271 52.24 23.16 -6.98
C VAL D 271 50.88 23.33 -6.27
N SER D 272 50.94 23.43 -4.95
CA SER D 272 49.76 23.60 -4.13
C SER D 272 49.03 24.92 -4.44
N ASN D 273 49.75 26.04 -4.53
CA ASN D 273 49.11 27.32 -4.85
C ASN D 273 48.43 27.16 -6.19
N PHE D 274 49.12 26.49 -7.11
CA PHE D 274 48.64 26.25 -8.46
C PHE D 274 47.27 25.57 -8.45
N LEU D 275 47.18 24.46 -7.73
CA LEU D 275 45.92 23.71 -7.66
C LEU D 275 44.85 24.45 -6.86
N VAL D 276 45.19 24.89 -5.65
CA VAL D 276 44.23 25.64 -4.84
C VAL D 276 43.76 26.88 -5.62
N GLY D 277 44.71 27.56 -6.24
CA GLY D 277 44.39 28.75 -7.03
C GLY D 277 43.43 28.38 -8.14
N ASN D 278 43.65 27.24 -8.77
CA ASN D 278 42.77 26.82 -9.84
C ASN D 278 41.37 26.81 -9.28
N ALA D 279 41.23 26.31 -8.04
CA ALA D 279 39.94 26.24 -7.40
C ALA D 279 39.32 27.64 -7.21
N LEU D 280 40.05 28.57 -6.60
CA LEU D 280 39.54 29.96 -6.41
C LEU D 280 39.23 30.61 -7.73
N TYR D 281 40.02 30.25 -8.73
CA TYR D 281 39.90 30.76 -10.08
C TYR D 281 38.47 30.54 -10.53
N TRP D 282 38.11 29.26 -10.68
CA TRP D 282 36.78 28.87 -11.11
C TRP D 282 35.65 29.53 -10.34
N ILE D 283 35.76 29.50 -9.02
CA ILE D 283 34.75 30.06 -8.16
C ILE D 283 34.68 31.58 -8.29
N GLU D 284 35.84 32.23 -8.21
CA GLU D 284 35.87 33.69 -8.29
C GLU D 284 35.73 34.35 -9.68
N ARG D 285 36.38 33.77 -10.68
CA ARG D 285 36.36 34.35 -12.02
C ARG D 285 35.24 33.88 -12.93
N PHE D 286 34.77 32.66 -12.71
CA PHE D 286 33.69 32.14 -13.54
C PHE D 286 32.39 31.99 -12.79
N GLY D 287 32.46 32.12 -11.47
CA GLY D 287 31.28 32.03 -10.62
C GLY D 287 30.70 30.65 -10.40
N ILE D 288 31.45 29.59 -10.66
CA ILE D 288 30.91 28.26 -10.44
C ILE D 288 30.62 28.18 -8.95
N ASP D 289 29.42 27.71 -8.62
CA ASP D 289 29.00 27.65 -7.23
C ASP D 289 29.59 26.55 -6.35
N ALA D 290 30.12 25.50 -6.95
CA ALA D 290 30.69 24.43 -6.15
C ALA D 290 31.62 23.56 -6.96
N LEU D 291 32.52 22.87 -6.26
CA LEU D 291 33.50 21.98 -6.90
C LEU D 291 33.37 20.53 -6.45
N ARG D 292 33.47 19.62 -7.41
CA ARG D 292 33.37 18.21 -7.10
C ARG D 292 34.70 17.57 -7.46
N VAL D 293 35.33 16.88 -6.51
CA VAL D 293 36.59 16.21 -6.77
C VAL D 293 36.32 14.71 -6.87
N ASP D 294 36.95 14.06 -7.84
CA ASP D 294 36.76 12.64 -8.05
C ASP D 294 37.99 11.81 -7.73
N ALA D 295 37.85 10.50 -7.80
CA ALA D 295 38.96 9.61 -7.55
C ALA D 295 39.80 10.05 -6.36
N VAL D 296 39.14 10.48 -5.30
CA VAL D 296 39.86 10.90 -4.09
C VAL D 296 40.68 9.75 -3.52
N ALA D 297 40.24 8.52 -3.77
CA ALA D 297 40.96 7.37 -3.26
C ALA D 297 42.35 7.28 -3.91
N SER D 298 42.41 7.56 -5.21
CA SER D 298 43.68 7.47 -5.92
C SER D 298 44.66 8.55 -5.47
N MET D 299 44.17 9.59 -4.79
CA MET D 299 45.05 10.66 -4.30
C MET D 299 45.66 10.31 -2.95
N ILE D 300 44.81 9.86 -2.04
CA ILE D 300 45.27 9.55 -0.70
C ILE D 300 46.00 8.22 -0.61
N TYR D 301 45.87 7.38 -1.62
CA TYR D 301 46.56 6.11 -1.60
C TYR D 301 47.52 5.93 -2.76
N ARG D 302 48.78 5.68 -2.42
CA ARG D 302 49.85 5.47 -3.39
C ARG D 302 49.74 4.03 -3.93
N ASP D 303 48.50 3.54 -3.98
CA ASP D 303 48.15 2.20 -4.46
C ASP D 303 48.23 1.22 -3.28
N GLY D 318 54.48 3.27 5.51
CA GLY D 318 53.58 4.12 4.74
C GLY D 318 52.77 3.39 3.69
N ARG D 319 51.88 4.15 3.04
CA ARG D 319 51.00 3.64 1.99
C ARG D 319 50.01 4.75 1.66
N GLU D 320 49.66 5.52 2.69
CA GLU D 320 48.75 6.65 2.55
C GLU D 320 49.58 7.85 2.13
N ASN D 321 49.04 8.69 1.25
CA ASN D 321 49.77 9.86 0.80
C ASN D 321 49.51 11.04 1.73
N LEU D 322 50.40 11.22 2.70
CA LEU D 322 50.24 12.29 3.67
C LEU D 322 50.15 13.66 3.04
N GLU D 323 51.07 13.96 2.13
CA GLU D 323 51.07 15.26 1.47
C GLU D 323 49.75 15.49 0.73
N ALA D 324 49.22 14.43 0.14
CA ALA D 324 47.95 14.49 -0.60
C ALA D 324 46.76 14.72 0.32
N ILE D 325 46.70 13.95 1.40
CA ILE D 325 45.62 14.08 2.38
C ILE D 325 45.71 15.48 2.96
N GLU D 326 46.92 15.90 3.31
CA GLU D 326 47.11 17.23 3.87
C GLU D 326 46.72 18.28 2.85
N PHE D 327 46.98 18.01 1.58
CA PHE D 327 46.61 18.95 0.52
C PHE D 327 45.09 19.11 0.52
N LEU D 328 44.37 18.01 0.34
CA LEU D 328 42.91 18.06 0.32
C LEU D 328 42.35 18.87 1.50
N ARG D 329 42.84 18.61 2.71
CA ARG D 329 42.38 19.34 3.88
C ARG D 329 42.57 20.86 3.71
N ASN D 330 43.79 21.23 3.32
CA ASN D 330 44.18 22.62 3.12
C ASN D 330 43.32 23.32 2.07
N THR D 331 43.07 22.61 0.98
CA THR D 331 42.26 23.17 -0.09
C THR D 331 40.88 23.55 0.45
N ASN D 332 40.24 22.58 1.11
CA ASN D 332 38.91 22.80 1.69
C ASN D 332 38.91 23.90 2.74
N ARG D 333 39.99 23.99 3.52
CA ARG D 333 40.09 25.05 4.53
C ARG D 333 40.20 26.41 3.86
N ILE D 334 41.20 26.57 3.01
CA ILE D 334 41.41 27.83 2.28
C ILE D 334 40.08 28.24 1.64
N LEU D 335 39.41 27.27 1.03
CA LEU D 335 38.11 27.53 0.42
C LEU D 335 37.16 27.65 1.61
N GLY D 336 36.03 28.30 1.44
CA GLY D 336 35.14 28.38 2.59
C GLY D 336 35.65 29.43 3.53
N GLU D 337 36.97 29.56 3.59
CA GLU D 337 37.61 30.58 4.40
C GLU D 337 37.68 31.80 3.48
N GLN D 338 37.91 31.54 2.19
CA GLN D 338 37.98 32.58 1.16
C GLN D 338 36.65 32.72 0.44
N VAL D 339 36.02 31.58 0.13
CA VAL D 339 34.76 31.57 -0.58
C VAL D 339 33.60 30.97 0.21
N SER D 340 33.57 31.24 1.50
CA SER D 340 32.50 30.75 2.36
C SER D 340 31.22 30.69 1.56
N GLY D 341 30.58 29.52 1.52
CA GLY D 341 29.34 29.38 0.78
C GLY D 341 29.47 28.52 -0.46
N ALA D 342 30.69 28.43 -0.98
CA ALA D 342 30.96 27.61 -2.14
C ALA D 342 31.41 26.27 -1.58
N VAL D 343 30.51 25.29 -1.60
CA VAL D 343 30.79 23.96 -1.05
C VAL D 343 31.56 23.01 -1.95
N THR D 344 32.26 22.06 -1.33
CA THR D 344 33.04 21.05 -2.04
C THR D 344 32.49 19.64 -1.77
N MET D 345 32.48 18.81 -2.81
CA MET D 345 31.97 17.45 -2.70
C MET D 345 33.02 16.44 -3.16
N ALA D 346 32.95 15.22 -2.64
CA ALA D 346 33.93 14.21 -2.99
C ALA D 346 33.43 12.77 -3.19
N GLU D 347 34.12 12.03 -4.06
CA GLU D 347 33.84 10.63 -4.33
C GLU D 347 35.14 9.95 -3.91
N GLU D 348 35.02 8.96 -3.02
CA GLU D 348 36.18 8.25 -2.49
C GLU D 348 35.78 6.77 -2.37
N SER D 349 36.26 5.95 -3.31
CA SER D 349 35.93 4.53 -3.37
C SER D 349 36.18 3.69 -2.12
N THR D 350 37.29 3.91 -1.43
CA THR D 350 37.55 3.12 -0.24
C THR D 350 36.61 3.73 0.79
N ASP D 351 36.70 3.27 2.05
CA ASP D 351 35.83 3.84 3.07
C ASP D 351 36.66 4.66 4.05
N PHE D 352 37.48 5.54 3.48
CA PHE D 352 38.33 6.41 4.26
C PHE D 352 37.41 7.31 5.08
N PRO D 353 37.64 7.36 6.40
CA PRO D 353 36.90 8.13 7.40
C PRO D 353 37.03 9.64 7.47
N GLY D 354 35.91 10.33 7.37
CA GLY D 354 35.93 11.78 7.50
C GLY D 354 36.01 12.60 6.24
N VAL D 355 35.68 11.99 5.11
CA VAL D 355 35.73 12.71 3.86
C VAL D 355 34.94 14.01 3.93
N SER D 356 33.74 13.95 4.51
CA SER D 356 32.89 15.14 4.62
C SER D 356 32.85 15.72 6.02
N ARG D 357 33.90 15.47 6.79
CA ARG D 357 33.98 15.95 8.18
C ARG D 357 35.15 16.92 8.37
N PRO D 358 35.08 17.81 9.39
CA PRO D 358 36.13 18.79 9.66
C PRO D 358 37.54 18.28 9.84
N GLN D 359 38.49 19.05 9.31
CA GLN D 359 39.91 18.75 9.36
C GLN D 359 40.38 18.62 10.81
N ASP D 360 39.95 19.57 11.64
CA ASP D 360 40.33 19.58 13.03
C ASP D 360 39.89 18.32 13.79
N MET D 361 38.95 17.56 13.21
CA MET D 361 38.48 16.36 13.89
C MET D 361 38.81 15.07 13.14
N GLY D 362 39.35 15.19 11.94
CA GLY D 362 39.65 13.96 11.21
C GLY D 362 40.21 14.21 9.84
N GLY D 363 39.65 15.20 9.14
CA GLY D 363 40.21 15.51 7.84
C GLY D 363 39.34 15.64 6.60
N LEU D 364 40.04 16.06 5.54
CA LEU D 364 39.47 16.29 4.23
C LEU D 364 38.60 17.52 4.24
N GLY D 365 37.65 17.61 5.16
CA GLY D 365 36.82 18.79 5.23
C GLY D 365 35.84 19.05 4.11
N PHE D 366 35.60 18.05 3.27
CA PHE D 366 34.64 18.21 2.18
C PHE D 366 33.29 18.51 2.77
N TRP D 367 32.38 19.05 1.97
CA TRP D 367 31.05 19.34 2.46
C TRP D 367 30.08 18.24 2.14
N TYR D 368 30.44 17.41 1.17
CA TYR D 368 29.59 16.29 0.79
C TYR D 368 30.42 15.14 0.31
N LYS D 369 29.80 13.98 0.21
CA LYS D 369 30.46 12.78 -0.30
C LYS D 369 29.42 12.00 -1.06
N TRP D 370 29.84 11.41 -2.18
CA TRP D 370 28.94 10.60 -2.99
C TRP D 370 28.74 9.32 -2.22
N ASN D 371 27.52 8.80 -2.23
CA ASN D 371 27.28 7.55 -1.52
C ASN D 371 27.29 6.42 -2.54
N LEU D 372 28.47 5.85 -2.78
CA LEU D 372 28.62 4.76 -3.75
C LEU D 372 27.99 3.49 -3.18
N GLY D 373 28.17 3.28 -1.88
CA GLY D 373 27.64 2.11 -1.22
C GLY D 373 26.16 2.00 -1.44
N TRP D 374 25.48 3.14 -1.30
CA TRP D 374 24.04 3.23 -1.50
C TRP D 374 23.75 2.83 -2.93
N MET D 375 24.42 3.51 -3.84
CA MET D 375 24.25 3.27 -5.25
C MET D 375 24.39 1.79 -5.54
N HIS D 376 25.47 1.17 -5.07
CA HIS D 376 25.65 -0.26 -5.32
C HIS D 376 24.56 -1.16 -4.72
N ASP D 377 24.29 -1.01 -3.43
CA ASP D 377 23.27 -1.82 -2.78
C ASP D 377 21.91 -1.71 -3.44
N THR D 378 21.41 -0.47 -3.53
CA THR D 378 20.10 -0.25 -4.11
C THR D 378 19.98 -0.73 -5.55
N LEU D 379 21.04 -0.60 -6.33
CA LEU D 379 21.06 -1.04 -7.74
C LEU D 379 21.08 -2.56 -7.77
N ASP D 380 21.85 -3.16 -6.86
CA ASP D 380 21.90 -4.61 -6.75
C ASP D 380 20.51 -5.12 -6.41
N TYR D 381 19.88 -4.43 -5.46
CA TYR D 381 18.53 -4.76 -5.03
C TYR D 381 17.56 -4.71 -6.19
N MET D 382 17.61 -3.60 -6.93
CA MET D 382 16.72 -3.41 -8.07
C MET D 382 16.98 -4.43 -9.19
N LYS D 383 18.20 -4.95 -9.28
CA LYS D 383 18.50 -5.91 -10.33
C LYS D 383 17.85 -7.25 -10.03
N LEU D 384 17.66 -7.53 -8.75
CA LEU D 384 17.05 -8.78 -8.31
C LEU D 384 15.61 -8.92 -8.77
N ASP D 385 15.23 -10.11 -9.18
CA ASP D 385 13.84 -10.34 -9.57
C ASP D 385 13.06 -10.13 -8.28
N PRO D 386 11.85 -9.58 -8.37
CA PRO D 386 11.07 -9.36 -7.15
C PRO D 386 11.00 -10.57 -6.22
N VAL D 387 10.98 -11.79 -6.78
CA VAL D 387 10.88 -12.99 -5.95
C VAL D 387 12.10 -13.30 -5.08
N TYR D 388 13.21 -12.59 -5.30
CA TYR D 388 14.41 -12.83 -4.51
C TYR D 388 14.68 -11.65 -3.60
N ARG D 389 13.83 -10.63 -3.70
CA ARG D 389 13.98 -9.40 -2.95
C ARG D 389 13.84 -9.55 -1.44
N GLN D 390 12.91 -10.39 -1.00
CA GLN D 390 12.66 -10.63 0.43
C GLN D 390 13.92 -11.06 1.16
N TYR D 391 14.86 -11.63 0.43
CA TYR D 391 16.10 -12.09 1.05
C TYR D 391 17.21 -11.03 1.05
N HIS D 392 16.93 -9.86 0.48
CA HIS D 392 17.94 -8.82 0.43
C HIS D 392 17.38 -7.48 0.86
N HIS D 393 16.45 -7.54 1.80
CA HIS D 393 15.77 -6.38 2.35
C HIS D 393 16.79 -5.35 2.87
N ASP D 394 17.96 -5.86 3.28
CA ASP D 394 19.00 -5.03 3.86
C ASP D 394 19.77 -4.14 2.88
N LYS D 395 19.66 -4.44 1.59
CA LYS D 395 20.34 -3.64 0.59
C LYS D 395 19.63 -2.29 0.55
N LEU D 396 18.44 -2.28 1.15
CA LEU D 396 17.63 -1.09 1.19
C LEU D 396 17.58 -0.39 2.54
N THR D 397 17.64 -1.17 3.62
CA THR D 397 17.58 -0.64 4.98
C THR D 397 18.93 -0.20 5.54
N PHE D 398 19.99 -0.82 5.04
CA PHE D 398 21.36 -0.51 5.48
C PHE D 398 21.81 0.95 5.31
N GLY D 399 21.34 1.62 4.26
CA GLY D 399 21.75 2.99 4.05
C GLY D 399 21.66 3.84 5.30
N ILE D 400 20.57 3.69 6.05
CA ILE D 400 20.39 4.47 7.27
C ILE D 400 21.46 4.27 8.32
N LEU D 401 21.95 3.05 8.46
CA LEU D 401 22.95 2.77 9.48
C LEU D 401 24.23 3.61 9.42
N TYR D 402 24.63 4.10 8.24
CA TYR D 402 25.84 4.92 8.15
C TYR D 402 25.56 6.30 7.56
N ASN D 403 24.28 6.60 7.36
CA ASN D 403 23.85 7.87 6.82
C ASN D 403 24.26 9.07 7.66
N TYR D 404 24.75 8.83 8.88
CA TYR D 404 25.13 9.93 9.74
C TYR D 404 26.64 10.11 9.89
N THR D 405 27.40 9.28 9.19
CA THR D 405 28.85 9.31 9.22
C THR D 405 29.41 10.24 8.14
N GLU D 406 28.59 10.57 7.16
CA GLU D 406 28.98 11.43 6.06
C GLU D 406 27.73 12.12 5.56
N ASN D 407 27.88 13.32 5.01
CA ASN D 407 26.74 14.05 4.44
C ASN D 407 26.75 13.64 2.97
N PHE D 408 25.89 12.68 2.64
CA PHE D 408 25.83 12.11 1.30
C PHE D 408 24.98 12.76 0.21
N VAL D 409 25.33 12.35 -1.00
CA VAL D 409 24.66 12.73 -2.22
C VAL D 409 24.37 11.33 -2.77
N LEU D 410 23.09 11.02 -3.03
CA LEU D 410 22.71 9.73 -3.59
C LEU D 410 22.95 9.89 -5.10
N PRO D 411 23.97 9.19 -5.65
CA PRO D 411 24.24 9.36 -7.08
C PRO D 411 23.97 8.25 -8.08
N LEU D 412 23.32 8.64 -9.16
CA LEU D 412 23.09 7.74 -10.30
C LEU D 412 23.85 8.53 -11.38
N SER D 413 25.16 8.28 -11.43
CA SER D 413 26.05 9.00 -12.34
C SER D 413 26.46 8.36 -13.66
N HIS D 414 27.28 9.13 -14.37
CA HIS D 414 27.78 8.74 -15.68
C HIS D 414 28.66 7.50 -15.64
N ASP D 415 29.22 7.21 -14.46
CA ASP D 415 30.10 6.05 -14.31
C ASP D 415 29.32 4.74 -14.20
N GLU D 416 28.01 4.82 -14.06
CA GLU D 416 27.23 3.60 -13.90
C GLU D 416 26.45 3.20 -15.14
N VAL D 417 26.47 4.04 -16.15
CA VAL D 417 25.76 3.76 -17.39
C VAL D 417 26.76 3.63 -18.53
N VAL D 418 27.89 3.02 -18.23
CA VAL D 418 28.95 2.84 -19.22
C VAL D 418 29.69 1.50 -19.08
N HIS D 419 30.58 1.23 -20.03
CA HIS D 419 31.40 0.02 -20.07
C HIS D 419 30.66 -1.29 -19.83
N GLY D 420 29.41 -1.38 -20.25
CA GLY D 420 28.68 -2.63 -20.06
C GLY D 420 27.79 -2.70 -18.84
N LYS D 421 27.78 -1.64 -18.04
CA LYS D 421 26.95 -1.61 -16.84
C LYS D 421 25.48 -1.44 -17.21
N LYS D 422 25.21 -1.22 -18.49
CA LYS D 422 23.85 -1.04 -18.97
C LYS D 422 23.27 0.27 -18.44
N SER D 423 22.05 0.59 -18.86
CA SER D 423 21.41 1.80 -18.38
C SER D 423 20.67 1.45 -17.09
N ILE D 424 20.27 2.45 -16.33
CA ILE D 424 19.56 2.13 -15.12
C ILE D 424 18.31 1.35 -15.52
N LEU D 425 17.72 1.71 -16.65
CA LEU D 425 16.50 1.05 -17.11
C LEU D 425 16.69 -0.43 -17.45
N ASP D 426 17.80 -0.75 -18.11
CA ASP D 426 18.07 -2.13 -18.51
C ASP D 426 18.36 -3.07 -17.36
N ARG D 427 18.69 -2.51 -16.20
CA ARG D 427 19.00 -3.31 -15.03
C ARG D 427 17.74 -3.89 -14.45
N MET D 428 16.60 -3.25 -14.74
CA MET D 428 15.33 -3.69 -14.17
C MET D 428 14.83 -5.04 -14.69
N PRO D 429 14.15 -5.80 -13.81
CA PRO D 429 13.59 -7.13 -14.13
C PRO D 429 12.14 -7.04 -14.57
N GLY D 430 11.61 -8.13 -15.11
CA GLY D 430 10.22 -8.15 -15.53
C GLY D 430 10.00 -7.72 -16.98
N ASP D 431 8.75 -7.48 -17.36
CA ASP D 431 8.49 -7.07 -18.73
C ASP D 431 8.52 -5.56 -18.88
N ALA D 432 8.47 -5.10 -20.12
CA ALA D 432 8.53 -3.68 -20.42
C ALA D 432 7.82 -2.80 -19.38
N TRP D 433 6.56 -3.10 -19.08
CA TRP D 433 5.82 -2.31 -18.10
C TRP D 433 6.52 -2.32 -16.75
N GLN D 434 6.80 -3.52 -16.25
CA GLN D 434 7.45 -3.69 -14.97
C GLN D 434 8.80 -3.04 -14.86
N LYS D 435 9.55 -3.03 -15.96
CA LYS D 435 10.88 -2.42 -15.99
C LYS D 435 10.76 -0.93 -15.69
N PHE D 436 9.78 -0.27 -16.29
CA PHE D 436 9.58 1.14 -16.06
C PHE D 436 8.97 1.37 -14.69
N ALA D 437 8.07 0.47 -14.31
CA ALA D 437 7.40 0.53 -13.01
C ALA D 437 8.50 0.59 -11.99
N ASN D 438 9.36 -0.43 -12.01
CA ASN D 438 10.49 -0.52 -11.08
C ASN D 438 11.31 0.77 -11.00
N LEU D 439 11.77 1.25 -12.15
CA LEU D 439 12.58 2.45 -12.22
C LEU D 439 11.90 3.61 -11.51
N ARG D 440 10.60 3.74 -11.69
CA ARG D 440 9.87 4.82 -11.05
C ARG D 440 9.88 4.64 -9.53
N ALA D 441 9.44 3.46 -9.07
CA ALA D 441 9.41 3.16 -7.64
C ALA D 441 10.77 3.45 -7.02
N TYR D 442 11.82 3.08 -7.73
CA TYR D 442 13.19 3.30 -7.28
C TYR D 442 13.46 4.81 -7.13
N TYR D 443 13.04 5.60 -8.11
CA TYR D 443 13.26 7.04 -8.03
C TYR D 443 12.51 7.64 -6.86
N GLY D 444 11.26 7.23 -6.70
CA GLY D 444 10.44 7.74 -5.60
C GLY D 444 11.07 7.45 -4.26
N TRP D 445 11.79 6.34 -4.19
CA TRP D 445 12.48 5.93 -2.98
C TRP D 445 13.77 6.74 -2.86
N MET D 446 14.40 7.01 -4.01
CA MET D 446 15.63 7.78 -4.05
C MET D 446 15.42 9.25 -3.62
N TRP D 447 14.35 9.87 -4.09
CA TRP D 447 14.05 11.26 -3.75
C TRP D 447 13.49 11.46 -2.33
N ALA D 448 13.23 10.36 -1.63
CA ALA D 448 12.72 10.41 -0.27
C ALA D 448 13.79 10.00 0.75
N PHE D 449 14.71 9.14 0.33
CA PHE D 449 15.77 8.65 1.20
C PHE D 449 16.77 9.75 1.58
N PRO D 450 17.26 9.72 2.82
CA PRO D 450 18.22 10.73 3.29
C PRO D 450 19.45 10.90 2.38
N GLY D 451 19.81 12.16 2.17
CA GLY D 451 20.93 12.53 1.33
C GLY D 451 20.41 13.36 0.18
N LYS D 452 21.30 14.13 -0.45
CA LYS D 452 20.91 14.96 -1.59
C LYS D 452 20.84 14.09 -2.87
N LYS D 453 20.30 14.63 -3.94
CA LYS D 453 20.17 13.84 -5.16
C LYS D 453 20.93 14.32 -6.38
N LEU D 454 21.47 13.35 -7.14
CA LEU D 454 22.20 13.60 -8.38
C LEU D 454 21.82 12.55 -9.42
N LEU D 455 21.40 12.99 -10.59
CA LEU D 455 21.00 12.09 -11.66
C LEU D 455 21.69 12.46 -12.98
N PHE D 456 22.40 11.51 -13.58
CA PHE D 456 23.10 11.77 -14.86
C PHE D 456 22.14 11.93 -16.04
N MET D 457 22.44 12.83 -16.96
CA MET D 457 21.58 13.04 -18.14
C MET D 457 21.25 11.68 -18.77
N GLY D 458 20.06 11.55 -19.33
CA GLY D 458 19.67 10.29 -19.93
C GLY D 458 18.89 9.43 -18.95
N ASN D 459 19.19 9.58 -17.67
CA ASN D 459 18.49 8.83 -16.63
C ASN D 459 17.06 9.36 -16.43
N GLU D 460 16.88 10.67 -16.60
CA GLU D 460 15.55 11.26 -16.39
C GLU D 460 14.47 10.81 -17.35
N PHE D 461 14.84 10.27 -18.50
CA PHE D 461 13.81 9.78 -19.43
C PHE D 461 13.99 8.30 -19.74
N ALA D 462 14.65 7.61 -18.81
CA ALA D 462 14.89 6.18 -18.91
C ALA D 462 15.48 5.80 -20.26
N GLN D 463 16.70 6.24 -20.51
CA GLN D 463 17.34 5.90 -21.77
C GLN D 463 17.73 4.43 -21.73
N GLY D 464 17.42 3.69 -22.79
CA GLY D 464 17.75 2.29 -22.81
C GLY D 464 19.21 1.97 -23.02
N ARG D 465 19.84 2.70 -23.92
CA ARG D 465 21.26 2.51 -24.22
C ARG D 465 22.20 3.14 -23.20
N GLU D 466 23.41 2.62 -23.13
CA GLU D 466 24.42 3.14 -22.23
C GLU D 466 24.75 4.55 -22.68
N TRP D 467 25.52 5.28 -21.88
CA TRP D 467 25.87 6.64 -22.24
C TRP D 467 27.05 6.66 -23.20
N ASN D 468 26.87 7.35 -24.33
CA ASN D 468 27.92 7.47 -25.33
C ASN D 468 28.34 8.93 -25.40
N HIS D 469 29.61 9.19 -25.09
CA HIS D 469 30.14 10.55 -25.10
C HIS D 469 30.34 11.09 -26.53
N ASP D 470 30.35 10.20 -27.52
CA ASP D 470 30.52 10.61 -28.92
C ASP D 470 29.23 10.80 -29.68
N ALA D 471 28.09 10.81 -28.99
CA ALA D 471 26.81 11.00 -29.67
C ALA D 471 25.93 11.79 -28.73
N SER D 472 24.74 12.19 -29.19
CA SER D 472 23.84 12.93 -28.31
C SER D 472 23.18 11.86 -27.44
N LEU D 473 22.20 12.25 -26.63
CA LEU D 473 21.56 11.31 -25.70
C LEU D 473 20.63 10.20 -26.16
N ASP D 474 19.69 10.49 -27.06
CA ASP D 474 18.71 9.50 -27.58
C ASP D 474 17.35 10.11 -27.34
N TRP D 475 17.25 11.42 -27.53
CA TRP D 475 16.00 12.11 -27.34
C TRP D 475 14.99 11.65 -28.39
N HIS D 476 15.43 10.78 -29.31
CA HIS D 476 14.52 10.29 -30.33
C HIS D 476 13.43 9.43 -29.70
N LEU D 477 13.66 9.08 -28.43
CA LEU D 477 12.72 8.26 -27.67
C LEU D 477 11.50 9.08 -27.26
N LEU D 478 11.65 10.40 -27.24
CA LEU D 478 10.55 11.27 -26.82
C LEU D 478 9.76 11.87 -27.99
N GLU D 479 10.06 11.42 -29.19
CA GLU D 479 9.34 11.90 -30.35
C GLU D 479 8.07 11.07 -30.56
N GLY D 480 7.04 11.71 -31.11
CA GLY D 480 5.79 11.03 -31.38
C GLY D 480 5.16 10.15 -30.31
N GLY D 481 3.87 10.33 -30.10
CA GLY D 481 3.12 9.53 -29.15
C GLY D 481 3.69 9.40 -27.74
N ASP D 482 2.96 9.95 -26.78
CA ASP D 482 3.36 9.91 -25.38
C ASP D 482 3.67 8.47 -24.99
N ASN D 483 4.84 8.23 -24.39
CA ASN D 483 5.20 6.87 -23.99
C ASN D 483 5.83 6.78 -22.60
N TRP D 484 6.34 5.60 -22.27
CA TRP D 484 6.97 5.36 -20.98
C TRP D 484 8.12 6.30 -20.67
N HIS D 485 8.91 6.65 -21.68
CA HIS D 485 10.04 7.55 -21.46
C HIS D 485 9.51 8.91 -21.05
N HIS D 486 8.38 9.31 -21.63
CA HIS D 486 7.77 10.59 -21.28
C HIS D 486 7.31 10.46 -19.82
N GLY D 487 6.68 9.33 -19.52
CA GLY D 487 6.19 9.08 -18.18
C GLY D 487 7.24 9.30 -17.11
N VAL D 488 8.40 8.68 -17.32
CA VAL D 488 9.52 8.78 -16.40
C VAL D 488 10.08 10.20 -16.28
N GLN D 489 10.07 10.94 -17.39
CA GLN D 489 10.59 12.30 -17.39
C GLN D 489 9.67 13.21 -16.59
N ARG D 490 8.38 12.92 -16.68
CA ARG D 490 7.36 13.68 -15.96
C ARG D 490 7.53 13.43 -14.46
N LEU D 491 7.86 12.18 -14.08
CA LEU D 491 8.06 11.82 -12.70
C LEU D 491 9.30 12.47 -12.10
N VAL D 492 10.38 12.56 -12.86
CA VAL D 492 11.58 13.19 -12.29
C VAL D 492 11.30 14.65 -11.97
N ARG D 493 10.48 15.31 -12.81
CA ARG D 493 10.15 16.70 -12.58
C ARG D 493 9.26 16.83 -11.35
N ASP D 494 8.18 16.05 -11.32
CA ASP D 494 7.24 16.05 -10.21
C ASP D 494 7.96 15.66 -8.92
N LEU D 495 8.99 14.84 -9.06
CA LEU D 495 9.78 14.36 -7.95
C LEU D 495 10.68 15.50 -7.45
N ASN D 496 11.22 16.28 -8.36
CA ASN D 496 12.11 17.37 -7.98
C ASN D 496 11.33 18.49 -7.33
N LEU D 497 10.14 18.74 -7.86
CA LEU D 497 9.29 19.81 -7.39
C LEU D 497 8.63 19.53 -6.04
N THR D 498 8.32 18.26 -5.80
CA THR D 498 7.69 17.85 -4.56
C THR D 498 8.76 17.80 -3.50
N TYR D 499 9.91 17.23 -3.85
CA TYR D 499 11.03 17.14 -2.91
C TYR D 499 11.36 18.57 -2.46
N ARG D 500 11.34 19.51 -3.39
CA ARG D 500 11.56 20.90 -3.05
C ARG D 500 10.14 21.21 -2.58
N HIS D 501 9.95 22.29 -1.85
CA HIS D 501 8.62 22.63 -1.37
C HIS D 501 8.30 22.01 -0.03
N HIS D 502 8.19 20.69 0.03
CA HIS D 502 7.89 20.01 1.28
C HIS D 502 9.16 19.86 2.10
N LYS D 503 9.31 20.69 3.13
CA LYS D 503 10.48 20.70 4.00
C LYS D 503 10.94 19.38 4.58
N ALA D 504 10.00 18.51 4.91
CA ALA D 504 10.34 17.23 5.52
C ALA D 504 11.25 16.36 4.64
N MET D 505 11.18 16.59 3.33
CA MET D 505 11.96 15.84 2.36
C MET D 505 13.43 16.23 2.21
N HIS D 506 13.83 17.38 2.76
CA HIS D 506 15.21 17.79 2.60
C HIS D 506 15.78 18.64 3.73
N GLU D 507 14.94 18.99 4.70
CA GLU D 507 15.38 19.84 5.80
C GLU D 507 16.33 19.23 6.80
N LEU D 508 16.20 17.93 7.08
CA LEU D 508 17.08 17.26 8.06
C LEU D 508 17.61 15.87 7.63
N ASP D 509 18.30 15.79 6.50
CA ASP D 509 18.85 14.51 6.02
C ASP D 509 19.95 13.97 6.93
N PHE D 510 20.64 14.89 7.60
CA PHE D 510 21.76 14.54 8.43
C PHE D 510 21.48 14.55 9.94
N ASP D 511 20.20 14.72 10.28
CA ASP D 511 19.78 14.72 11.68
C ASP D 511 18.80 13.54 11.82
N PRO D 512 19.18 12.52 12.61
CA PRO D 512 18.32 11.35 12.80
C PRO D 512 16.84 11.69 13.04
N TYR D 513 16.59 12.87 13.60
CA TYR D 513 15.25 13.35 13.86
C TYR D 513 14.46 13.52 12.54
N GLY D 514 15.19 13.57 11.43
CA GLY D 514 14.52 13.78 10.16
C GLY D 514 14.01 12.50 9.51
N PHE D 515 14.42 11.36 10.05
CA PHE D 515 14.03 10.07 9.52
C PHE D 515 13.71 9.04 10.61
N GLU D 516 12.65 8.28 10.40
CA GLU D 516 12.25 7.23 11.33
C GLU D 516 11.53 6.14 10.56
N TRP D 517 11.96 4.90 10.75
CA TRP D 517 11.32 3.77 10.09
C TRP D 517 9.91 3.55 10.68
N LEU D 518 8.94 3.22 9.84
CA LEU D 518 7.58 2.92 10.32
C LEU D 518 7.39 1.40 10.16
N VAL D 519 7.93 0.86 9.09
CA VAL D 519 7.87 -0.57 8.79
C VAL D 519 9.18 -0.90 8.11
N VAL D 520 10.14 -1.38 8.89
CA VAL D 520 11.45 -1.72 8.39
C VAL D 520 11.61 -3.21 8.24
N ASP D 521 10.57 -3.96 8.57
CA ASP D 521 10.67 -5.41 8.54
C ASP D 521 9.82 -6.28 7.63
N ASP D 522 9.01 -5.70 6.77
CA ASP D 522 8.20 -6.53 5.88
C ASP D 522 9.11 -7.07 4.76
N LYS D 523 10.00 -7.98 5.11
CA LYS D 523 10.90 -8.59 4.15
C LYS D 523 10.07 -9.42 3.16
N GLU D 524 9.19 -10.23 3.72
CA GLU D 524 8.30 -11.09 2.94
C GLU D 524 7.66 -10.38 1.76
N ARG D 525 7.07 -9.21 2.00
CA ARG D 525 6.40 -8.47 0.95
C ARG D 525 7.26 -7.36 0.34
N SER D 526 8.50 -7.22 0.81
CA SER D 526 9.38 -6.18 0.29
C SER D 526 8.69 -4.83 0.28
N VAL D 527 8.02 -4.51 1.38
CA VAL D 527 7.31 -3.24 1.54
C VAL D 527 8.01 -2.47 2.66
N LEU D 528 8.54 -1.31 2.35
CA LEU D 528 9.23 -0.50 3.36
C LEU D 528 8.55 0.85 3.49
N ILE D 529 8.25 1.23 4.73
CA ILE D 529 7.59 2.49 4.98
C ILE D 529 8.34 3.28 6.03
N PHE D 530 8.55 4.56 5.75
CA PHE D 530 9.24 5.44 6.69
C PHE D 530 8.69 6.85 6.55
N VAL D 531 9.19 7.73 7.41
CA VAL D 531 8.71 9.10 7.42
C VAL D 531 9.90 10.06 7.37
N ARG D 532 9.67 11.25 6.80
CA ARG D 532 10.68 12.31 6.75
C ARG D 532 10.06 13.42 7.57
N ARG D 533 10.86 13.97 8.48
CA ARG D 533 10.34 14.99 9.39
C ARG D 533 11.09 16.32 9.28
N ASP D 534 10.35 17.43 9.22
CA ASP D 534 11.00 18.73 9.14
C ASP D 534 11.26 19.24 10.57
N LYS D 535 11.98 20.36 10.68
CA LYS D 535 12.31 20.97 11.98
C LYS D 535 11.07 21.19 12.86
N GLU D 536 10.00 21.68 12.26
CA GLU D 536 8.78 21.96 12.98
C GLU D 536 8.12 20.70 13.55
N GLY D 537 8.42 19.55 12.97
CA GLY D 537 7.84 18.32 13.44
C GLY D 537 6.90 17.64 12.48
N ASN D 538 6.61 18.27 11.34
CA ASN D 538 5.72 17.68 10.34
C ASN D 538 6.39 16.51 9.66
N GLU D 539 5.64 15.43 9.49
CA GLU D 539 6.14 14.23 8.86
C GLU D 539 5.35 13.94 7.61
N ILE D 540 6.00 13.30 6.64
CA ILE D 540 5.29 12.89 5.43
C ILE D 540 5.63 11.41 5.34
N ILE D 541 4.63 10.59 5.08
CA ILE D 541 4.83 9.15 5.04
C ILE D 541 5.30 8.72 3.66
N VAL D 542 6.33 7.89 3.62
CA VAL D 542 6.87 7.36 2.37
C VAL D 542 6.77 5.85 2.42
N ALA D 543 6.02 5.27 1.48
CA ALA D 543 5.85 3.82 1.43
C ALA D 543 6.15 3.25 0.03
N SER D 544 7.05 2.28 -0.02
CA SER D 544 7.42 1.65 -1.28
C SER D 544 7.04 0.18 -1.27
N ASN D 545 6.53 -0.29 -2.40
CA ASN D 545 6.14 -1.68 -2.59
C ASN D 545 7.03 -2.17 -3.73
N PHE D 546 7.98 -3.05 -3.43
CA PHE D 546 8.88 -3.53 -4.45
C PHE D 546 8.57 -4.88 -5.07
N THR D 547 7.29 -5.15 -5.29
CA THR D 547 6.88 -6.37 -5.96
C THR D 547 5.63 -5.95 -6.71
N PRO D 548 5.23 -6.73 -7.72
CA PRO D 548 4.04 -6.42 -8.51
C PRO D 548 2.69 -6.66 -7.80
N VAL D 549 2.74 -7.17 -6.57
CA VAL D 549 1.52 -7.45 -5.81
C VAL D 549 0.89 -6.20 -5.20
N PRO D 550 -0.29 -5.80 -5.67
CA PRO D 550 -0.93 -4.60 -5.09
C PRO D 550 -1.39 -4.92 -3.66
N ARG D 551 -1.01 -4.07 -2.71
CA ARG D 551 -1.39 -4.29 -1.32
C ARG D 551 -2.60 -3.49 -0.92
N HIS D 552 -3.60 -4.20 -0.40
CA HIS D 552 -4.84 -3.59 0.05
C HIS D 552 -4.97 -3.74 1.57
N ASP D 553 -5.61 -2.78 2.21
CA ASP D 553 -5.78 -2.84 3.66
C ASP D 553 -4.46 -3.07 4.37
N TYR D 554 -3.39 -2.47 3.85
CA TYR D 554 -2.07 -2.63 4.46
C TYR D 554 -1.96 -1.63 5.61
N ARG D 555 -2.09 -2.15 6.84
CA ARG D 555 -2.05 -1.31 8.03
C ARG D 555 -0.69 -1.24 8.69
N PHE D 556 -0.31 -0.03 9.08
CA PHE D 556 0.96 0.21 9.74
C PHE D 556 0.75 1.38 10.70
N GLY D 557 1.55 1.43 11.76
CA GLY D 557 1.40 2.51 12.72
C GLY D 557 2.03 3.80 12.25
N ILE D 558 1.40 4.92 12.60
CA ILE D 558 1.90 6.25 12.26
C ILE D 558 2.09 7.02 13.56
N ASN D 559 2.59 8.25 13.49
CA ASN D 559 2.81 9.04 14.69
C ASN D 559 1.79 10.15 14.88
N GLN D 560 1.31 10.74 13.80
CA GLN D 560 0.36 11.83 13.90
C GLN D 560 -0.95 11.50 13.22
N PRO D 561 -2.00 11.26 14.01
CA PRO D 561 -3.31 10.93 13.45
C PRO D 561 -3.89 12.11 12.69
N GLY D 562 -4.88 11.82 11.83
CA GLY D 562 -5.51 12.87 11.06
C GLY D 562 -5.85 12.39 9.67
N LYS D 563 -5.87 13.33 8.73
CA LYS D 563 -6.18 13.05 7.33
C LYS D 563 -4.93 13.10 6.44
N TRP D 564 -4.60 11.98 5.80
CA TRP D 564 -3.44 11.95 4.91
C TRP D 564 -3.84 11.80 3.45
N ARG D 565 -3.09 12.48 2.58
CA ARG D 565 -3.34 12.44 1.15
C ARG D 565 -2.00 12.25 0.40
N GLU D 566 -2.05 11.51 -0.71
CA GLU D 566 -0.85 11.27 -1.52
C GLU D 566 -0.41 12.56 -2.23
N ILE D 567 0.87 12.88 -2.12
CA ILE D 567 1.41 14.06 -2.78
C ILE D 567 2.34 13.55 -3.91
N LEU D 568 2.59 12.25 -3.89
CA LEU D 568 3.43 11.60 -4.89
C LEU D 568 3.07 10.11 -5.02
N ASN D 569 2.85 9.64 -6.24
CA ASN D 569 2.50 8.24 -6.49
C ASN D 569 3.03 7.83 -7.87
N THR D 570 4.13 7.08 -7.87
CA THR D 570 4.73 6.64 -9.15
C THR D 570 3.88 5.68 -10.00
N ASP D 571 2.75 5.20 -9.46
CA ASP D 571 1.86 4.30 -10.20
C ASP D 571 0.74 5.12 -10.83
N SER D 572 0.84 6.44 -10.67
CA SER D 572 -0.14 7.34 -11.22
C SER D 572 -0.34 6.98 -12.70
N MET D 573 -1.50 7.34 -13.25
CA MET D 573 -1.83 7.09 -14.64
C MET D 573 -0.84 7.95 -15.39
N HIS D 574 -0.50 9.08 -14.76
CA HIS D 574 0.51 9.99 -15.24
C HIS D 574 1.68 8.99 -15.23
N TYR D 575 2.82 9.27 -15.83
CA TYR D 575 3.93 8.30 -15.78
C TYR D 575 3.61 6.95 -16.42
N HIS D 576 2.34 6.70 -16.75
CA HIS D 576 1.93 5.44 -17.36
C HIS D 576 1.97 4.25 -16.41
N GLY D 577 1.36 4.42 -15.24
CA GLY D 577 1.30 3.35 -14.27
C GLY D 577 -0.07 2.72 -14.35
N SER D 578 -0.43 1.87 -13.38
CA SER D 578 -1.74 1.21 -13.36
C SER D 578 -2.78 2.13 -12.79
N ASN D 579 -2.32 3.21 -12.17
CA ASN D 579 -3.18 4.20 -11.56
C ASN D 579 -3.83 3.66 -10.28
N ALA D 580 -3.11 2.80 -9.57
CA ALA D 580 -3.61 2.24 -8.31
C ALA D 580 -3.22 3.23 -7.21
N GLY D 581 -3.88 3.14 -6.05
CA GLY D 581 -3.53 4.06 -4.98
C GLY D 581 -4.72 4.45 -4.14
N ASN D 582 -4.53 5.45 -3.28
CA ASN D 582 -5.60 5.91 -2.41
C ASN D 582 -6.21 7.19 -2.97
N GLY D 583 -7.36 7.05 -3.61
CA GLY D 583 -8.02 8.21 -4.18
C GLY D 583 -8.70 9.09 -3.15
N GLY D 584 -8.11 10.24 -2.88
CA GLY D 584 -8.70 11.15 -1.91
C GLY D 584 -8.10 10.94 -0.52
N THR D 585 -8.46 11.80 0.41
CA THR D 585 -7.94 11.72 1.76
C THR D 585 -8.22 10.42 2.48
N VAL D 586 -7.26 9.99 3.29
CA VAL D 586 -7.39 8.77 4.10
C VAL D 586 -7.21 9.20 5.56
N HIS D 587 -8.12 8.79 6.45
CA HIS D 587 -8.00 9.18 7.85
C HIS D 587 -7.39 8.08 8.68
N SER D 588 -6.53 8.44 9.62
CA SER D 588 -5.92 7.43 10.46
C SER D 588 -7.02 6.74 11.30
N ASP D 589 -6.64 5.67 11.98
CA ASP D 589 -7.54 4.90 12.83
C ASP D 589 -6.85 4.68 14.15
N GLU D 590 -7.56 4.86 15.26
CA GLU D 590 -6.89 4.63 16.52
C GLU D 590 -6.84 3.14 16.77
N ILE D 591 -6.16 2.44 15.86
CA ILE D 591 -5.97 1.00 15.98
C ILE D 591 -4.49 0.75 16.04
N ALA D 592 -4.02 0.23 17.17
CA ALA D 592 -2.60 -0.04 17.40
C ALA D 592 -1.94 -0.87 16.33
N SER D 593 -0.74 -0.44 15.94
CA SER D 593 0.01 -1.17 14.94
C SER D 593 1.49 -0.84 15.04
N HIS D 594 2.32 -1.86 14.96
CA HIS D 594 3.77 -1.68 15.02
C HIS D 594 4.17 -0.93 16.28
N GLY D 595 3.53 -1.27 17.39
CA GLY D 595 3.84 -0.65 18.68
C GLY D 595 3.53 0.83 18.75
N ARG D 596 2.59 1.29 17.94
CA ARG D 596 2.19 2.70 17.93
C ARG D 596 0.69 2.81 18.08
N GLN D 597 0.24 3.84 18.77
CA GLN D 597 -1.20 4.09 18.92
C GLN D 597 -1.53 4.73 17.56
N HIS D 598 -2.66 4.42 16.95
CA HIS D 598 -2.98 5.01 15.64
C HIS D 598 -2.15 4.40 14.51
N SER D 599 -2.82 4.08 13.41
CA SER D 599 -2.18 3.48 12.26
C SER D 599 -2.90 4.01 11.03
N LEU D 600 -2.44 3.62 9.84
CA LEU D 600 -3.09 4.10 8.65
C LEU D 600 -3.85 3.09 7.79
N SER D 601 -3.19 2.05 7.29
CA SER D 601 -3.93 1.09 6.47
C SER D 601 -4.36 1.68 5.12
N LEU D 602 -3.63 1.36 4.06
CA LEU D 602 -3.99 1.87 2.75
C LEU D 602 -3.55 0.97 1.61
N THR D 603 -3.82 1.43 0.39
CA THR D 603 -3.45 0.67 -0.78
C THR D 603 -2.05 1.08 -1.19
N LEU D 604 -1.22 0.08 -1.47
CA LEU D 604 0.15 0.28 -1.91
C LEU D 604 0.24 -0.27 -3.31
N PRO D 605 0.33 0.61 -4.33
CA PRO D 605 0.42 0.18 -5.73
C PRO D 605 1.60 -0.77 -5.99
N PRO D 606 1.47 -1.67 -6.98
CA PRO D 606 2.53 -2.62 -7.30
C PRO D 606 3.74 -1.91 -7.91
N LEU D 607 4.95 -2.37 -7.56
CA LEU D 607 6.20 -1.81 -8.08
C LEU D 607 6.17 -0.29 -8.12
N ALA D 608 5.61 0.29 -7.07
CA ALA D 608 5.48 1.73 -6.99
C ALA D 608 5.98 2.28 -5.67
N THR D 609 5.94 3.59 -5.55
CA THR D 609 6.36 4.24 -4.33
C THR D 609 5.45 5.47 -4.22
N ILE D 610 4.96 5.73 -3.00
CA ILE D 610 4.07 6.86 -2.76
C ILE D 610 4.49 7.71 -1.57
N TRP D 611 4.08 8.97 -1.59
CA TRP D 611 4.38 9.91 -0.52
C TRP D 611 3.05 10.49 -0.02
N LEU D 612 2.92 10.59 1.30
CA LEU D 612 1.70 11.10 1.94
C LEU D 612 1.94 12.30 2.85
N VAL D 613 1.08 13.31 2.70
CA VAL D 613 1.18 14.50 3.53
C VAL D 613 -0.06 14.55 4.44
N ARG D 614 0.08 15.20 5.60
CA ARG D 614 -1.03 15.33 6.54
C ARG D 614 -1.75 16.67 6.29
N GLU D 615 -3.07 16.63 6.10
CA GLU D 615 -3.82 17.85 5.87
C GLU D 615 -4.03 18.60 7.15
N ALA D 616 -4.32 19.89 7.04
CA ALA D 616 -4.56 20.72 8.21
C ALA D 616 -6.06 20.69 8.53
N GLU D 617 -6.38 20.49 9.81
CA GLU D 617 -7.77 20.43 10.26
C GLU D 617 -8.51 21.72 9.89
#